data_2D1H
# 
_entry.id   2D1H 
# 
_audit_conform.dict_name       mmcif_pdbx.dic 
_audit_conform.dict_version    5.397 
_audit_conform.dict_location   http://mmcif.pdb.org/dictionaries/ascii/mmcif_pdbx.dic 
# 
loop_
_database_2.database_id 
_database_2.database_code 
_database_2.pdbx_database_accession 
_database_2.pdbx_DOI 
PDB   2D1H         pdb_00002d1h 10.2210/pdb2d1h/pdb 
RCSB  RCSB024870   ?            ?                   
WWPDB D_1000024870 ?            ?                   
# 
loop_
_pdbx_audit_revision_history.ordinal 
_pdbx_audit_revision_history.data_content_type 
_pdbx_audit_revision_history.major_revision 
_pdbx_audit_revision_history.minor_revision 
_pdbx_audit_revision_history.revision_date 
1 'Structure model' 1 0 2006-09-05 
2 'Structure model' 1 1 2008-04-30 
3 'Structure model' 1 2 2011-07-13 
4 'Structure model' 1 3 2024-10-23 
# 
_pdbx_audit_revision_details.ordinal             1 
_pdbx_audit_revision_details.revision_ordinal    1 
_pdbx_audit_revision_details.data_content_type   'Structure model' 
_pdbx_audit_revision_details.provider            repository 
_pdbx_audit_revision_details.type                'Initial release' 
_pdbx_audit_revision_details.description         ? 
_pdbx_audit_revision_details.details             ? 
# 
loop_
_pdbx_audit_revision_group.ordinal 
_pdbx_audit_revision_group.revision_ordinal 
_pdbx_audit_revision_group.data_content_type 
_pdbx_audit_revision_group.group 
1 2 'Structure model' 'Version format compliance' 
2 3 'Structure model' 'Source and taxonomy'       
3 3 'Structure model' 'Version format compliance' 
4 4 'Structure model' 'Data collection'           
5 4 'Structure model' 'Database references'       
6 4 'Structure model' 'Derived calculations'      
7 4 'Structure model' 'Structure summary'         
# 
loop_
_pdbx_audit_revision_category.ordinal 
_pdbx_audit_revision_category.revision_ordinal 
_pdbx_audit_revision_category.data_content_type 
_pdbx_audit_revision_category.category 
1 4 'Structure model' chem_comp_atom            
2 4 'Structure model' chem_comp_bond            
3 4 'Structure model' database_2                
4 4 'Structure model' pdbx_entry_details        
5 4 'Structure model' pdbx_modification_feature 
6 4 'Structure model' struct_conn               
7 4 'Structure model' struct_ref_seq_dif        
# 
loop_
_pdbx_audit_revision_item.ordinal 
_pdbx_audit_revision_item.revision_ordinal 
_pdbx_audit_revision_item.data_content_type 
_pdbx_audit_revision_item.item 
1 4 'Structure model' '_database_2.pdbx_DOI'                
2 4 'Structure model' '_database_2.pdbx_database_accession' 
3 4 'Structure model' '_struct_conn.pdbx_leaving_atom_flag' 
4 4 'Structure model' '_struct_ref_seq_dif.details'         
# 
_pdbx_database_status.status_code                     REL 
_pdbx_database_status.entry_id                        2D1H 
_pdbx_database_status.recvd_initial_deposition_date   2005-08-22 
_pdbx_database_status.deposit_site                    PDBJ 
_pdbx_database_status.process_site                    PDBJ 
_pdbx_database_status.status_code_sf                  REL 
_pdbx_database_status.status_code_mr                  ? 
_pdbx_database_status.SG_entry                        Y 
_pdbx_database_status.status_code_cs                  ? 
_pdbx_database_status.pdb_format_compatible           Y 
_pdbx_database_status.status_code_nmr_data            ? 
_pdbx_database_status.methods_development_category    ? 
# 
_pdbx_database_related.db_name        TargetDB 
_pdbx_database_related.db_id          sto001001889.1 
_pdbx_database_related.details        . 
_pdbx_database_related.content_type   unspecified 
# 
loop_
_audit_author.name 
_audit_author.pdbx_ordinal 
'Shinkai, A.'                                            1 
'Sekine, S.'                                             2 
'Terada, T.'                                             3 
'Shirouzu, M.'                                           4 
'Yokoyama, S.'                                           5 
'RIKEN Structural Genomics/Proteomics Initiative (RSGI)' 6 
# 
_citation.id                        primary 
_citation.title                     
;The putative DNA-binding protein Sto12a from the thermoacidophilic archaeon Sulfolobus tokodaii contains intrachain and interchain disulfide bonds.
;
_citation.journal_abbrev            J.Mol.Biol. 
_citation.journal_volume            372 
_citation.page_first                1293 
_citation.page_last                 1304 
_citation.year                      2007 
_citation.journal_id_ASTM           JMOBAK 
_citation.country                   UK 
_citation.journal_id_ISSN           0022-2836 
_citation.journal_id_CSD            0070 
_citation.book_publisher            ? 
_citation.pdbx_database_id_PubMed   17720190 
_citation.pdbx_database_id_DOI      10.1016/j.jmb.2007.07.051 
# 
loop_
_citation_author.citation_id 
_citation_author.name 
_citation_author.ordinal 
_citation_author.identifier_ORCID 
primary 'Shinkai, A.'    1 ? 
primary 'Sekine, S.'     2 ? 
primary 'Urushibata, A.' 3 ? 
primary 'Terada, T.'     4 ? 
primary 'Shirouzu, M.'   5 ? 
primary 'Yokoyama, S.'   6 ? 
# 
loop_
_entity.id 
_entity.type 
_entity.src_method 
_entity.pdbx_description 
_entity.formula_weight 
_entity.pdbx_number_of_molecules 
_entity.pdbx_ec 
_entity.pdbx_mutation 
_entity.pdbx_fragment 
_entity.details 
1 polymer man '109aa long hypothetical transcriptional regulator' 12739.480 2  ? ? ? ? 
2 water   nat water                                               18.015    90 ? ? ? ? 
# 
_entity_name_com.entity_id   1 
_entity_name_com.name        ST1889 
# 
_entity_poly.entity_id                      1 
_entity_poly.type                           'polypeptide(L)' 
_entity_poly.nstd_linkage                   no 
_entity_poly.nstd_monomer                   yes 
_entity_poly.pdbx_seq_one_letter_code       
;(MSE)(MSE)KEKLESKKDEIRCCYKITDTDVAVLLK(MSE)VEIEKPITSEELADIFKLSKTTVENSLKKLIELGLVVR
TKTEGKKIGRPKYYYSISSNILEKIRNDLLNCAKR(MSE)ELAAT
;
_entity_poly.pdbx_seq_one_letter_code_can   
;MMKEKLESKKDEIRCCYKITDTDVAVLLKMVEIEKPITSEELADIFKLSKTTVENSLKKLIELGLVVRTKTEGKKIGRPK
YYYSISSNILEKIRNDLLNCAKRMELAAT
;
_entity_poly.pdbx_strand_id                 A,B 
_entity_poly.pdbx_target_identifier         sto001001889.1 
# 
_pdbx_entity_nonpoly.entity_id   2 
_pdbx_entity_nonpoly.name        water 
_pdbx_entity_nonpoly.comp_id     HOH 
# 
loop_
_entity_poly_seq.entity_id 
_entity_poly_seq.num 
_entity_poly_seq.mon_id 
_entity_poly_seq.hetero 
1 1   MSE n 
1 2   MSE n 
1 3   LYS n 
1 4   GLU n 
1 5   LYS n 
1 6   LEU n 
1 7   GLU n 
1 8   SER n 
1 9   LYS n 
1 10  LYS n 
1 11  ASP n 
1 12  GLU n 
1 13  ILE n 
1 14  ARG n 
1 15  CYS n 
1 16  CYS n 
1 17  TYR n 
1 18  LYS n 
1 19  ILE n 
1 20  THR n 
1 21  ASP n 
1 22  THR n 
1 23  ASP n 
1 24  VAL n 
1 25  ALA n 
1 26  VAL n 
1 27  LEU n 
1 28  LEU n 
1 29  LYS n 
1 30  MSE n 
1 31  VAL n 
1 32  GLU n 
1 33  ILE n 
1 34  GLU n 
1 35  LYS n 
1 36  PRO n 
1 37  ILE n 
1 38  THR n 
1 39  SER n 
1 40  GLU n 
1 41  GLU n 
1 42  LEU n 
1 43  ALA n 
1 44  ASP n 
1 45  ILE n 
1 46  PHE n 
1 47  LYS n 
1 48  LEU n 
1 49  SER n 
1 50  LYS n 
1 51  THR n 
1 52  THR n 
1 53  VAL n 
1 54  GLU n 
1 55  ASN n 
1 56  SER n 
1 57  LEU n 
1 58  LYS n 
1 59  LYS n 
1 60  LEU n 
1 61  ILE n 
1 62  GLU n 
1 63  LEU n 
1 64  GLY n 
1 65  LEU n 
1 66  VAL n 
1 67  VAL n 
1 68  ARG n 
1 69  THR n 
1 70  LYS n 
1 71  THR n 
1 72  GLU n 
1 73  GLY n 
1 74  LYS n 
1 75  LYS n 
1 76  ILE n 
1 77  GLY n 
1 78  ARG n 
1 79  PRO n 
1 80  LYS n 
1 81  TYR n 
1 82  TYR n 
1 83  TYR n 
1 84  SER n 
1 85  ILE n 
1 86  SER n 
1 87  SER n 
1 88  ASN n 
1 89  ILE n 
1 90  LEU n 
1 91  GLU n 
1 92  LYS n 
1 93  ILE n 
1 94  ARG n 
1 95  ASN n 
1 96  ASP n 
1 97  LEU n 
1 98  LEU n 
1 99  ASN n 
1 100 CYS n 
1 101 ALA n 
1 102 LYS n 
1 103 ARG n 
1 104 MSE n 
1 105 GLU n 
1 106 LEU n 
1 107 ALA n 
1 108 ALA n 
1 109 THR n 
# 
_entity_src_gen.entity_id                          1 
_entity_src_gen.pdbx_src_id                        1 
_entity_src_gen.pdbx_alt_source_flag               sample 
_entity_src_gen.pdbx_seq_type                      ? 
_entity_src_gen.pdbx_beg_seq_num                   ? 
_entity_src_gen.pdbx_end_seq_num                   ? 
_entity_src_gen.gene_src_common_name               ? 
_entity_src_gen.gene_src_genus                     ? 
_entity_src_gen.pdbx_gene_src_gene                 ST1889 
_entity_src_gen.gene_src_species                   ? 
_entity_src_gen.gene_src_strain                    7 
_entity_src_gen.gene_src_tissue                    ? 
_entity_src_gen.gene_src_tissue_fraction           ? 
_entity_src_gen.gene_src_details                   ? 
_entity_src_gen.pdbx_gene_src_fragment             ? 
_entity_src_gen.pdbx_gene_src_scientific_name      'Sulfolobus tokodaii' 
_entity_src_gen.pdbx_gene_src_ncbi_taxonomy_id     273063 
_entity_src_gen.pdbx_gene_src_variant              ? 
_entity_src_gen.pdbx_gene_src_cell_line            ? 
_entity_src_gen.pdbx_gene_src_atcc                 ? 
_entity_src_gen.pdbx_gene_src_organ                ? 
_entity_src_gen.pdbx_gene_src_organelle            ? 
_entity_src_gen.pdbx_gene_src_cell                 ? 
_entity_src_gen.pdbx_gene_src_cellular_location    ? 
_entity_src_gen.host_org_common_name               ? 
_entity_src_gen.pdbx_host_org_scientific_name      'Escherichia coli' 
_entity_src_gen.pdbx_host_org_ncbi_taxonomy_id     562 
_entity_src_gen.host_org_genus                     ? 
_entity_src_gen.pdbx_host_org_gene                 ? 
_entity_src_gen.pdbx_host_org_organ                ? 
_entity_src_gen.host_org_species                   ? 
_entity_src_gen.pdbx_host_org_tissue               ? 
_entity_src_gen.pdbx_host_org_tissue_fraction      ? 
_entity_src_gen.pdbx_host_org_strain               'B834(DE3)' 
_entity_src_gen.pdbx_host_org_variant              ? 
_entity_src_gen.pdbx_host_org_cell_line            ? 
_entity_src_gen.pdbx_host_org_atcc                 ? 
_entity_src_gen.pdbx_host_org_culture_collection   ? 
_entity_src_gen.pdbx_host_org_cell                 ? 
_entity_src_gen.pdbx_host_org_organelle            ? 
_entity_src_gen.pdbx_host_org_cellular_location    ? 
_entity_src_gen.pdbx_host_org_vector_type          plasmid 
_entity_src_gen.pdbx_host_org_vector               ? 
_entity_src_gen.host_org_details                   ? 
_entity_src_gen.expression_system_id               ? 
_entity_src_gen.plasmid_name                       pET11a 
_entity_src_gen.plasmid_details                    ? 
_entity_src_gen.pdbx_description                   ? 
# 
loop_
_chem_comp.id 
_chem_comp.type 
_chem_comp.mon_nstd_flag 
_chem_comp.name 
_chem_comp.pdbx_synonyms 
_chem_comp.formula 
_chem_comp.formula_weight 
ALA 'L-peptide linking' y ALANINE          ? 'C3 H7 N O2'     89.093  
ARG 'L-peptide linking' y ARGININE         ? 'C6 H15 N4 O2 1' 175.209 
ASN 'L-peptide linking' y ASPARAGINE       ? 'C4 H8 N2 O3'    132.118 
ASP 'L-peptide linking' y 'ASPARTIC ACID'  ? 'C4 H7 N O4'     133.103 
CYS 'L-peptide linking' y CYSTEINE         ? 'C3 H7 N O2 S'   121.158 
GLU 'L-peptide linking' y 'GLUTAMIC ACID'  ? 'C5 H9 N O4'     147.129 
GLY 'peptide linking'   y GLYCINE          ? 'C2 H5 N O2'     75.067  
HOH non-polymer         . WATER            ? 'H2 O'           18.015  
ILE 'L-peptide linking' y ISOLEUCINE       ? 'C6 H13 N O2'    131.173 
LEU 'L-peptide linking' y LEUCINE          ? 'C6 H13 N O2'    131.173 
LYS 'L-peptide linking' y LYSINE           ? 'C6 H15 N2 O2 1' 147.195 
MET 'L-peptide linking' y METHIONINE       ? 'C5 H11 N O2 S'  149.211 
MSE 'L-peptide linking' n SELENOMETHIONINE ? 'C5 H11 N O2 Se' 196.106 
PHE 'L-peptide linking' y PHENYLALANINE    ? 'C9 H11 N O2'    165.189 
PRO 'L-peptide linking' y PROLINE          ? 'C5 H9 N O2'     115.130 
SER 'L-peptide linking' y SERINE           ? 'C3 H7 N O3'     105.093 
THR 'L-peptide linking' y THREONINE        ? 'C4 H9 N O3'     119.119 
TYR 'L-peptide linking' y TYROSINE         ? 'C9 H11 N O3'    181.189 
VAL 'L-peptide linking' y VALINE           ? 'C5 H11 N O2'    117.146 
# 
loop_
_pdbx_poly_seq_scheme.asym_id 
_pdbx_poly_seq_scheme.entity_id 
_pdbx_poly_seq_scheme.seq_id 
_pdbx_poly_seq_scheme.mon_id 
_pdbx_poly_seq_scheme.ndb_seq_num 
_pdbx_poly_seq_scheme.pdb_seq_num 
_pdbx_poly_seq_scheme.auth_seq_num 
_pdbx_poly_seq_scheme.pdb_mon_id 
_pdbx_poly_seq_scheme.auth_mon_id 
_pdbx_poly_seq_scheme.pdb_strand_id 
_pdbx_poly_seq_scheme.pdb_ins_code 
_pdbx_poly_seq_scheme.hetero 
A 1 1   MSE 1   1   1   MSE MSE A . n 
A 1 2   MSE 2   2   2   MSE MSE A . n 
A 1 3   LYS 3   3   3   LYS LYS A . n 
A 1 4   GLU 4   4   4   GLU GLU A . n 
A 1 5   LYS 5   5   5   LYS LYS A . n 
A 1 6   LEU 6   6   6   LEU LEU A . n 
A 1 7   GLU 7   7   7   GLU GLU A . n 
A 1 8   SER 8   8   8   SER SER A . n 
A 1 9   LYS 9   9   9   LYS LYS A . n 
A 1 10  LYS 10  10  10  LYS LYS A . n 
A 1 11  ASP 11  11  11  ASP ASP A . n 
A 1 12  GLU 12  12  12  GLU GLU A . n 
A 1 13  ILE 13  13  13  ILE ILE A . n 
A 1 14  ARG 14  14  14  ARG ARG A . n 
A 1 15  CYS 15  15  15  CYS CYS A . n 
A 1 16  CYS 16  16  16  CYS CYS A . n 
A 1 17  TYR 17  17  17  TYR TYR A . n 
A 1 18  LYS 18  18  18  LYS LYS A . n 
A 1 19  ILE 19  19  19  ILE ILE A . n 
A 1 20  THR 20  20  20  THR THR A . n 
A 1 21  ASP 21  21  21  ASP ASP A . n 
A 1 22  THR 22  22  22  THR THR A . n 
A 1 23  ASP 23  23  23  ASP ASP A . n 
A 1 24  VAL 24  24  24  VAL VAL A . n 
A 1 25  ALA 25  25  25  ALA ALA A . n 
A 1 26  VAL 26  26  26  VAL VAL A . n 
A 1 27  LEU 27  27  27  LEU LEU A . n 
A 1 28  LEU 28  28  28  LEU LEU A . n 
A 1 29  LYS 29  29  29  LYS LYS A . n 
A 1 30  MSE 30  30  30  MSE MSE A . n 
A 1 31  VAL 31  31  31  VAL VAL A . n 
A 1 32  GLU 32  32  32  GLU GLU A . n 
A 1 33  ILE 33  33  33  ILE ILE A . n 
A 1 34  GLU 34  34  34  GLU GLU A . n 
A 1 35  LYS 35  35  35  LYS LYS A . n 
A 1 36  PRO 36  36  36  PRO PRO A . n 
A 1 37  ILE 37  37  37  ILE ILE A . n 
A 1 38  THR 38  38  38  THR THR A . n 
A 1 39  SER 39  39  39  SER SER A . n 
A 1 40  GLU 40  40  40  GLU GLU A . n 
A 1 41  GLU 41  41  41  GLU GLU A . n 
A 1 42  LEU 42  42  42  LEU LEU A . n 
A 1 43  ALA 43  43  43  ALA ALA A . n 
A 1 44  ASP 44  44  44  ASP ASP A . n 
A 1 45  ILE 45  45  45  ILE ILE A . n 
A 1 46  PHE 46  46  46  PHE PHE A . n 
A 1 47  LYS 47  47  47  LYS LYS A . n 
A 1 48  LEU 48  48  48  LEU LEU A . n 
A 1 49  SER 49  49  49  SER SER A . n 
A 1 50  LYS 50  50  50  LYS LYS A . n 
A 1 51  THR 51  51  51  THR THR A . n 
A 1 52  THR 52  52  52  THR THR A . n 
A 1 53  VAL 53  53  53  VAL VAL A . n 
A 1 54  GLU 54  54  54  GLU GLU A . n 
A 1 55  ASN 55  55  55  ASN ASN A . n 
A 1 56  SER 56  56  56  SER SER A . n 
A 1 57  LEU 57  57  57  LEU LEU A . n 
A 1 58  LYS 58  58  58  LYS LYS A . n 
A 1 59  LYS 59  59  59  LYS LYS A . n 
A 1 60  LEU 60  60  60  LEU LEU A . n 
A 1 61  ILE 61  61  61  ILE ILE A . n 
A 1 62  GLU 62  62  62  GLU GLU A . n 
A 1 63  LEU 63  63  63  LEU LEU A . n 
A 1 64  GLY 64  64  64  GLY GLY A . n 
A 1 65  LEU 65  65  65  LEU LEU A . n 
A 1 66  VAL 66  66  66  VAL VAL A . n 
A 1 67  VAL 67  67  67  VAL VAL A . n 
A 1 68  ARG 68  68  68  ARG ARG A . n 
A 1 69  THR 69  69  69  THR THR A . n 
A 1 70  LYS 70  70  70  LYS LYS A . n 
A 1 71  THR 71  71  71  THR THR A . n 
A 1 72  GLU 72  72  ?   ?   ?   A . n 
A 1 73  GLY 73  73  ?   ?   ?   A . n 
A 1 74  LYS 74  74  ?   ?   ?   A . n 
A 1 75  LYS 75  75  ?   ?   ?   A . n 
A 1 76  ILE 76  76  ?   ?   ?   A . n 
A 1 77  GLY 77  77  ?   ?   ?   A . n 
A 1 78  ARG 78  78  ?   ?   ?   A . n 
A 1 79  PRO 79  79  79  PRO PRO A . n 
A 1 80  LYS 80  80  80  LYS LYS A . n 
A 1 81  TYR 81  81  81  TYR TYR A . n 
A 1 82  TYR 82  82  82  TYR TYR A . n 
A 1 83  TYR 83  83  83  TYR TYR A . n 
A 1 84  SER 84  84  84  SER SER A . n 
A 1 85  ILE 85  85  85  ILE ILE A . n 
A 1 86  SER 86  86  86  SER SER A . n 
A 1 87  SER 87  87  87  SER SER A . n 
A 1 88  ASN 88  88  88  ASN ASN A . n 
A 1 89  ILE 89  89  89  ILE ILE A . n 
A 1 90  LEU 90  90  90  LEU LEU A . n 
A 1 91  GLU 91  91  91  GLU GLU A . n 
A 1 92  LYS 92  92  92  LYS LYS A . n 
A 1 93  ILE 93  93  93  ILE ILE A . n 
A 1 94  ARG 94  94  94  ARG ARG A . n 
A 1 95  ASN 95  95  95  ASN ASN A . n 
A 1 96  ASP 96  96  96  ASP ASP A . n 
A 1 97  LEU 97  97  97  LEU LEU A . n 
A 1 98  LEU 98  98  98  LEU LEU A . n 
A 1 99  ASN 99  99  99  ASN ASN A . n 
A 1 100 CYS 100 100 100 CYS CYS A . n 
A 1 101 ALA 101 101 101 ALA ALA A . n 
A 1 102 LYS 102 102 102 LYS LYS A . n 
A 1 103 ARG 103 103 103 ARG ARG A . n 
A 1 104 MSE 104 104 104 MSE MSE A . n 
A 1 105 GLU 105 105 105 GLU GLU A . n 
A 1 106 LEU 106 106 106 LEU LEU A . n 
A 1 107 ALA 107 107 107 ALA ALA A . n 
A 1 108 ALA 108 108 108 ALA ALA A . n 
A 1 109 THR 109 109 109 THR THR A . n 
B 1 1   MSE 1   1   1   MSE MSE B . n 
B 1 2   MSE 2   2   ?   ?   ?   B . n 
B 1 3   LYS 3   3   ?   ?   ?   B . n 
B 1 4   GLU 4   4   ?   ?   ?   B . n 
B 1 5   LYS 5   5   5   LYS LYS B . n 
B 1 6   LEU 6   6   6   LEU LEU B . n 
B 1 7   GLU 7   7   7   GLU GLU B . n 
B 1 8   SER 8   8   8   SER SER B . n 
B 1 9   LYS 9   9   9   LYS LYS B . n 
B 1 10  LYS 10  10  10  LYS LYS B . n 
B 1 11  ASP 11  11  11  ASP ASP B . n 
B 1 12  GLU 12  12  12  GLU GLU B . n 
B 1 13  ILE 13  13  13  ILE ILE B . n 
B 1 14  ARG 14  14  14  ARG ARG B . n 
B 1 15  CYS 15  15  15  CYS CYS B . n 
B 1 16  CYS 16  16  16  CYS CYS B . n 
B 1 17  TYR 17  17  17  TYR TYR B . n 
B 1 18  LYS 18  18  18  LYS LYS B . n 
B 1 19  ILE 19  19  19  ILE ILE B . n 
B 1 20  THR 20  20  20  THR THR B . n 
B 1 21  ASP 21  21  21  ASP ASP B . n 
B 1 22  THR 22  22  22  THR THR B . n 
B 1 23  ASP 23  23  23  ASP ASP B . n 
B 1 24  VAL 24  24  24  VAL VAL B . n 
B 1 25  ALA 25  25  25  ALA ALA B . n 
B 1 26  VAL 26  26  26  VAL VAL B . n 
B 1 27  LEU 27  27  27  LEU LEU B . n 
B 1 28  LEU 28  28  28  LEU LEU B . n 
B 1 29  LYS 29  29  29  LYS LYS B . n 
B 1 30  MSE 30  30  30  MSE MSE B . n 
B 1 31  VAL 31  31  31  VAL VAL B . n 
B 1 32  GLU 32  32  32  GLU GLU B . n 
B 1 33  ILE 33  33  33  ILE ILE B . n 
B 1 34  GLU 34  34  34  GLU GLU B . n 
B 1 35  LYS 35  35  35  LYS LYS B . n 
B 1 36  PRO 36  36  36  PRO PRO B . n 
B 1 37  ILE 37  37  37  ILE ILE B . n 
B 1 38  THR 38  38  38  THR THR B . n 
B 1 39  SER 39  39  39  SER SER B . n 
B 1 40  GLU 40  40  40  GLU GLU B . n 
B 1 41  GLU 41  41  41  GLU GLU B . n 
B 1 42  LEU 42  42  42  LEU LEU B . n 
B 1 43  ALA 43  43  43  ALA ALA B . n 
B 1 44  ASP 44  44  44  ASP ASP B . n 
B 1 45  ILE 45  45  45  ILE ILE B . n 
B 1 46  PHE 46  46  46  PHE PHE B . n 
B 1 47  LYS 47  47  47  LYS LYS B . n 
B 1 48  LEU 48  48  48  LEU LEU B . n 
B 1 49  SER 49  49  49  SER SER B . n 
B 1 50  LYS 50  50  50  LYS LYS B . n 
B 1 51  THR 51  51  51  THR THR B . n 
B 1 52  THR 52  52  52  THR THR B . n 
B 1 53  VAL 53  53  53  VAL VAL B . n 
B 1 54  GLU 54  54  54  GLU GLU B . n 
B 1 55  ASN 55  55  55  ASN ASN B . n 
B 1 56  SER 56  56  56  SER SER B . n 
B 1 57  LEU 57  57  57  LEU LEU B . n 
B 1 58  LYS 58  58  58  LYS LYS B . n 
B 1 59  LYS 59  59  59  LYS LYS B . n 
B 1 60  LEU 60  60  60  LEU LEU B . n 
B 1 61  ILE 61  61  61  ILE ILE B . n 
B 1 62  GLU 62  62  62  GLU GLU B . n 
B 1 63  LEU 63  63  63  LEU LEU B . n 
B 1 64  GLY 64  64  64  GLY GLY B . n 
B 1 65  LEU 65  65  65  LEU LEU B . n 
B 1 66  VAL 66  66  66  VAL VAL B . n 
B 1 67  VAL 67  67  67  VAL VAL B . n 
B 1 68  ARG 68  68  68  ARG ARG B . n 
B 1 69  THR 69  69  69  THR THR B . n 
B 1 70  LYS 70  70  70  LYS LYS B . n 
B 1 71  THR 71  71  71  THR THR B . n 
B 1 72  GLU 72  72  ?   ?   ?   B . n 
B 1 73  GLY 73  73  ?   ?   ?   B . n 
B 1 74  LYS 74  74  ?   ?   ?   B . n 
B 1 75  LYS 75  75  ?   ?   ?   B . n 
B 1 76  ILE 76  76  ?   ?   ?   B . n 
B 1 77  GLY 77  77  ?   ?   ?   B . n 
B 1 78  ARG 78  78  ?   ?   ?   B . n 
B 1 79  PRO 79  79  79  PRO PRO B . n 
B 1 80  LYS 80  80  80  LYS LYS B . n 
B 1 81  TYR 81  81  81  TYR TYR B . n 
B 1 82  TYR 82  82  82  TYR TYR B . n 
B 1 83  TYR 83  83  83  TYR TYR B . n 
B 1 84  SER 84  84  84  SER SER B . n 
B 1 85  ILE 85  85  85  ILE ILE B . n 
B 1 86  SER 86  86  86  SER SER B . n 
B 1 87  SER 87  87  87  SER SER B . n 
B 1 88  ASN 88  88  88  ASN ASN B . n 
B 1 89  ILE 89  89  89  ILE ILE B . n 
B 1 90  LEU 90  90  90  LEU LEU B . n 
B 1 91  GLU 91  91  91  GLU GLU B . n 
B 1 92  LYS 92  92  92  LYS LYS B . n 
B 1 93  ILE 93  93  93  ILE ILE B . n 
B 1 94  ARG 94  94  94  ARG ARG B . n 
B 1 95  ASN 95  95  95  ASN ASN B . n 
B 1 96  ASP 96  96  96  ASP ASP B . n 
B 1 97  LEU 97  97  97  LEU LEU B . n 
B 1 98  LEU 98  98  98  LEU LEU B . n 
B 1 99  ASN 99  99  99  ASN ASN B . n 
B 1 100 CYS 100 100 100 CYS CYS B . n 
B 1 101 ALA 101 101 101 ALA ALA B . n 
B 1 102 LYS 102 102 102 LYS LYS B . n 
B 1 103 ARG 103 103 103 ARG ARG B . n 
B 1 104 MSE 104 104 104 MSE MSE B . n 
B 1 105 GLU 105 105 105 GLU GLU B . n 
B 1 106 LEU 106 106 106 LEU LEU B . n 
B 1 107 ALA 107 107 107 ALA ALA B . n 
B 1 108 ALA 108 108 108 ALA ALA B . n 
B 1 109 THR 109 109 109 THR THR B . n 
# 
loop_
_pdbx_nonpoly_scheme.asym_id 
_pdbx_nonpoly_scheme.entity_id 
_pdbx_nonpoly_scheme.mon_id 
_pdbx_nonpoly_scheme.ndb_seq_num 
_pdbx_nonpoly_scheme.pdb_seq_num 
_pdbx_nonpoly_scheme.auth_seq_num 
_pdbx_nonpoly_scheme.pdb_mon_id 
_pdbx_nonpoly_scheme.auth_mon_id 
_pdbx_nonpoly_scheme.pdb_strand_id 
_pdbx_nonpoly_scheme.pdb_ins_code 
C 2 HOH 1  1001 1001 HOH TIP A . 
C 2 HOH 2  1003 1003 HOH TIP A . 
C 2 HOH 3  1004 1004 HOH TIP A . 
C 2 HOH 4  1005 1005 HOH TIP A . 
C 2 HOH 5  1006 1006 HOH TIP A . 
C 2 HOH 6  1007 1007 HOH TIP A . 
C 2 HOH 7  1009 1009 HOH TIP A . 
C 2 HOH 8  1011 1011 HOH TIP A . 
C 2 HOH 9  1012 1012 HOH TIP A . 
C 2 HOH 10 1013 1013 HOH TIP A . 
C 2 HOH 11 1014 1014 HOH TIP A . 
C 2 HOH 12 1015 1015 HOH TIP A . 
C 2 HOH 13 1017 1017 HOH TIP A . 
C 2 HOH 14 1018 1018 HOH TIP A . 
C 2 HOH 15 1020 1020 HOH TIP A . 
C 2 HOH 16 1022 1022 HOH TIP A . 
C 2 HOH 17 1023 1023 HOH TIP A . 
C 2 HOH 18 1025 1025 HOH TIP A . 
C 2 HOH 19 1026 1026 HOH TIP A . 
C 2 HOH 20 1028 1028 HOH TIP A . 
C 2 HOH 21 1029 1029 HOH TIP A . 
C 2 HOH 22 1030 1030 HOH TIP A . 
C 2 HOH 23 1031 1031 HOH TIP A . 
C 2 HOH 24 1032 1032 HOH TIP A . 
C 2 HOH 25 1033 1033 HOH TIP A . 
C 2 HOH 26 1034 1034 HOH TIP A . 
C 2 HOH 27 1036 1036 HOH TIP A . 
C 2 HOH 28 1037 1037 HOH TIP A . 
C 2 HOH 29 1038 1038 HOH TIP A . 
C 2 HOH 30 1039 1039 HOH TIP A . 
C 2 HOH 31 1040 1040 HOH TIP A . 
C 2 HOH 32 1041 1041 HOH TIP A . 
C 2 HOH 33 1042 1042 HOH TIP A . 
C 2 HOH 34 1043 1043 HOH TIP A . 
C 2 HOH 35 1044 1044 HOH TIP A . 
C 2 HOH 36 1045 1045 HOH TIP A . 
C 2 HOH 37 1046 1046 HOH TIP A . 
C 2 HOH 38 1047 1047 HOH TIP A . 
C 2 HOH 39 1048 1048 HOH TIP A . 
C 2 HOH 40 1049 1049 HOH TIP A . 
C 2 HOH 41 1052 1052 HOH TIP A . 
C 2 HOH 42 1053 1053 HOH TIP A . 
C 2 HOH 43 1054 1054 HOH TIP A . 
C 2 HOH 44 1055 1055 HOH TIP A . 
C 2 HOH 45 1056 1056 HOH TIP A . 
C 2 HOH 46 1057 1057 HOH TIP A . 
C 2 HOH 47 1059 1059 HOH TIP A . 
C 2 HOH 48 1061 1061 HOH TIP A . 
C 2 HOH 49 1064 1064 HOH TIP A . 
C 2 HOH 50 1065 1065 HOH TIP A . 
C 2 HOH 51 1067 1067 HOH TIP A . 
C 2 HOH 52 1068 1068 HOH TIP A . 
C 2 HOH 53 1069 1069 HOH TIP A . 
C 2 HOH 54 1081 1081 HOH TIP A . 
C 2 HOH 55 1082 1082 HOH TIP A . 
C 2 HOH 56 1083 1083 HOH TIP A . 
C 2 HOH 57 1084 1084 HOH TIP A . 
C 2 HOH 58 1085 1085 HOH TIP A . 
C 2 HOH 59 1086 1086 HOH TIP A . 
C 2 HOH 60 1087 1087 HOH TIP A . 
C 2 HOH 61 1088 1088 HOH TIP A . 
C 2 HOH 62 1089 1089 HOH TIP A . 
C 2 HOH 63 1091 1091 HOH TIP A . 
C 2 HOH 64 1102 1102 HOH TIP A . 
D 2 HOH 1  1010 1010 HOH TIP B . 
D 2 HOH 2  1016 1016 HOH TIP B . 
D 2 HOH 3  1019 1019 HOH TIP B . 
D 2 HOH 4  1021 1021 HOH TIP B . 
D 2 HOH 5  1024 1024 HOH TIP B . 
D 2 HOH 6  1027 1027 HOH TIP B . 
D 2 HOH 7  1035 1035 HOH TIP B . 
D 2 HOH 8  1058 1058 HOH TIP B . 
D 2 HOH 9  1060 1060 HOH TIP B . 
D 2 HOH 10 1070 1070 HOH TIP B . 
D 2 HOH 11 1071 1071 HOH TIP B . 
D 2 HOH 12 1072 1072 HOH TIP B . 
D 2 HOH 13 1074 1074 HOH TIP B . 
D 2 HOH 14 1075 1075 HOH TIP B . 
D 2 HOH 15 1077 1077 HOH TIP B . 
D 2 HOH 16 1078 1078 HOH TIP B . 
D 2 HOH 17 1080 1080 HOH TIP B . 
D 2 HOH 18 1093 1093 HOH TIP B . 
D 2 HOH 19 1094 1094 HOH TIP B . 
D 2 HOH 20 1095 1095 HOH TIP B . 
D 2 HOH 21 1096 1096 HOH TIP B . 
D 2 HOH 22 1097 1097 HOH TIP B . 
D 2 HOH 23 1098 1098 HOH TIP B . 
D 2 HOH 24 1099 1099 HOH TIP B . 
D 2 HOH 25 1100 1100 HOH TIP B . 
D 2 HOH 26 1101 1101 HOH TIP B . 
# 
loop_
_pdbx_unobs_or_zero_occ_atoms.id 
_pdbx_unobs_or_zero_occ_atoms.PDB_model_num 
_pdbx_unobs_or_zero_occ_atoms.polymer_flag 
_pdbx_unobs_or_zero_occ_atoms.occupancy_flag 
_pdbx_unobs_or_zero_occ_atoms.auth_asym_id 
_pdbx_unobs_or_zero_occ_atoms.auth_comp_id 
_pdbx_unobs_or_zero_occ_atoms.auth_seq_id 
_pdbx_unobs_or_zero_occ_atoms.PDB_ins_code 
_pdbx_unobs_or_zero_occ_atoms.auth_atom_id 
_pdbx_unobs_or_zero_occ_atoms.label_alt_id 
_pdbx_unobs_or_zero_occ_atoms.label_asym_id 
_pdbx_unobs_or_zero_occ_atoms.label_comp_id 
_pdbx_unobs_or_zero_occ_atoms.label_seq_id 
_pdbx_unobs_or_zero_occ_atoms.label_atom_id 
1 1 Y 0 B MSE 1 ? N  ? B MSE 1 N  
2 1 Y 0 B MSE 1 ? CA ? B MSE 1 CA 
3 1 Y 0 B MSE 1 ? C  ? B MSE 1 C  
4 1 Y 0 B MSE 1 ? O  ? B MSE 1 O  
5 1 Y 0 B MSE 1 ? CB ? B MSE 1 CB 
6 1 Y 0 B MSE 1 ? CG ? B MSE 1 CG 
7 1 Y 0 B MSE 1 ? CE ? B MSE 1 CE 
# 
loop_
_software.name 
_software.classification 
_software.version 
_software.citation_id 
_software.pdbx_ordinal 
CNS       refinement       1.1 ? 1 
HKL-2000  'data reduction' .   ? 2 
SCALEPACK 'data scaling'   .   ? 3 
SOLVE     phasing          .   ? 4 
# 
_cell.entry_id           2D1H 
_cell.length_a           33.294 
_cell.length_b           58.790 
_cell.length_c           117.476 
_cell.angle_alpha        90.00 
_cell.angle_beta         90.00 
_cell.angle_gamma        90.00 
_cell.Z_PDB              8 
_cell.pdbx_unique_axis   ? 
_cell.length_a_esd       ? 
_cell.length_b_esd       ? 
_cell.length_c_esd       ? 
_cell.angle_alpha_esd    ? 
_cell.angle_beta_esd     ? 
_cell.angle_gamma_esd    ? 
# 
_symmetry.entry_id                         2D1H 
_symmetry.space_group_name_H-M             'P 21 21 21' 
_symmetry.pdbx_full_space_group_name_H-M   ? 
_symmetry.cell_setting                     ? 
_symmetry.Int_Tables_number                19 
_symmetry.space_group_name_Hall            ? 
# 
_exptl.entry_id          2D1H 
_exptl.method            'X-RAY DIFFRACTION' 
_exptl.crystals_number   1 
# 
_exptl_crystal.id                    1 
_exptl_crystal.density_meas          ? 
_exptl_crystal.density_Matthews      2.4 
_exptl_crystal.density_percent_sol   48 
_exptl_crystal.description           'The file contains Friedel pairs.' 
_exptl_crystal.F_000                 ? 
_exptl_crystal.preparation           ? 
# 
_exptl_crystal_grow.crystal_id      1 
_exptl_crystal_grow.method          'oil batch' 
_exptl_crystal_grow.temp            291 
_exptl_crystal_grow.temp_details    ? 
_exptl_crystal_grow.pH              ? 
_exptl_crystal_grow.pdbx_details    'oil batch, temperature 291K' 
_exptl_crystal_grow.pdbx_pH_range   . 
# 
_diffrn.id                     1 
_diffrn.ambient_temp           90 
_diffrn.ambient_temp_details   ? 
_diffrn.crystal_id             1 
# 
_diffrn_detector.diffrn_id              1 
_diffrn_detector.detector               CCD 
_diffrn_detector.type                   'RIGAKU JUPITER 210' 
_diffrn_detector.pdbx_collection_date   2004-03-21 
_diffrn_detector.details                ? 
# 
_diffrn_radiation.diffrn_id                        1 
_diffrn_radiation.wavelength_id                    1 
_diffrn_radiation.pdbx_monochromatic_or_laue_m_l   M 
_diffrn_radiation.monochromator                    Graphite 
_diffrn_radiation.pdbx_diffrn_protocol             MAD 
_diffrn_radiation.pdbx_scattering_type             x-ray 
# 
loop_
_diffrn_radiation_wavelength.id 
_diffrn_radiation_wavelength.wavelength 
_diffrn_radiation_wavelength.wt 
1 0.974    1.0 
2 0.978432 1.0 
3 0.979458 1.0 
# 
_diffrn_source.diffrn_id                   1 
_diffrn_source.source                      SYNCHROTRON 
_diffrn_source.type                        'SPRING-8 BEAMLINE BL26B1' 
_diffrn_source.pdbx_synchrotron_site       SPring-8 
_diffrn_source.pdbx_synchrotron_beamline   BL26B1 
_diffrn_source.pdbx_wavelength             ? 
_diffrn_source.pdbx_wavelength_list        '0.974, 0.978432, 0.979458' 
# 
_reflns.entry_id                     2D1H 
_reflns.observed_criterion_sigma_I   -3 
_reflns.observed_criterion_sigma_F   ? 
_reflns.d_resolution_low             50 
_reflns.d_resolution_high            2.05 
_reflns.number_obs                   27893 
_reflns.number_all                   ? 
_reflns.percent_possible_obs         99.8 
_reflns.pdbx_Rmerge_I_obs            0.063 
_reflns.pdbx_Rsym_value              0.063 
_reflns.pdbx_netI_over_sigmaI        31.7277 
_reflns.B_iso_Wilson_estimate        29.8 
_reflns.pdbx_redundancy              6.992 
_reflns.R_free_details               ? 
_reflns.limit_h_max                  ? 
_reflns.limit_h_min                  ? 
_reflns.limit_k_max                  ? 
_reflns.limit_k_min                  ? 
_reflns.limit_l_max                  ? 
_reflns.limit_l_min                  ? 
_reflns.observed_criterion_F_max     ? 
_reflns.observed_criterion_F_min     ? 
_reflns.pdbx_chi_squared             ? 
_reflns.pdbx_scaling_rejects         ? 
_reflns.pdbx_ordinal                 1 
_reflns.pdbx_diffrn_id               1 
# 
_reflns_shell.d_res_high             2.05 
_reflns_shell.d_res_low              2.12 
_reflns_shell.percent_possible_all   100 
_reflns_shell.Rmerge_I_obs           0.501 
_reflns_shell.pdbx_Rsym_value        0.501 
_reflns_shell.meanI_over_sigI_obs    2.142 
_reflns_shell.pdbx_redundancy        7.20 
_reflns_shell.percent_possible_obs   ? 
_reflns_shell.number_unique_all      ? 
_reflns_shell.number_measured_all    ? 
_reflns_shell.number_measured_obs    ? 
_reflns_shell.number_unique_obs      ? 
_reflns_shell.pdbx_chi_squared       ? 
_reflns_shell.pdbx_ordinal           1 
_reflns_shell.pdbx_diffrn_id         1 
# 
_refine.entry_id                                 2D1H 
_refine.ls_number_reflns_obs                     27893 
_refine.ls_number_reflns_all                     ? 
_refine.pdbx_ls_sigma_I                          ? 
_refine.pdbx_ls_sigma_F                          0.0 
_refine.pdbx_data_cutoff_high_absF               1157982.98 
_refine.pdbx_data_cutoff_low_absF                0.000000 
_refine.pdbx_data_cutoff_high_rms_absF           ? 
_refine.ls_d_res_low                             29.37 
_refine.ls_d_res_high                            2.05 
_refine.ls_percent_reflns_obs                    ? 
_refine.ls_R_factor_obs                          0.237 
_refine.ls_R_factor_all                          ? 
_refine.ls_R_factor_R_work                       0.237 
_refine.ls_R_factor_R_free                       0.272 
_refine.ls_R_factor_R_free_error                 0.007 
_refine.ls_R_factor_R_free_error_details         ? 
_refine.ls_percent_reflns_R_free                 4.9 
_refine.ls_number_reflns_R_free                  1366 
_refine.ls_number_parameters                     ? 
_refine.ls_number_restraints                     ? 
_refine.occupancy_min                            ? 
_refine.occupancy_max                            ? 
_refine.correlation_coeff_Fo_to_Fc               ? 
_refine.correlation_coeff_Fo_to_Fc_free          ? 
_refine.B_iso_mean                               51.4 
_refine.aniso_B[1][1]                            1.48 
_refine.aniso_B[2][2]                            3.74 
_refine.aniso_B[3][3]                            -5.22 
_refine.aniso_B[1][2]                            0.00 
_refine.aniso_B[1][3]                            0.00 
_refine.aniso_B[2][3]                            0.00 
_refine.solvent_model_details                    'FLAT MODEL' 
_refine.solvent_model_param_ksol                 0.357593 
_refine.solvent_model_param_bsol                 59.0202 
_refine.pdbx_solvent_vdw_probe_radii             ? 
_refine.pdbx_solvent_ion_probe_radii             ? 
_refine.pdbx_solvent_shrinkage_radii             ? 
_refine.pdbx_ls_cross_valid_method               THROUGHOUT 
_refine.details                                  'The file contains Friedel pairs.' 
_refine.pdbx_starting_model                      ? 
_refine.pdbx_method_to_determine_struct          MAD 
_refine.pdbx_isotropic_thermal_model             RESTRAINED 
_refine.pdbx_stereochemistry_target_values       'Engh & Huber' 
_refine.pdbx_stereochem_target_val_spec_case     ? 
_refine.pdbx_R_Free_selection_details            RANDOM 
_refine.pdbx_overall_ESU_R                       ? 
_refine.pdbx_overall_ESU_R_Free                  ? 
_refine.overall_SU_ML                            ? 
_refine.overall_SU_B                             ? 
_refine.ls_redundancy_reflns_obs                 ? 
_refine.B_iso_min                                ? 
_refine.B_iso_max                                ? 
_refine.overall_SU_R_Cruickshank_DPI             ? 
_refine.overall_SU_R_free                        ? 
_refine.ls_wR_factor_R_free                      ? 
_refine.ls_wR_factor_R_work                      ? 
_refine.overall_FOM_free_R_set                   ? 
_refine.overall_FOM_work_R_set                   ? 
_refine.pdbx_refine_id                           'X-RAY DIFFRACTION' 
_refine.pdbx_overall_phase_error                 ? 
_refine.pdbx_diffrn_id                           1 
_refine.pdbx_TLS_residual_ADP_flag               ? 
_refine.pdbx_overall_SU_R_free_Cruickshank_DPI   ? 
_refine.pdbx_overall_SU_R_Blow_DPI               ? 
_refine.pdbx_overall_SU_R_free_Blow_DPI          ? 
# 
_refine_analyze.entry_id                        2D1H 
_refine_analyze.Luzzati_coordinate_error_obs    0.29 
_refine_analyze.Luzzati_sigma_a_obs             0.27 
_refine_analyze.Luzzati_d_res_low_obs           5.00 
_refine_analyze.Luzzati_coordinate_error_free   0.36 
_refine_analyze.Luzzati_sigma_a_free            0.30 
_refine_analyze.Luzzati_d_res_low_free          ? 
_refine_analyze.number_disordered_residues      ? 
_refine_analyze.occupancy_sum_hydrogen          ? 
_refine_analyze.occupancy_sum_non_hydrogen      ? 
_refine_analyze.pdbx_Luzzati_d_res_high_obs     ? 
_refine_analyze.pdbx_refine_id                  'X-RAY DIFFRACTION' 
# 
_refine_hist.pdbx_refine_id                   'X-RAY DIFFRACTION' 
_refine_hist.cycle_id                         LAST 
_refine_hist.pdbx_number_atoms_protein        1612 
_refine_hist.pdbx_number_atoms_nucleic_acid   0 
_refine_hist.pdbx_number_atoms_ligand         0 
_refine_hist.number_atoms_solvent             90 
_refine_hist.number_atoms_total               1702 
_refine_hist.d_res_high                       2.05 
_refine_hist.d_res_low                        29.37 
# 
loop_
_refine_ls_restr.type 
_refine_ls_restr.dev_ideal 
_refine_ls_restr.dev_ideal_target 
_refine_ls_restr.weight 
_refine_ls_restr.number 
_refine_ls_restr.pdbx_refine_id 
_refine_ls_restr.pdbx_restraint_function 
c_bond_d                0.007 ?    ? ? 'X-RAY DIFFRACTION' ? 
c_bond_d_na             ?     ?    ? ? 'X-RAY DIFFRACTION' ? 
c_bond_d_prot           ?     ?    ? ? 'X-RAY DIFFRACTION' ? 
c_angle_d               ?     ?    ? ? 'X-RAY DIFFRACTION' ? 
c_angle_d_na            ?     ?    ? ? 'X-RAY DIFFRACTION' ? 
c_angle_d_prot          ?     ?    ? ? 'X-RAY DIFFRACTION' ? 
c_angle_deg             1.1   ?    ? ? 'X-RAY DIFFRACTION' ? 
c_angle_deg_na          ?     ?    ? ? 'X-RAY DIFFRACTION' ? 
c_angle_deg_prot        ?     ?    ? ? 'X-RAY DIFFRACTION' ? 
c_dihedral_angle_d      19.2  ?    ? ? 'X-RAY DIFFRACTION' ? 
c_dihedral_angle_d_na   ?     ?    ? ? 'X-RAY DIFFRACTION' ? 
c_dihedral_angle_d_prot ?     ?    ? ? 'X-RAY DIFFRACTION' ? 
c_improper_angle_d      0.74  ?    ? ? 'X-RAY DIFFRACTION' ? 
c_improper_angle_d_na   ?     ?    ? ? 'X-RAY DIFFRACTION' ? 
c_improper_angle_d_prot ?     ?    ? ? 'X-RAY DIFFRACTION' ? 
c_mcbond_it             3.84  1.50 ? ? 'X-RAY DIFFRACTION' ? 
c_mcangle_it            5.30  2.00 ? ? 'X-RAY DIFFRACTION' ? 
c_scbond_it             6.16  2.00 ? ? 'X-RAY DIFFRACTION' ? 
c_scangle_it            8.27  2.50 ? ? 'X-RAY DIFFRACTION' ? 
# 
_refine_ls_shell.pdbx_total_number_of_bins_used   8 
_refine_ls_shell.d_res_high                       2.05 
_refine_ls_shell.d_res_low                        2.14 
_refine_ls_shell.number_reflns_R_work             3299 
_refine_ls_shell.R_factor_R_work                  0.3 
_refine_ls_shell.percent_reflns_obs               100.0 
_refine_ls_shell.R_factor_R_free                  0.31 
_refine_ls_shell.R_factor_R_free_error            0.022 
_refine_ls_shell.percent_reflns_R_free            5.6 
_refine_ls_shell.number_reflns_R_free             195 
_refine_ls_shell.number_reflns_obs                ? 
_refine_ls_shell.redundancy_reflns_obs            ? 
_refine_ls_shell.number_reflns_all                ? 
_refine_ls_shell.R_factor_all                     ? 
_refine_ls_shell.pdbx_refine_id                   'X-RAY DIFFRACTION' 
# 
loop_
_pdbx_xplor_file.serial_no 
_pdbx_xplor_file.param_file 
_pdbx_xplor_file.topol_file 
_pdbx_xplor_file.pdbx_refine_id 
1 protein_rep.param protein.top 'X-RAY DIFFRACTION' 
2 water_rep.param   water.top   'X-RAY DIFFRACTION' 
# 
_struct.entry_id                  2D1H 
_struct.title                     'Crystal structure of ST1889 protein from thermoacidophilic archaeon Sulfolobus tokodaii' 
_struct.pdbx_model_details        ? 
_struct.pdbx_CASP_flag            ? 
_struct.pdbx_model_type_details   ? 
# 
_struct_keywords.entry_id        2D1H 
_struct_keywords.pdbx_keywords   TRANSCRIPTION 
_struct_keywords.text            
;HELIX-TURN-HELIX, INTERMOLECULAR AND INTRAMOLECULAR S-S BONDS, Structural Genomics, NPPSFA, National Project on Protein Structural and Functional Analyses, RIKEN Structural Genomics/Proteomics Initiative, RSGI, TRANSCRIPTION
;
# 
loop_
_struct_asym.id 
_struct_asym.pdbx_blank_PDB_chainid_flag 
_struct_asym.pdbx_modified 
_struct_asym.entity_id 
_struct_asym.details 
A N N 1 ? 
B N N 1 ? 
C N N 2 ? 
D N N 2 ? 
# 
_struct_ref.id                         1 
_struct_ref.db_name                    UNP 
_struct_ref.db_code                    Q96ZE4_SULTO 
_struct_ref.pdbx_db_accession          Q96ZE4 
_struct_ref.entity_id                  1 
_struct_ref.pdbx_align_begin           1 
_struct_ref.pdbx_seq_one_letter_code   ? 
_struct_ref.pdbx_db_isoform            ? 
# 
loop_
_struct_ref_seq.align_id 
_struct_ref_seq.ref_id 
_struct_ref_seq.pdbx_PDB_id_code 
_struct_ref_seq.pdbx_strand_id 
_struct_ref_seq.seq_align_beg 
_struct_ref_seq.pdbx_seq_align_beg_ins_code 
_struct_ref_seq.seq_align_end 
_struct_ref_seq.pdbx_seq_align_end_ins_code 
_struct_ref_seq.pdbx_db_accession 
_struct_ref_seq.db_align_beg 
_struct_ref_seq.pdbx_db_align_beg_ins_code 
_struct_ref_seq.db_align_end 
_struct_ref_seq.pdbx_db_align_end_ins_code 
_struct_ref_seq.pdbx_auth_seq_align_beg 
_struct_ref_seq.pdbx_auth_seq_align_end 
1 1 2D1H A 1 ? 109 ? Q96ZE4 1 ? 109 ? 1 109 
2 1 2D1H B 1 ? 109 ? Q96ZE4 1 ? 109 ? 1 109 
# 
loop_
_struct_ref_seq_dif.align_id 
_struct_ref_seq_dif.pdbx_pdb_id_code 
_struct_ref_seq_dif.mon_id 
_struct_ref_seq_dif.pdbx_pdb_strand_id 
_struct_ref_seq_dif.seq_num 
_struct_ref_seq_dif.pdbx_pdb_ins_code 
_struct_ref_seq_dif.pdbx_seq_db_name 
_struct_ref_seq_dif.pdbx_seq_db_accession_code 
_struct_ref_seq_dif.db_mon_id 
_struct_ref_seq_dif.pdbx_seq_db_seq_num 
_struct_ref_seq_dif.details 
_struct_ref_seq_dif.pdbx_auth_seq_num 
_struct_ref_seq_dif.pdbx_ordinal 
1 2D1H MSE A 1   ? UNP Q96ZE4 MET 1   'modified residue' 1   1 
1 2D1H MSE A 2   ? UNP Q96ZE4 MET 2   'modified residue' 2   2 
1 2D1H MSE A 30  ? UNP Q96ZE4 MET 30  'modified residue' 30  3 
1 2D1H MSE A 104 ? UNP Q96ZE4 MET 104 'modified residue' 104 4 
2 2D1H MSE B 1   ? UNP Q96ZE4 MET 1   'modified residue' 1   5 
2 2D1H MSE B 2   ? UNP Q96ZE4 MET 2   'modified residue' 2   6 
2 2D1H MSE B 30  ? UNP Q96ZE4 MET 30  'modified residue' 30  7 
2 2D1H MSE B 104 ? UNP Q96ZE4 MET 104 'modified residue' 104 8 
# 
_pdbx_struct_assembly.id                   1 
_pdbx_struct_assembly.details              author_and_software_defined_assembly 
_pdbx_struct_assembly.method_details       PISA 
_pdbx_struct_assembly.oligomeric_details   dimeric 
_pdbx_struct_assembly.oligomeric_count     2 
# 
loop_
_pdbx_struct_assembly_prop.biol_id 
_pdbx_struct_assembly_prop.type 
_pdbx_struct_assembly_prop.value 
_pdbx_struct_assembly_prop.details 
1 'ABSA (A^2)' 1620  ? 
1 MORE         -18   ? 
1 'SSA (A^2)'  11490 ? 
# 
_pdbx_struct_assembly_gen.assembly_id       1 
_pdbx_struct_assembly_gen.oper_expression   1 
_pdbx_struct_assembly_gen.asym_id_list      A,B,C,D 
# 
_pdbx_struct_oper_list.id                   1 
_pdbx_struct_oper_list.type                 'identity operation' 
_pdbx_struct_oper_list.name                 1_555 
_pdbx_struct_oper_list.symmetry_operation   x,y,z 
_pdbx_struct_oper_list.matrix[1][1]         1.0000000000 
_pdbx_struct_oper_list.matrix[1][2]         0.0000000000 
_pdbx_struct_oper_list.matrix[1][3]         0.0000000000 
_pdbx_struct_oper_list.vector[1]            0.0000000000 
_pdbx_struct_oper_list.matrix[2][1]         0.0000000000 
_pdbx_struct_oper_list.matrix[2][2]         1.0000000000 
_pdbx_struct_oper_list.matrix[2][3]         0.0000000000 
_pdbx_struct_oper_list.vector[2]            0.0000000000 
_pdbx_struct_oper_list.matrix[3][1]         0.0000000000 
_pdbx_struct_oper_list.matrix[3][2]         0.0000000000 
_pdbx_struct_oper_list.matrix[3][3]         1.0000000000 
_pdbx_struct_oper_list.vector[3]            0.0000000000 
# 
_struct_biol.id                    1 
_struct_biol.details               'Two monomers in the assymetric unit appear to form a functional dimer.' 
_struct_biol.pdbx_parent_biol_id   ? 
# 
loop_
_struct_conf.conf_type_id 
_struct_conf.id 
_struct_conf.pdbx_PDB_helix_id 
_struct_conf.beg_label_comp_id 
_struct_conf.beg_label_asym_id 
_struct_conf.beg_label_seq_id 
_struct_conf.pdbx_beg_PDB_ins_code 
_struct_conf.end_label_comp_id 
_struct_conf.end_label_asym_id 
_struct_conf.end_label_seq_id 
_struct_conf.pdbx_end_PDB_ins_code 
_struct_conf.beg_auth_comp_id 
_struct_conf.beg_auth_asym_id 
_struct_conf.beg_auth_seq_id 
_struct_conf.end_auth_comp_id 
_struct_conf.end_auth_asym_id 
_struct_conf.end_auth_seq_id 
_struct_conf.pdbx_PDB_helix_class 
_struct_conf.details 
_struct_conf.pdbx_PDB_helix_length 
HELX_P HELX_P1  1  MSE A 2  ? SER A 8   ? MSE A 2  SER A 8   5 ? 7  
HELX_P HELX_P2  2  LYS A 9  ? LYS A 18  ? LYS A 9  LYS A 18  1 ? 10 
HELX_P HELX_P3  3  THR A 20 ? GLU A 34  ? THR A 20 GLU A 34  1 ? 15 
HELX_P HELX_P4  4  SER A 39 ? LYS A 47  ? SER A 39 LYS A 47  1 ? 9  
HELX_P HELX_P5  5  SER A 49 ? LEU A 63  ? SER A 49 LEU A 63  1 ? 15 
HELX_P HELX_P6  6  ASN A 88 ? LEU A 106 ? ASN A 88 LEU A 106 1 ? 19 
HELX_P HELX_P7  7  LYS B 9  ? LYS B 18  ? LYS B 9  LYS B 18  1 ? 10 
HELX_P HELX_P8  8  THR B 20 ? GLU B 34  ? THR B 20 GLU B 34  1 ? 15 
HELX_P HELX_P9  9  THR B 38 ? LYS B 47  ? THR B 38 LYS B 47  1 ? 10 
HELX_P HELX_P10 10 SER B 49 ? LEU B 63  ? SER B 49 LEU B 63  1 ? 15 
HELX_P HELX_P11 11 ASN B 88 ? ALA B 108 ? ASN B 88 ALA B 108 1 ? 21 
# 
_struct_conf_type.id          HELX_P 
_struct_conf_type.criteria    ? 
_struct_conf_type.reference   ? 
# 
loop_
_struct_conn.id 
_struct_conn.conn_type_id 
_struct_conn.pdbx_leaving_atom_flag 
_struct_conn.pdbx_PDB_id 
_struct_conn.ptnr1_label_asym_id 
_struct_conn.ptnr1_label_comp_id 
_struct_conn.ptnr1_label_seq_id 
_struct_conn.ptnr1_label_atom_id 
_struct_conn.pdbx_ptnr1_label_alt_id 
_struct_conn.pdbx_ptnr1_PDB_ins_code 
_struct_conn.pdbx_ptnr1_standard_comp_id 
_struct_conn.ptnr1_symmetry 
_struct_conn.ptnr2_label_asym_id 
_struct_conn.ptnr2_label_comp_id 
_struct_conn.ptnr2_label_seq_id 
_struct_conn.ptnr2_label_atom_id 
_struct_conn.pdbx_ptnr2_label_alt_id 
_struct_conn.pdbx_ptnr2_PDB_ins_code 
_struct_conn.ptnr1_auth_asym_id 
_struct_conn.ptnr1_auth_comp_id 
_struct_conn.ptnr1_auth_seq_id 
_struct_conn.ptnr2_auth_asym_id 
_struct_conn.ptnr2_auth_comp_id 
_struct_conn.ptnr2_auth_seq_id 
_struct_conn.ptnr2_symmetry 
_struct_conn.pdbx_ptnr3_label_atom_id 
_struct_conn.pdbx_ptnr3_label_seq_id 
_struct_conn.pdbx_ptnr3_label_comp_id 
_struct_conn.pdbx_ptnr3_label_asym_id 
_struct_conn.pdbx_ptnr3_label_alt_id 
_struct_conn.pdbx_ptnr3_PDB_ins_code 
_struct_conn.details 
_struct_conn.pdbx_dist_value 
_struct_conn.pdbx_value_order 
_struct_conn.pdbx_role 
disulf1  disulf ?    ? A CYS 15  SG ? ? ? 1_555 B CYS 15  SG ? ? A CYS 15  B CYS 15  1_555 ? ? ? ? ? ? ? 2.029 ? ? 
disulf2  disulf ?    ? A CYS 16  SG ? ? ? 1_555 A CYS 100 SG ? ? A CYS 16  A CYS 100 1_555 ? ? ? ? ? ? ? 2.048 ? ? 
disulf3  disulf ?    ? B CYS 16  SG ? ? ? 1_555 B CYS 100 SG ? ? B CYS 16  B CYS 100 1_555 ? ? ? ? ? ? ? 2.033 ? ? 
covale1  covale both ? A MSE 1   C  ? ? ? 1_555 A MSE 2   N  ? ? A MSE 1   A MSE 2   1_555 ? ? ? ? ? ? ? 1.330 ? ? 
covale2  covale both ? A MSE 2   C  ? ? ? 1_555 A LYS 3   N  ? ? A MSE 2   A LYS 3   1_555 ? ? ? ? ? ? ? 1.328 ? ? 
covale3  covale both ? A LYS 29  C  ? ? ? 1_555 A MSE 30  N  ? ? A LYS 29  A MSE 30  1_555 ? ? ? ? ? ? ? 1.330 ? ? 
covale4  covale both ? A MSE 30  C  ? ? ? 1_555 A VAL 31  N  ? ? A MSE 30  A VAL 31  1_555 ? ? ? ? ? ? ? 1.329 ? ? 
covale5  covale both ? A ARG 103 C  ? ? ? 1_555 A MSE 104 N  ? ? A ARG 103 A MSE 104 1_555 ? ? ? ? ? ? ? 1.328 ? ? 
covale6  covale both ? A MSE 104 C  ? ? ? 1_555 A GLU 105 N  ? ? A MSE 104 A GLU 105 1_555 ? ? ? ? ? ? ? 1.328 ? ? 
covale7  covale both ? B LYS 29  C  ? ? ? 1_555 B MSE 30  N  ? ? B LYS 29  B MSE 30  1_555 ? ? ? ? ? ? ? 1.328 ? ? 
covale8  covale both ? B MSE 30  C  ? ? ? 1_555 B VAL 31  N  ? ? B MSE 30  B VAL 31  1_555 ? ? ? ? ? ? ? 1.327 ? ? 
covale9  covale both ? B ARG 103 C  ? ? ? 1_555 B MSE 104 N  ? ? B ARG 103 B MSE 104 1_555 ? ? ? ? ? ? ? 1.331 ? ? 
covale10 covale both ? B MSE 104 C  ? ? ? 1_555 B GLU 105 N  ? ? B MSE 104 B GLU 105 1_555 ? ? ? ? ? ? ? 1.328 ? ? 
# 
loop_
_struct_conn_type.id 
_struct_conn_type.criteria 
_struct_conn_type.reference 
disulf ? ? 
covale ? ? 
# 
loop_
_pdbx_modification_feature.ordinal 
_pdbx_modification_feature.label_comp_id 
_pdbx_modification_feature.label_asym_id 
_pdbx_modification_feature.label_seq_id 
_pdbx_modification_feature.label_alt_id 
_pdbx_modification_feature.modified_residue_label_comp_id 
_pdbx_modification_feature.modified_residue_label_asym_id 
_pdbx_modification_feature.modified_residue_label_seq_id 
_pdbx_modification_feature.modified_residue_label_alt_id 
_pdbx_modification_feature.auth_comp_id 
_pdbx_modification_feature.auth_asym_id 
_pdbx_modification_feature.auth_seq_id 
_pdbx_modification_feature.PDB_ins_code 
_pdbx_modification_feature.symmetry 
_pdbx_modification_feature.modified_residue_auth_comp_id 
_pdbx_modification_feature.modified_residue_auth_asym_id 
_pdbx_modification_feature.modified_residue_auth_seq_id 
_pdbx_modification_feature.modified_residue_PDB_ins_code 
_pdbx_modification_feature.modified_residue_symmetry 
_pdbx_modification_feature.comp_id_linking_atom 
_pdbx_modification_feature.modified_residue_id_linking_atom 
_pdbx_modification_feature.modified_residue_id 
_pdbx_modification_feature.ref_pcm_id 
_pdbx_modification_feature.ref_comp_id 
_pdbx_modification_feature.type 
_pdbx_modification_feature.category 
1 MSE A 1   ? .   . .   . MSE A 1   ? 1_555 .   . .   . .     .  .  MET 1 MSE Selenomethionine 'Named protein modification' 
2 MSE A 2   ? .   . .   . MSE A 2   ? 1_555 .   . .   . .     .  .  MET 1 MSE Selenomethionine 'Named protein modification' 
3 MSE A 30  ? .   . .   . MSE A 30  ? 1_555 .   . .   . .     .  .  MET 1 MSE Selenomethionine 'Named protein modification' 
4 MSE A 104 ? .   . .   . MSE A 104 ? 1_555 .   . .   . .     .  .  MET 1 MSE Selenomethionine 'Named protein modification' 
5 MSE B 30  ? .   . .   . MSE B 30  ? 1_555 .   . .   . .     .  .  MET 1 MSE Selenomethionine 'Named protein modification' 
6 MSE B 104 ? .   . .   . MSE B 104 ? 1_555 .   . .   . .     .  .  MET 1 MSE Selenomethionine 'Named protein modification' 
7 CYS A 15  ? CYS B 15  ? CYS A 15  ? 1_555 CYS B 15  ? 1_555 SG SG .   . .   None             'Disulfide bridge'           
8 CYS A 16  ? CYS A 100 ? CYS A 16  ? 1_555 CYS A 100 ? 1_555 SG SG .   . .   None             'Disulfide bridge'           
9 CYS B 16  ? CYS B 100 ? CYS B 16  ? 1_555 CYS B 100 ? 1_555 SG SG .   . .   None             'Disulfide bridge'           
# 
loop_
_struct_sheet.id 
_struct_sheet.type 
_struct_sheet.number_strands 
_struct_sheet.details 
A ? 3 ? 
B ? 2 ? 
# 
loop_
_struct_sheet_order.sheet_id 
_struct_sheet_order.range_id_1 
_struct_sheet_order.range_id_2 
_struct_sheet_order.offset 
_struct_sheet_order.sense 
A 1 2 ? anti-parallel 
A 2 3 ? anti-parallel 
B 1 2 ? anti-parallel 
# 
loop_
_struct_sheet_range.sheet_id 
_struct_sheet_range.id 
_struct_sheet_range.beg_label_comp_id 
_struct_sheet_range.beg_label_asym_id 
_struct_sheet_range.beg_label_seq_id 
_struct_sheet_range.pdbx_beg_PDB_ins_code 
_struct_sheet_range.end_label_comp_id 
_struct_sheet_range.end_label_asym_id 
_struct_sheet_range.end_label_seq_id 
_struct_sheet_range.pdbx_end_PDB_ins_code 
_struct_sheet_range.beg_auth_comp_id 
_struct_sheet_range.beg_auth_asym_id 
_struct_sheet_range.beg_auth_seq_id 
_struct_sheet_range.end_auth_comp_id 
_struct_sheet_range.end_auth_asym_id 
_struct_sheet_range.end_auth_seq_id 
A 1 ILE A 37 ? THR A 38 ? ILE A 37 THR A 38 
A 2 TYR A 81 ? ILE A 85 ? TYR A 81 ILE A 85 
A 3 VAL A 66 ? LYS A 70 ? VAL A 66 LYS A 70 
B 1 VAL B 66 ? LYS B 70 ? VAL B 66 LYS B 70 
B 2 TYR B 81 ? ILE B 85 ? TYR B 81 ILE B 85 
# 
loop_
_pdbx_struct_sheet_hbond.sheet_id 
_pdbx_struct_sheet_hbond.range_id_1 
_pdbx_struct_sheet_hbond.range_id_2 
_pdbx_struct_sheet_hbond.range_1_label_atom_id 
_pdbx_struct_sheet_hbond.range_1_label_comp_id 
_pdbx_struct_sheet_hbond.range_1_label_asym_id 
_pdbx_struct_sheet_hbond.range_1_label_seq_id 
_pdbx_struct_sheet_hbond.range_1_PDB_ins_code 
_pdbx_struct_sheet_hbond.range_1_auth_atom_id 
_pdbx_struct_sheet_hbond.range_1_auth_comp_id 
_pdbx_struct_sheet_hbond.range_1_auth_asym_id 
_pdbx_struct_sheet_hbond.range_1_auth_seq_id 
_pdbx_struct_sheet_hbond.range_2_label_atom_id 
_pdbx_struct_sheet_hbond.range_2_label_comp_id 
_pdbx_struct_sheet_hbond.range_2_label_asym_id 
_pdbx_struct_sheet_hbond.range_2_label_seq_id 
_pdbx_struct_sheet_hbond.range_2_PDB_ins_code 
_pdbx_struct_sheet_hbond.range_2_auth_atom_id 
_pdbx_struct_sheet_hbond.range_2_auth_comp_id 
_pdbx_struct_sheet_hbond.range_2_auth_asym_id 
_pdbx_struct_sheet_hbond.range_2_auth_seq_id 
A 1 2 N ILE A 37 ? N ILE A 37 O TYR A 83 ? O TYR A 83 
A 2 3 O SER A 84 ? O SER A 84 N VAL A 67 ? N VAL A 67 
B 1 2 N VAL B 67 ? N VAL B 67 O SER B 84 ? O SER B 84 
# 
_pdbx_entry_details.entry_id                   2D1H 
_pdbx_entry_details.compound_details           ? 
_pdbx_entry_details.source_details             ? 
_pdbx_entry_details.nonpolymer_details         ? 
_pdbx_entry_details.sequence_details           ? 
_pdbx_entry_details.has_ligand_of_interest     ? 
_pdbx_entry_details.has_protein_modification   Y 
# 
_pdbx_validate_torsion.id              1 
_pdbx_validate_torsion.PDB_model_num   1 
_pdbx_validate_torsion.auth_comp_id    LYS 
_pdbx_validate_torsion.auth_asym_id    B 
_pdbx_validate_torsion.auth_seq_id     80 
_pdbx_validate_torsion.PDB_ins_code    ? 
_pdbx_validate_torsion.label_alt_id    ? 
_pdbx_validate_torsion.phi             -160.71 
_pdbx_validate_torsion.psi             -51.87 
# 
_pdbx_SG_project.id                    1 
_pdbx_SG_project.project_name          'NPPSFA, National Project on Protein Structural and Functional Analyses' 
_pdbx_SG_project.full_name_of_center   'RIKEN Structural Genomics/Proteomics Initiative' 
_pdbx_SG_project.initial_of_center     RSGI 
# 
loop_
_pdbx_struct_mod_residue.id 
_pdbx_struct_mod_residue.label_asym_id 
_pdbx_struct_mod_residue.label_comp_id 
_pdbx_struct_mod_residue.label_seq_id 
_pdbx_struct_mod_residue.auth_asym_id 
_pdbx_struct_mod_residue.auth_comp_id 
_pdbx_struct_mod_residue.auth_seq_id 
_pdbx_struct_mod_residue.PDB_ins_code 
_pdbx_struct_mod_residue.parent_comp_id 
_pdbx_struct_mod_residue.details 
1 A MSE 1   A MSE 1   ? MET SELENOMETHIONINE 
2 A MSE 2   A MSE 2   ? MET SELENOMETHIONINE 
3 A MSE 30  A MSE 30  ? MET SELENOMETHIONINE 
4 A MSE 104 A MSE 104 ? MET SELENOMETHIONINE 
5 B MSE 1   B MSE 1   ? MET SELENOMETHIONINE 
6 B MSE 30  B MSE 30  ? MET SELENOMETHIONINE 
7 B MSE 104 B MSE 104 ? MET SELENOMETHIONINE 
# 
loop_
_pdbx_unobs_or_zero_occ_residues.id 
_pdbx_unobs_or_zero_occ_residues.PDB_model_num 
_pdbx_unobs_or_zero_occ_residues.polymer_flag 
_pdbx_unobs_or_zero_occ_residues.occupancy_flag 
_pdbx_unobs_or_zero_occ_residues.auth_asym_id 
_pdbx_unobs_or_zero_occ_residues.auth_comp_id 
_pdbx_unobs_or_zero_occ_residues.auth_seq_id 
_pdbx_unobs_or_zero_occ_residues.PDB_ins_code 
_pdbx_unobs_or_zero_occ_residues.label_asym_id 
_pdbx_unobs_or_zero_occ_residues.label_comp_id 
_pdbx_unobs_or_zero_occ_residues.label_seq_id 
1  1 Y 1 A GLU 72 ? A GLU 72 
2  1 Y 1 A GLY 73 ? A GLY 73 
3  1 Y 1 A LYS 74 ? A LYS 74 
4  1 Y 1 A LYS 75 ? A LYS 75 
5  1 Y 1 A ILE 76 ? A ILE 76 
6  1 Y 1 A GLY 77 ? A GLY 77 
7  1 Y 1 A ARG 78 ? A ARG 78 
8  1 Y 1 B MSE 2  ? B MSE 2  
9  1 Y 1 B LYS 3  ? B LYS 3  
10 1 Y 1 B GLU 4  ? B GLU 4  
11 1 Y 1 B GLU 72 ? B GLU 72 
12 1 Y 1 B GLY 73 ? B GLY 73 
13 1 Y 1 B LYS 74 ? B LYS 74 
14 1 Y 1 B LYS 75 ? B LYS 75 
15 1 Y 1 B ILE 76 ? B ILE 76 
16 1 Y 1 B GLY 77 ? B GLY 77 
17 1 Y 1 B ARG 78 ? B ARG 78 
# 
loop_
_chem_comp_atom.comp_id 
_chem_comp_atom.atom_id 
_chem_comp_atom.type_symbol 
_chem_comp_atom.pdbx_aromatic_flag 
_chem_comp_atom.pdbx_stereo_config 
_chem_comp_atom.pdbx_ordinal 
ALA N    N  N N 1   
ALA CA   C  N S 2   
ALA C    C  N N 3   
ALA O    O  N N 4   
ALA CB   C  N N 5   
ALA OXT  O  N N 6   
ALA H    H  N N 7   
ALA H2   H  N N 8   
ALA HA   H  N N 9   
ALA HB1  H  N N 10  
ALA HB2  H  N N 11  
ALA HB3  H  N N 12  
ALA HXT  H  N N 13  
ARG N    N  N N 14  
ARG CA   C  N S 15  
ARG C    C  N N 16  
ARG O    O  N N 17  
ARG CB   C  N N 18  
ARG CG   C  N N 19  
ARG CD   C  N N 20  
ARG NE   N  N N 21  
ARG CZ   C  N N 22  
ARG NH1  N  N N 23  
ARG NH2  N  N N 24  
ARG OXT  O  N N 25  
ARG H    H  N N 26  
ARG H2   H  N N 27  
ARG HA   H  N N 28  
ARG HB2  H  N N 29  
ARG HB3  H  N N 30  
ARG HG2  H  N N 31  
ARG HG3  H  N N 32  
ARG HD2  H  N N 33  
ARG HD3  H  N N 34  
ARG HE   H  N N 35  
ARG HH11 H  N N 36  
ARG HH12 H  N N 37  
ARG HH21 H  N N 38  
ARG HH22 H  N N 39  
ARG HXT  H  N N 40  
ASN N    N  N N 41  
ASN CA   C  N S 42  
ASN C    C  N N 43  
ASN O    O  N N 44  
ASN CB   C  N N 45  
ASN CG   C  N N 46  
ASN OD1  O  N N 47  
ASN ND2  N  N N 48  
ASN OXT  O  N N 49  
ASN H    H  N N 50  
ASN H2   H  N N 51  
ASN HA   H  N N 52  
ASN HB2  H  N N 53  
ASN HB3  H  N N 54  
ASN HD21 H  N N 55  
ASN HD22 H  N N 56  
ASN HXT  H  N N 57  
ASP N    N  N N 58  
ASP CA   C  N S 59  
ASP C    C  N N 60  
ASP O    O  N N 61  
ASP CB   C  N N 62  
ASP CG   C  N N 63  
ASP OD1  O  N N 64  
ASP OD2  O  N N 65  
ASP OXT  O  N N 66  
ASP H    H  N N 67  
ASP H2   H  N N 68  
ASP HA   H  N N 69  
ASP HB2  H  N N 70  
ASP HB3  H  N N 71  
ASP HD2  H  N N 72  
ASP HXT  H  N N 73  
CYS N    N  N N 74  
CYS CA   C  N R 75  
CYS C    C  N N 76  
CYS O    O  N N 77  
CYS CB   C  N N 78  
CYS SG   S  N N 79  
CYS OXT  O  N N 80  
CYS H    H  N N 81  
CYS H2   H  N N 82  
CYS HA   H  N N 83  
CYS HB2  H  N N 84  
CYS HB3  H  N N 85  
CYS HG   H  N N 86  
CYS HXT  H  N N 87  
GLU N    N  N N 88  
GLU CA   C  N S 89  
GLU C    C  N N 90  
GLU O    O  N N 91  
GLU CB   C  N N 92  
GLU CG   C  N N 93  
GLU CD   C  N N 94  
GLU OE1  O  N N 95  
GLU OE2  O  N N 96  
GLU OXT  O  N N 97  
GLU H    H  N N 98  
GLU H2   H  N N 99  
GLU HA   H  N N 100 
GLU HB2  H  N N 101 
GLU HB3  H  N N 102 
GLU HG2  H  N N 103 
GLU HG3  H  N N 104 
GLU HE2  H  N N 105 
GLU HXT  H  N N 106 
GLY N    N  N N 107 
GLY CA   C  N N 108 
GLY C    C  N N 109 
GLY O    O  N N 110 
GLY OXT  O  N N 111 
GLY H    H  N N 112 
GLY H2   H  N N 113 
GLY HA2  H  N N 114 
GLY HA3  H  N N 115 
GLY HXT  H  N N 116 
HOH O    O  N N 117 
HOH H1   H  N N 118 
HOH H2   H  N N 119 
ILE N    N  N N 120 
ILE CA   C  N S 121 
ILE C    C  N N 122 
ILE O    O  N N 123 
ILE CB   C  N S 124 
ILE CG1  C  N N 125 
ILE CG2  C  N N 126 
ILE CD1  C  N N 127 
ILE OXT  O  N N 128 
ILE H    H  N N 129 
ILE H2   H  N N 130 
ILE HA   H  N N 131 
ILE HB   H  N N 132 
ILE HG12 H  N N 133 
ILE HG13 H  N N 134 
ILE HG21 H  N N 135 
ILE HG22 H  N N 136 
ILE HG23 H  N N 137 
ILE HD11 H  N N 138 
ILE HD12 H  N N 139 
ILE HD13 H  N N 140 
ILE HXT  H  N N 141 
LEU N    N  N N 142 
LEU CA   C  N S 143 
LEU C    C  N N 144 
LEU O    O  N N 145 
LEU CB   C  N N 146 
LEU CG   C  N N 147 
LEU CD1  C  N N 148 
LEU CD2  C  N N 149 
LEU OXT  O  N N 150 
LEU H    H  N N 151 
LEU H2   H  N N 152 
LEU HA   H  N N 153 
LEU HB2  H  N N 154 
LEU HB3  H  N N 155 
LEU HG   H  N N 156 
LEU HD11 H  N N 157 
LEU HD12 H  N N 158 
LEU HD13 H  N N 159 
LEU HD21 H  N N 160 
LEU HD22 H  N N 161 
LEU HD23 H  N N 162 
LEU HXT  H  N N 163 
LYS N    N  N N 164 
LYS CA   C  N S 165 
LYS C    C  N N 166 
LYS O    O  N N 167 
LYS CB   C  N N 168 
LYS CG   C  N N 169 
LYS CD   C  N N 170 
LYS CE   C  N N 171 
LYS NZ   N  N N 172 
LYS OXT  O  N N 173 
LYS H    H  N N 174 
LYS H2   H  N N 175 
LYS HA   H  N N 176 
LYS HB2  H  N N 177 
LYS HB3  H  N N 178 
LYS HG2  H  N N 179 
LYS HG3  H  N N 180 
LYS HD2  H  N N 181 
LYS HD3  H  N N 182 
LYS HE2  H  N N 183 
LYS HE3  H  N N 184 
LYS HZ1  H  N N 185 
LYS HZ2  H  N N 186 
LYS HZ3  H  N N 187 
LYS HXT  H  N N 188 
MET N    N  N N 189 
MET CA   C  N S 190 
MET C    C  N N 191 
MET O    O  N N 192 
MET CB   C  N N 193 
MET CG   C  N N 194 
MET SD   S  N N 195 
MET CE   C  N N 196 
MET OXT  O  N N 197 
MET H    H  N N 198 
MET H2   H  N N 199 
MET HA   H  N N 200 
MET HB2  H  N N 201 
MET HB3  H  N N 202 
MET HG2  H  N N 203 
MET HG3  H  N N 204 
MET HE1  H  N N 205 
MET HE2  H  N N 206 
MET HE3  H  N N 207 
MET HXT  H  N N 208 
MSE N    N  N N 209 
MSE CA   C  N S 210 
MSE C    C  N N 211 
MSE O    O  N N 212 
MSE OXT  O  N N 213 
MSE CB   C  N N 214 
MSE CG   C  N N 215 
MSE SE   SE N N 216 
MSE CE   C  N N 217 
MSE H    H  N N 218 
MSE H2   H  N N 219 
MSE HA   H  N N 220 
MSE HXT  H  N N 221 
MSE HB2  H  N N 222 
MSE HB3  H  N N 223 
MSE HG2  H  N N 224 
MSE HG3  H  N N 225 
MSE HE1  H  N N 226 
MSE HE2  H  N N 227 
MSE HE3  H  N N 228 
PHE N    N  N N 229 
PHE CA   C  N S 230 
PHE C    C  N N 231 
PHE O    O  N N 232 
PHE CB   C  N N 233 
PHE CG   C  Y N 234 
PHE CD1  C  Y N 235 
PHE CD2  C  Y N 236 
PHE CE1  C  Y N 237 
PHE CE2  C  Y N 238 
PHE CZ   C  Y N 239 
PHE OXT  O  N N 240 
PHE H    H  N N 241 
PHE H2   H  N N 242 
PHE HA   H  N N 243 
PHE HB2  H  N N 244 
PHE HB3  H  N N 245 
PHE HD1  H  N N 246 
PHE HD2  H  N N 247 
PHE HE1  H  N N 248 
PHE HE2  H  N N 249 
PHE HZ   H  N N 250 
PHE HXT  H  N N 251 
PRO N    N  N N 252 
PRO CA   C  N S 253 
PRO C    C  N N 254 
PRO O    O  N N 255 
PRO CB   C  N N 256 
PRO CG   C  N N 257 
PRO CD   C  N N 258 
PRO OXT  O  N N 259 
PRO H    H  N N 260 
PRO HA   H  N N 261 
PRO HB2  H  N N 262 
PRO HB3  H  N N 263 
PRO HG2  H  N N 264 
PRO HG3  H  N N 265 
PRO HD2  H  N N 266 
PRO HD3  H  N N 267 
PRO HXT  H  N N 268 
SER N    N  N N 269 
SER CA   C  N S 270 
SER C    C  N N 271 
SER O    O  N N 272 
SER CB   C  N N 273 
SER OG   O  N N 274 
SER OXT  O  N N 275 
SER H    H  N N 276 
SER H2   H  N N 277 
SER HA   H  N N 278 
SER HB2  H  N N 279 
SER HB3  H  N N 280 
SER HG   H  N N 281 
SER HXT  H  N N 282 
THR N    N  N N 283 
THR CA   C  N S 284 
THR C    C  N N 285 
THR O    O  N N 286 
THR CB   C  N R 287 
THR OG1  O  N N 288 
THR CG2  C  N N 289 
THR OXT  O  N N 290 
THR H    H  N N 291 
THR H2   H  N N 292 
THR HA   H  N N 293 
THR HB   H  N N 294 
THR HG1  H  N N 295 
THR HG21 H  N N 296 
THR HG22 H  N N 297 
THR HG23 H  N N 298 
THR HXT  H  N N 299 
TYR N    N  N N 300 
TYR CA   C  N S 301 
TYR C    C  N N 302 
TYR O    O  N N 303 
TYR CB   C  N N 304 
TYR CG   C  Y N 305 
TYR CD1  C  Y N 306 
TYR CD2  C  Y N 307 
TYR CE1  C  Y N 308 
TYR CE2  C  Y N 309 
TYR CZ   C  Y N 310 
TYR OH   O  N N 311 
TYR OXT  O  N N 312 
TYR H    H  N N 313 
TYR H2   H  N N 314 
TYR HA   H  N N 315 
TYR HB2  H  N N 316 
TYR HB3  H  N N 317 
TYR HD1  H  N N 318 
TYR HD2  H  N N 319 
TYR HE1  H  N N 320 
TYR HE2  H  N N 321 
TYR HH   H  N N 322 
TYR HXT  H  N N 323 
VAL N    N  N N 324 
VAL CA   C  N S 325 
VAL C    C  N N 326 
VAL O    O  N N 327 
VAL CB   C  N N 328 
VAL CG1  C  N N 329 
VAL CG2  C  N N 330 
VAL OXT  O  N N 331 
VAL H    H  N N 332 
VAL H2   H  N N 333 
VAL HA   H  N N 334 
VAL HB   H  N N 335 
VAL HG11 H  N N 336 
VAL HG12 H  N N 337 
VAL HG13 H  N N 338 
VAL HG21 H  N N 339 
VAL HG22 H  N N 340 
VAL HG23 H  N N 341 
VAL HXT  H  N N 342 
# 
loop_
_chem_comp_bond.comp_id 
_chem_comp_bond.atom_id_1 
_chem_comp_bond.atom_id_2 
_chem_comp_bond.value_order 
_chem_comp_bond.pdbx_aromatic_flag 
_chem_comp_bond.pdbx_stereo_config 
_chem_comp_bond.pdbx_ordinal 
ALA N   CA   sing N N 1   
ALA N   H    sing N N 2   
ALA N   H2   sing N N 3   
ALA CA  C    sing N N 4   
ALA CA  CB   sing N N 5   
ALA CA  HA   sing N N 6   
ALA C   O    doub N N 7   
ALA C   OXT  sing N N 8   
ALA CB  HB1  sing N N 9   
ALA CB  HB2  sing N N 10  
ALA CB  HB3  sing N N 11  
ALA OXT HXT  sing N N 12  
ARG N   CA   sing N N 13  
ARG N   H    sing N N 14  
ARG N   H2   sing N N 15  
ARG CA  C    sing N N 16  
ARG CA  CB   sing N N 17  
ARG CA  HA   sing N N 18  
ARG C   O    doub N N 19  
ARG C   OXT  sing N N 20  
ARG CB  CG   sing N N 21  
ARG CB  HB2  sing N N 22  
ARG CB  HB3  sing N N 23  
ARG CG  CD   sing N N 24  
ARG CG  HG2  sing N N 25  
ARG CG  HG3  sing N N 26  
ARG CD  NE   sing N N 27  
ARG CD  HD2  sing N N 28  
ARG CD  HD3  sing N N 29  
ARG NE  CZ   sing N N 30  
ARG NE  HE   sing N N 31  
ARG CZ  NH1  sing N N 32  
ARG CZ  NH2  doub N N 33  
ARG NH1 HH11 sing N N 34  
ARG NH1 HH12 sing N N 35  
ARG NH2 HH21 sing N N 36  
ARG NH2 HH22 sing N N 37  
ARG OXT HXT  sing N N 38  
ASN N   CA   sing N N 39  
ASN N   H    sing N N 40  
ASN N   H2   sing N N 41  
ASN CA  C    sing N N 42  
ASN CA  CB   sing N N 43  
ASN CA  HA   sing N N 44  
ASN C   O    doub N N 45  
ASN C   OXT  sing N N 46  
ASN CB  CG   sing N N 47  
ASN CB  HB2  sing N N 48  
ASN CB  HB3  sing N N 49  
ASN CG  OD1  doub N N 50  
ASN CG  ND2  sing N N 51  
ASN ND2 HD21 sing N N 52  
ASN ND2 HD22 sing N N 53  
ASN OXT HXT  sing N N 54  
ASP N   CA   sing N N 55  
ASP N   H    sing N N 56  
ASP N   H2   sing N N 57  
ASP CA  C    sing N N 58  
ASP CA  CB   sing N N 59  
ASP CA  HA   sing N N 60  
ASP C   O    doub N N 61  
ASP C   OXT  sing N N 62  
ASP CB  CG   sing N N 63  
ASP CB  HB2  sing N N 64  
ASP CB  HB3  sing N N 65  
ASP CG  OD1  doub N N 66  
ASP CG  OD2  sing N N 67  
ASP OD2 HD2  sing N N 68  
ASP OXT HXT  sing N N 69  
CYS N   CA   sing N N 70  
CYS N   H    sing N N 71  
CYS N   H2   sing N N 72  
CYS CA  C    sing N N 73  
CYS CA  CB   sing N N 74  
CYS CA  HA   sing N N 75  
CYS C   O    doub N N 76  
CYS C   OXT  sing N N 77  
CYS CB  SG   sing N N 78  
CYS CB  HB2  sing N N 79  
CYS CB  HB3  sing N N 80  
CYS SG  HG   sing N N 81  
CYS OXT HXT  sing N N 82  
GLU N   CA   sing N N 83  
GLU N   H    sing N N 84  
GLU N   H2   sing N N 85  
GLU CA  C    sing N N 86  
GLU CA  CB   sing N N 87  
GLU CA  HA   sing N N 88  
GLU C   O    doub N N 89  
GLU C   OXT  sing N N 90  
GLU CB  CG   sing N N 91  
GLU CB  HB2  sing N N 92  
GLU CB  HB3  sing N N 93  
GLU CG  CD   sing N N 94  
GLU CG  HG2  sing N N 95  
GLU CG  HG3  sing N N 96  
GLU CD  OE1  doub N N 97  
GLU CD  OE2  sing N N 98  
GLU OE2 HE2  sing N N 99  
GLU OXT HXT  sing N N 100 
GLY N   CA   sing N N 101 
GLY N   H    sing N N 102 
GLY N   H2   sing N N 103 
GLY CA  C    sing N N 104 
GLY CA  HA2  sing N N 105 
GLY CA  HA3  sing N N 106 
GLY C   O    doub N N 107 
GLY C   OXT  sing N N 108 
GLY OXT HXT  sing N N 109 
HOH O   H1   sing N N 110 
HOH O   H2   sing N N 111 
ILE N   CA   sing N N 112 
ILE N   H    sing N N 113 
ILE N   H2   sing N N 114 
ILE CA  C    sing N N 115 
ILE CA  CB   sing N N 116 
ILE CA  HA   sing N N 117 
ILE C   O    doub N N 118 
ILE C   OXT  sing N N 119 
ILE CB  CG1  sing N N 120 
ILE CB  CG2  sing N N 121 
ILE CB  HB   sing N N 122 
ILE CG1 CD1  sing N N 123 
ILE CG1 HG12 sing N N 124 
ILE CG1 HG13 sing N N 125 
ILE CG2 HG21 sing N N 126 
ILE CG2 HG22 sing N N 127 
ILE CG2 HG23 sing N N 128 
ILE CD1 HD11 sing N N 129 
ILE CD1 HD12 sing N N 130 
ILE CD1 HD13 sing N N 131 
ILE OXT HXT  sing N N 132 
LEU N   CA   sing N N 133 
LEU N   H    sing N N 134 
LEU N   H2   sing N N 135 
LEU CA  C    sing N N 136 
LEU CA  CB   sing N N 137 
LEU CA  HA   sing N N 138 
LEU C   O    doub N N 139 
LEU C   OXT  sing N N 140 
LEU CB  CG   sing N N 141 
LEU CB  HB2  sing N N 142 
LEU CB  HB3  sing N N 143 
LEU CG  CD1  sing N N 144 
LEU CG  CD2  sing N N 145 
LEU CG  HG   sing N N 146 
LEU CD1 HD11 sing N N 147 
LEU CD1 HD12 sing N N 148 
LEU CD1 HD13 sing N N 149 
LEU CD2 HD21 sing N N 150 
LEU CD2 HD22 sing N N 151 
LEU CD2 HD23 sing N N 152 
LEU OXT HXT  sing N N 153 
LYS N   CA   sing N N 154 
LYS N   H    sing N N 155 
LYS N   H2   sing N N 156 
LYS CA  C    sing N N 157 
LYS CA  CB   sing N N 158 
LYS CA  HA   sing N N 159 
LYS C   O    doub N N 160 
LYS C   OXT  sing N N 161 
LYS CB  CG   sing N N 162 
LYS CB  HB2  sing N N 163 
LYS CB  HB3  sing N N 164 
LYS CG  CD   sing N N 165 
LYS CG  HG2  sing N N 166 
LYS CG  HG3  sing N N 167 
LYS CD  CE   sing N N 168 
LYS CD  HD2  sing N N 169 
LYS CD  HD3  sing N N 170 
LYS CE  NZ   sing N N 171 
LYS CE  HE2  sing N N 172 
LYS CE  HE3  sing N N 173 
LYS NZ  HZ1  sing N N 174 
LYS NZ  HZ2  sing N N 175 
LYS NZ  HZ3  sing N N 176 
LYS OXT HXT  sing N N 177 
MET N   CA   sing N N 178 
MET N   H    sing N N 179 
MET N   H2   sing N N 180 
MET CA  C    sing N N 181 
MET CA  CB   sing N N 182 
MET CA  HA   sing N N 183 
MET C   O    doub N N 184 
MET C   OXT  sing N N 185 
MET CB  CG   sing N N 186 
MET CB  HB2  sing N N 187 
MET CB  HB3  sing N N 188 
MET CG  SD   sing N N 189 
MET CG  HG2  sing N N 190 
MET CG  HG3  sing N N 191 
MET SD  CE   sing N N 192 
MET CE  HE1  sing N N 193 
MET CE  HE2  sing N N 194 
MET CE  HE3  sing N N 195 
MET OXT HXT  sing N N 196 
MSE N   CA   sing N N 197 
MSE N   H    sing N N 198 
MSE N   H2   sing N N 199 
MSE CA  C    sing N N 200 
MSE CA  CB   sing N N 201 
MSE CA  HA   sing N N 202 
MSE C   O    doub N N 203 
MSE C   OXT  sing N N 204 
MSE OXT HXT  sing N N 205 
MSE CB  CG   sing N N 206 
MSE CB  HB2  sing N N 207 
MSE CB  HB3  sing N N 208 
MSE CG  SE   sing N N 209 
MSE CG  HG2  sing N N 210 
MSE CG  HG3  sing N N 211 
MSE SE  CE   sing N N 212 
MSE CE  HE1  sing N N 213 
MSE CE  HE2  sing N N 214 
MSE CE  HE3  sing N N 215 
PHE N   CA   sing N N 216 
PHE N   H    sing N N 217 
PHE N   H2   sing N N 218 
PHE CA  C    sing N N 219 
PHE CA  CB   sing N N 220 
PHE CA  HA   sing N N 221 
PHE C   O    doub N N 222 
PHE C   OXT  sing N N 223 
PHE CB  CG   sing N N 224 
PHE CB  HB2  sing N N 225 
PHE CB  HB3  sing N N 226 
PHE CG  CD1  doub Y N 227 
PHE CG  CD2  sing Y N 228 
PHE CD1 CE1  sing Y N 229 
PHE CD1 HD1  sing N N 230 
PHE CD2 CE2  doub Y N 231 
PHE CD2 HD2  sing N N 232 
PHE CE1 CZ   doub Y N 233 
PHE CE1 HE1  sing N N 234 
PHE CE2 CZ   sing Y N 235 
PHE CE2 HE2  sing N N 236 
PHE CZ  HZ   sing N N 237 
PHE OXT HXT  sing N N 238 
PRO N   CA   sing N N 239 
PRO N   CD   sing N N 240 
PRO N   H    sing N N 241 
PRO CA  C    sing N N 242 
PRO CA  CB   sing N N 243 
PRO CA  HA   sing N N 244 
PRO C   O    doub N N 245 
PRO C   OXT  sing N N 246 
PRO CB  CG   sing N N 247 
PRO CB  HB2  sing N N 248 
PRO CB  HB3  sing N N 249 
PRO CG  CD   sing N N 250 
PRO CG  HG2  sing N N 251 
PRO CG  HG3  sing N N 252 
PRO CD  HD2  sing N N 253 
PRO CD  HD3  sing N N 254 
PRO OXT HXT  sing N N 255 
SER N   CA   sing N N 256 
SER N   H    sing N N 257 
SER N   H2   sing N N 258 
SER CA  C    sing N N 259 
SER CA  CB   sing N N 260 
SER CA  HA   sing N N 261 
SER C   O    doub N N 262 
SER C   OXT  sing N N 263 
SER CB  OG   sing N N 264 
SER CB  HB2  sing N N 265 
SER CB  HB3  sing N N 266 
SER OG  HG   sing N N 267 
SER OXT HXT  sing N N 268 
THR N   CA   sing N N 269 
THR N   H    sing N N 270 
THR N   H2   sing N N 271 
THR CA  C    sing N N 272 
THR CA  CB   sing N N 273 
THR CA  HA   sing N N 274 
THR C   O    doub N N 275 
THR C   OXT  sing N N 276 
THR CB  OG1  sing N N 277 
THR CB  CG2  sing N N 278 
THR CB  HB   sing N N 279 
THR OG1 HG1  sing N N 280 
THR CG2 HG21 sing N N 281 
THR CG2 HG22 sing N N 282 
THR CG2 HG23 sing N N 283 
THR OXT HXT  sing N N 284 
TYR N   CA   sing N N 285 
TYR N   H    sing N N 286 
TYR N   H2   sing N N 287 
TYR CA  C    sing N N 288 
TYR CA  CB   sing N N 289 
TYR CA  HA   sing N N 290 
TYR C   O    doub N N 291 
TYR C   OXT  sing N N 292 
TYR CB  CG   sing N N 293 
TYR CB  HB2  sing N N 294 
TYR CB  HB3  sing N N 295 
TYR CG  CD1  doub Y N 296 
TYR CG  CD2  sing Y N 297 
TYR CD1 CE1  sing Y N 298 
TYR CD1 HD1  sing N N 299 
TYR CD2 CE2  doub Y N 300 
TYR CD2 HD2  sing N N 301 
TYR CE1 CZ   doub Y N 302 
TYR CE1 HE1  sing N N 303 
TYR CE2 CZ   sing Y N 304 
TYR CE2 HE2  sing N N 305 
TYR CZ  OH   sing N N 306 
TYR OH  HH   sing N N 307 
TYR OXT HXT  sing N N 308 
VAL N   CA   sing N N 309 
VAL N   H    sing N N 310 
VAL N   H2   sing N N 311 
VAL CA  C    sing N N 312 
VAL CA  CB   sing N N 313 
VAL CA  HA   sing N N 314 
VAL C   O    doub N N 315 
VAL C   OXT  sing N N 316 
VAL CB  CG1  sing N N 317 
VAL CB  CG2  sing N N 318 
VAL CB  HB   sing N N 319 
VAL CG1 HG11 sing N N 320 
VAL CG1 HG12 sing N N 321 
VAL CG1 HG13 sing N N 322 
VAL CG2 HG21 sing N N 323 
VAL CG2 HG22 sing N N 324 
VAL CG2 HG23 sing N N 325 
VAL OXT HXT  sing N N 326 
# 
_atom_sites.entry_id                    2D1H 
_atom_sites.fract_transf_matrix[1][1]   0.01503757 
_atom_sites.fract_transf_matrix[1][2]   -0.02578790 
_atom_sites.fract_transf_matrix[1][3]   0.00331011 
_atom_sites.fract_transf_matrix[2][1]   0.00067226 
_atom_sites.fract_transf_matrix[2][2]   0.00254902 
_atom_sites.fract_transf_matrix[2][3]   0.01680448 
_atom_sites.fract_transf_matrix[3][1]   -0.00736064 
_atom_sites.fract_transf_matrix[3][2]   -0.00417312 
_atom_sites.fract_transf_matrix[3][3]   0.00092747 
_atom_sites.fract_transf_vector[1]      0.416110 
_atom_sites.fract_transf_vector[2]      0.687160 
_atom_sites.fract_transf_vector[3]      0.868341 
# 
loop_
_atom_type.symbol 
C  
N  
O  
S  
SE 
# 
loop_
_atom_site.group_PDB 
_atom_site.id 
_atom_site.type_symbol 
_atom_site.label_atom_id 
_atom_site.label_alt_id 
_atom_site.label_comp_id 
_atom_site.label_asym_id 
_atom_site.label_entity_id 
_atom_site.label_seq_id 
_atom_site.pdbx_PDB_ins_code 
_atom_site.Cartn_x 
_atom_site.Cartn_y 
_atom_site.Cartn_z 
_atom_site.occupancy 
_atom_site.B_iso_or_equiv 
_atom_site.pdbx_formal_charge 
_atom_site.auth_seq_id 
_atom_site.auth_comp_id 
_atom_site.auth_asym_id 
_atom_site.auth_atom_id 
_atom_site.pdbx_PDB_model_num 
HETATM 1    N  N   . MSE A 1 1   ? 14.976  9.472   -10.599 1.00 91.59  ? 1    MSE A N   1 
HETATM 2    C  CA  . MSE A 1 1   ? 15.194  8.236   -9.800  1.00 93.47  ? 1    MSE A CA  1 
HETATM 3    C  C   . MSE A 1 1   ? 16.306  7.415   -10.432 1.00 96.76  ? 1    MSE A C   1 
HETATM 4    O  O   . MSE A 1 1   ? 16.764  7.727   -11.531 1.00 98.25  ? 1    MSE A O   1 
HETATM 5    C  CB  . MSE A 1 1   ? 13.910  7.411   -9.746  1.00 91.11  ? 1    MSE A CB  1 
HETATM 6    C  CG  . MSE A 1 1   ? 12.690  8.192   -9.275  1.00 87.79  ? 1    MSE A CG  1 
HETATM 7    SE SE  . MSE A 1 1   ? 11.079  7.126   -9.367  1.00 66.02  ? 1    MSE A SE  1 
HETATM 8    C  CE  . MSE A 1 1   ? 11.514  6.173   -11.000 1.00 87.20  ? 1    MSE A CE  1 
HETATM 9    N  N   . MSE A 1 2   ? 16.731  6.360   -9.743  1.00 98.74  ? 2    MSE A N   1 
HETATM 10   C  CA  . MSE A 1 2   ? 17.811  5.517   -10.242 1.00 98.54  ? 2    MSE A CA  1 
HETATM 11   C  C   . MSE A 1 2   ? 17.530  4.021   -10.229 1.00 94.41  ? 2    MSE A C   1 
HETATM 12   O  O   . MSE A 1 2   ? 16.703  3.526   -9.463  1.00 90.41  ? 2    MSE A O   1 
HETATM 13   C  CB  . MSE A 1 2   ? 19.088  5.795   -9.449  1.00 104.50 ? 2    MSE A CB  1 
HETATM 14   C  CG  . MSE A 1 2   ? 19.556  7.234   -9.537  1.00 113.05 ? 2    MSE A CG  1 
HETATM 15   SE SE  . MSE A 1 2   ? 21.047  7.586   -8.374  1.00 123.75 ? 2    MSE A SE  1 
HETATM 16   C  CE  . MSE A 1 2   ? 20.071  8.070   -6.775  1.00 122.27 ? 2    MSE A CE  1 
ATOM   17   N  N   . LYS A 1 3   ? 18.258  3.320   -11.090 1.00 91.02  ? 3    LYS A N   1 
ATOM   18   C  CA  . LYS A 1 3   ? 18.170  1.874   -11.272 1.00 88.22  ? 3    LYS A CA  1 
ATOM   19   C  C   . LYS A 1 3   ? 18.112  1.021   -9.994  1.00 82.16  ? 3    LYS A C   1 
ATOM   20   O  O   . LYS A 1 3   ? 17.101  0.360   -9.732  1.00 73.33  ? 3    LYS A O   1 
ATOM   21   C  CB  . LYS A 1 3   ? 19.348  1.427   -12.156 1.00 92.91  ? 3    LYS A CB  1 
ATOM   22   C  CG  . LYS A 1 3   ? 19.766  -0.029  -12.020 1.00 95.29  ? 3    LYS A CG  1 
ATOM   23   C  CD  . LYS A 1 3   ? 18.718  -0.989  -12.545 1.00 94.78  ? 3    LYS A CD  1 
ATOM   24   C  CE  . LYS A 1 3   ? 19.089  -2.414  -12.167 1.00 95.74  ? 3    LYS A CE  1 
ATOM   25   N  NZ  . LYS A 1 3   ? 19.225  -2.572  -10.686 1.00 89.25  ? 3    LYS A NZ  1 
ATOM   26   N  N   . GLU A 1 4   ? 19.189  1.028   -9.209  1.00 77.04  ? 4    GLU A N   1 
ATOM   27   C  CA  . GLU A 1 4   ? 19.239  0.225   -7.991  1.00 73.58  ? 4    GLU A CA  1 
ATOM   28   C  C   . GLU A 1 4   ? 18.540  0.849   -6.794  1.00 69.99  ? 4    GLU A C   1 
ATOM   29   O  O   . GLU A 1 4   ? 18.517  0.268   -5.706  1.00 67.75  ? 4    GLU A O   1 
ATOM   30   C  CB  . GLU A 1 4   ? 20.693  -0.125  -7.635  1.00 77.70  ? 4    GLU A CB  1 
ATOM   31   C  CG  . GLU A 1 4   ? 21.732  0.966   -7.900  1.00 90.13  ? 4    GLU A CG  1 
ATOM   32   C  CD  . GLU A 1 4   ? 21.686  2.117   -6.904  1.00 95.43  ? 4    GLU A CD  1 
ATOM   33   O  OE1 . GLU A 1 4   ? 21.762  1.859   -5.681  1.00 99.87  ? 4    GLU A OE1 1 
ATOM   34   O  OE2 . GLU A 1 4   ? 21.588  3.282   -7.348  1.00 97.55  ? 4    GLU A OE2 1 
ATOM   35   N  N   . LYS A 1 5   ? 17.956  2.024   -7.005  1.00 64.49  ? 5    LYS A N   1 
ATOM   36   C  CA  . LYS A 1 5   ? 17.247  2.722   -5.941  1.00 64.08  ? 5    LYS A CA  1 
ATOM   37   C  C   . LYS A 1 5   ? 15.772  2.306   -5.922  1.00 57.53  ? 5    LYS A C   1 
ATOM   38   O  O   . LYS A 1 5   ? 15.082  2.488   -4.919  1.00 55.75  ? 5    LYS A O   1 
ATOM   39   C  CB  . LYS A 1 5   ? 17.359  4.236   -6.147  1.00 67.63  ? 5    LYS A CB  1 
ATOM   40   C  CG  . LYS A 1 5   ? 18.794  4.742   -6.238  1.00 72.39  ? 5    LYS A CG  1 
ATOM   41   C  CD  . LYS A 1 5   ? 19.510  4.671   -4.901  1.00 77.13  ? 5    LYS A CD  1 
ATOM   42   C  CE  . LYS A 1 5   ? 18.931  5.677   -3.921  1.00 81.63  ? 5    LYS A CE  1 
ATOM   43   N  NZ  . LYS A 1 5   ? 19.737  5.765   -2.676  1.00 82.30  ? 5    LYS A NZ  1 
ATOM   44   N  N   . LEU A 1 6   ? 15.302  1.736   -7.029  1.00 44.23  ? 6    LEU A N   1 
ATOM   45   C  CA  . LEU A 1 6   ? 13.915  1.308   -7.138  1.00 45.38  ? 6    LEU A CA  1 
ATOM   46   C  C   . LEU A 1 6   ? 13.494  0.427   -5.965  1.00 39.28  ? 6    LEU A C   1 
ATOM   47   O  O   . LEU A 1 6   ? 12.405  0.608   -5.410  1.00 30.52  ? 6    LEU A O   1 
ATOM   48   C  CB  . LEU A 1 6   ? 13.691  0.592   -8.476  1.00 43.90  ? 6    LEU A CB  1 
ATOM   49   C  CG  . LEU A 1 6   ? 12.679  1.222   -9.448  1.00 52.14  ? 6    LEU A CG  1 
ATOM   50   C  CD1 . LEU A 1 6   ? 12.593  2.739   -9.277  1.00 41.87  ? 6    LEU A CD1 1 
ATOM   51   C  CD2 . LEU A 1 6   ? 13.083  0.877   -10.870 1.00 48.34  ? 6    LEU A CD2 1 
ATOM   52   N  N   . GLU A 1 7   ? 14.363  -0.498  -5.563  1.00 40.11  ? 7    GLU A N   1 
ATOM   53   C  CA  . GLU A 1 7   ? 14.071  -1.393  -4.434  1.00 41.58  ? 7    GLU A CA  1 
ATOM   54   C  C   . GLU A 1 7   ? 13.714  -0.648  -3.134  1.00 35.62  ? 7    GLU A C   1 
ATOM   55   O  O   . GLU A 1 7   ? 12.879  -1.110  -2.360  1.00 38.68  ? 7    GLU A O   1 
ATOM   56   C  CB  . GLU A 1 7   ? 15.272  -2.319  -4.161  1.00 47.75  ? 7    GLU A CB  1 
ATOM   57   C  CG  . GLU A 1 7   ? 15.100  -3.253  -2.944  1.00 54.58  ? 7    GLU A CG  1 
ATOM   58   C  CD  . GLU A 1 7   ? 14.445  -4.596  -3.279  1.00 64.37  ? 7    GLU A CD  1 
ATOM   59   O  OE1 . GLU A 1 7   ? 14.120  -4.843  -4.462  1.00 70.23  ? 7    GLU A OE1 1 
ATOM   60   O  OE2 . GLU A 1 7   ? 14.259  -5.418  -2.352  1.00 64.55  ? 7    GLU A OE2 1 
ATOM   61   N  N   . SER A 1 8   ? 14.346  0.495   -2.890  1.00 34.85  ? 8    SER A N   1 
ATOM   62   C  CA  . SER A 1 8   ? 14.077  1.251   -1.667  1.00 43.34  ? 8    SER A CA  1 
ATOM   63   C  C   . SER A 1 8   ? 12.710  1.912   -1.654  1.00 43.56  ? 8    SER A C   1 
ATOM   64   O  O   . SER A 1 8   ? 12.211  2.282   -0.591  1.00 48.74  ? 8    SER A O   1 
ATOM   65   C  CB  . SER A 1 8   ? 15.150  2.322   -1.446  1.00 42.44  ? 8    SER A CB  1 
ATOM   66   O  OG  . SER A 1 8   ? 15.134  3.290   -2.475  1.00 44.14  ? 8    SER A OG  1 
ATOM   67   N  N   . LYS A 1 9   ? 12.096  2.033   -2.828  1.00 44.48  ? 9    LYS A N   1 
ATOM   68   C  CA  . LYS A 1 9   ? 10.786  2.681   -2.951  1.00 39.67  ? 9    LYS A CA  1 
ATOM   69   C  C   . LYS A 1 9   ? 9.691   1.679   -3.253  1.00 37.57  ? 9    LYS A C   1 
ATOM   70   O  O   . LYS A 1 9   ? 8.604   2.055   -3.710  1.00 32.16  ? 9    LYS A O   1 
ATOM   71   C  CB  . LYS A 1 9   ? 10.838  3.720   -4.070  1.00 45.52  ? 9    LYS A CB  1 
ATOM   72   C  CG  . LYS A 1 9   ? 11.947  4.729   -3.888  1.00 55.84  ? 9    LYS A CG  1 
ATOM   73   C  CD  . LYS A 1 9   ? 12.732  4.940   -5.163  1.00 65.13  ? 9    LYS A CD  1 
ATOM   74   C  CE  . LYS A 1 9   ? 11.897  5.601   -6.248  1.00 68.38  ? 9    LYS A CE  1 
ATOM   75   N  NZ  . LYS A 1 9   ? 12.784  6.093   -7.336  1.00 61.11  ? 9    LYS A NZ  1 
ATOM   76   N  N   . LYS A 1 10  ? 9.961   0.410   -2.961  1.00 30.62  ? 10   LYS A N   1 
ATOM   77   C  CA  . LYS A 1 10  ? 9.012   -0.653  -3.246  1.00 31.62  ? 10   LYS A CA  1 
ATOM   78   C  C   . LYS A 1 10  ? 7.646   -0.496  -2.596  1.00 35.02  ? 10   LYS A C   1 
ATOM   79   O  O   . LYS A 1 10  ? 6.636   -0.903  -3.184  1.00 29.68  ? 10   LYS A O   1 
ATOM   80   C  CB  . LYS A 1 10  ? 9.627   -2.017  -2.883  1.00 34.67  ? 10   LYS A CB  1 
ATOM   81   C  CG  . LYS A 1 10  ? 9.694   -2.274  -1.399  1.00 49.47  ? 10   LYS A CG  1 
ATOM   82   C  CD  . LYS A 1 10  ? 10.833  -3.208  -1.036  1.00 60.77  ? 10   LYS A CD  1 
ATOM   83   C  CE  . LYS A 1 10  ? 10.605  -4.613  -1.540  1.00 65.10  ? 10   LYS A CE  1 
ATOM   84   N  NZ  . LYS A 1 10  ? 11.711  -5.520  -1.092  1.00 68.39  ? 10   LYS A NZ  1 
ATOM   85   N  N   . ASP A 1 11  ? 7.596   0.084   -1.395  1.00 35.72  ? 11   ASP A N   1 
ATOM   86   C  CA  . ASP A 1 11  ? 6.317   0.280   -0.710  1.00 38.55  ? 11   ASP A CA  1 
ATOM   87   C  C   . ASP A 1 11  ? 5.447   1.313   -1.430  1.00 34.76  ? 11   ASP A C   1 
ATOM   88   O  O   . ASP A 1 11  ? 4.251   1.100   -1.624  1.00 36.97  ? 11   ASP A O   1 
ATOM   89   C  CB  . ASP A 1 11  ? 6.538   0.714   0.742   1.00 43.37  ? 11   ASP A CB  1 
ATOM   90   C  CG  . ASP A 1 11  ? 7.234   -0.361  1.572   1.00 55.50  ? 11   ASP A CG  1 
ATOM   91   O  OD1 . ASP A 1 11  ? 7.079   -1.557  1.239   1.00 51.40  ? 11   ASP A OD1 1 
ATOM   92   O  OD2 . ASP A 1 11  ? 7.928   -0.013  2.554   1.00 51.47  ? 11   ASP A OD2 1 
ATOM   93   N  N   . GLU A 1 12  ? 6.060   2.425   -1.821  1.00 34.63  ? 12   GLU A N   1 
ATOM   94   C  CA  . GLU A 1 12  ? 5.370   3.494   -2.538  1.00 39.44  ? 12   GLU A CA  1 
ATOM   95   C  C   . GLU A 1 12  ? 4.816   2.961   -3.862  1.00 40.83  ? 12   GLU A C   1 
ATOM   96   O  O   . GLU A 1 12  ? 3.650   3.181   -4.216  1.00 38.50  ? 12   GLU A O   1 
ATOM   97   C  CB  . GLU A 1 12  ? 6.337   4.652   -2.838  1.00 35.64  ? 12   GLU A CB  1 
ATOM   98   C  CG  . GLU A 1 12  ? 6.841   5.424   -1.641  1.00 43.87  ? 12   GLU A CG  1 
ATOM   99   C  CD  . GLU A 1 12  ? 8.025   4.776   -0.945  1.00 51.02  ? 12   GLU A CD  1 
ATOM   100  O  OE1 . GLU A 1 12  ? 8.495   3.707   -1.383  1.00 50.74  ? 12   GLU A OE1 1 
ATOM   101  O  OE2 . GLU A 1 12  ? 8.490   5.353   0.055   1.00 54.86  ? 12   GLU A OE2 1 
ATOM   102  N  N   . ILE A 1 13  ? 5.678   2.257   -4.584  1.00 36.90  ? 13   ILE A N   1 
ATOM   103  C  CA  . ILE A 1 13  ? 5.342   1.676   -5.871  1.00 27.78  ? 13   ILE A CA  1 
ATOM   104  C  C   . ILE A 1 13  ? 4.175   0.709   -5.727  1.00 34.75  ? 13   ILE A C   1 
ATOM   105  O  O   . ILE A 1 13  ? 3.188   0.791   -6.451  1.00 28.62  ? 13   ILE A O   1 
ATOM   106  C  CB  . ILE A 1 13  ? 6.566   0.911   -6.445  1.00 32.72  ? 13   ILE A CB  1 
ATOM   107  C  CG1 . ILE A 1 13  ? 7.658   1.902   -6.829  1.00 28.55  ? 13   ILE A CG1 1 
ATOM   108  C  CG2 . ILE A 1 13  ? 6.157   0.025   -7.624  1.00 31.84  ? 13   ILE A CG2 1 
ATOM   109  C  CD1 . ILE A 1 13  ? 9.001   1.239   -7.151  1.00 37.87  ? 13   ILE A CD1 1 
ATOM   110  N  N   . ARG A 1 14  ? 4.286   -0.223  -4.786  1.00 35.84  ? 14   ARG A N   1 
ATOM   111  C  CA  . ARG A 1 14  ? 3.229   -1.205  -4.603  1.00 37.33  ? 14   ARG A CA  1 
ATOM   112  C  C   . ARG A 1 14  ? 1.908   -0.544  -4.211  1.00 30.17  ? 14   ARG A C   1 
ATOM   113  O  O   . ARG A 1 14  ? 0.864   -0.815  -4.784  1.00 34.87  ? 14   ARG A O   1 
ATOM   114  C  CB  . ARG A 1 14  ? 3.623   -2.226  -3.527  1.00 39.69  ? 14   ARG A CB  1 
ATOM   115  C  CG  . ARG A 1 14  ? 2.690   -3.419  -3.471  1.00 53.01  ? 14   ARG A CG  1 
ATOM   116  C  CD  . ARG A 1 14  ? 2.938   -4.307  -2.267  1.00 58.39  ? 14   ARG A CD  1 
ATOM   117  N  NE  . ARG A 1 14  ? 2.709   -3.599  -1.014  1.00 68.69  ? 14   ARG A NE  1 
ATOM   118  C  CZ  . ARG A 1 14  ? 3.675   -3.185  -0.198  1.00 70.48  ? 14   ARG A CZ  1 
ATOM   119  N  NH1 . ARG A 1 14  ? 4.951   -3.409  -0.497  1.00 68.28  ? 14   ARG A NH1 1 
ATOM   120  N  NH2 . ARG A 1 14  ? 3.362   -2.543  0.920   1.00 68.81  ? 14   ARG A NH2 1 
ATOM   121  N  N   . CYS A 1 15  ? 1.963   0.328   -3.225  1.00 34.45  ? 15   CYS A N   1 
ATOM   122  C  CA  . CYS A 1 15  ? 0.753   0.969   -2.752  1.00 44.29  ? 15   CYS A CA  1 
ATOM   123  C  C   . CYS A 1 15  ? 0.112   1.865   -3.806  1.00 43.90  ? 15   CYS A C   1 
ATOM   124  O  O   . CYS A 1 15  ? -1.106  1.813   -4.006  1.00 39.80  ? 15   CYS A O   1 
ATOM   125  C  CB  . CYS A 1 15  ? 1.060   1.742   -1.461  1.00 47.96  ? 15   CYS A CB  1 
ATOM   126  S  SG  . CYS A 1 15  ? -0.237  1.528   -0.204  1.00 52.60  ? 15   CYS A SG  1 
ATOM   127  N  N   . CYS A 1 16  ? 0.932   2.650   -4.509  1.00 42.02  ? 16   CYS A N   1 
ATOM   128  C  CA  . CYS A 1 16  ? 0.447   3.560   -5.548  1.00 36.53  ? 16   CYS A CA  1 
ATOM   129  C  C   . CYS A 1 16  ? -0.168  2.866   -6.770  1.00 44.49  ? 16   CYS A C   1 
ATOM   130  O  O   . CYS A 1 16  ? -1.157  3.345   -7.328  1.00 42.50  ? 16   CYS A O   1 
ATOM   131  C  CB  . CYS A 1 16  ? 1.570   4.486   -6.000  1.00 29.58  ? 16   CYS A CB  1 
ATOM   132  S  SG  . CYS A 1 16  ? 1.986   5.761   -4.783  1.00 43.35  ? 16   CYS A SG  1 
ATOM   133  N  N   . TYR A 1 17  ? 0.426   1.762   -7.207  1.00 36.73  ? 17   TYR A N   1 
ATOM   134  C  CA  . TYR A 1 17  ? -0.109  1.031   -8.343  1.00 31.14  ? 17   TYR A CA  1 
ATOM   135  C  C   . TYR A 1 17  ? -1.172  0.057   -7.839  1.00 30.52  ? 17   TYR A C   1 
ATOM   136  O  O   . TYR A 1 17  ? -1.987  -0.443  -8.608  1.00 31.51  ? 17   TYR A O   1 
ATOM   137  C  CB  . TYR A 1 17  ? 1.003   0.254   -9.057  1.00 36.86  ? 17   TYR A CB  1 
ATOM   138  C  CG  . TYR A 1 17  ? 1.946   1.091   -9.902  1.00 37.91  ? 17   TYR A CG  1 
ATOM   139  C  CD1 . TYR A 1 17  ? 1.484   1.798   -11.007 1.00 37.59  ? 17   TYR A CD1 1 
ATOM   140  C  CD2 . TYR A 1 17  ? 3.310   1.133   -9.623  1.00 37.34  ? 17   TYR A CD2 1 
ATOM   141  C  CE1 . TYR A 1 17  ? 2.355   2.527   -11.811 1.00 33.87  ? 17   TYR A CE1 1 
ATOM   142  C  CE2 . TYR A 1 17  ? 4.186   1.864   -10.422 1.00 33.28  ? 17   TYR A CE2 1 
ATOM   143  C  CZ  . TYR A 1 17  ? 3.704   2.551   -11.510 1.00 29.60  ? 17   TYR A CZ  1 
ATOM   144  O  OH  . TYR A 1 17  ? 4.582   3.271   -12.288 1.00 29.91  ? 17   TYR A OH  1 
ATOM   145  N  N   . LYS A 1 18  ? -1.176  -0.195  -6.534  1.00 37.01  ? 18   LYS A N   1 
ATOM   146  C  CA  . LYS A 1 18  ? -2.130  -1.126  -5.943  1.00 39.01  ? 18   LYS A CA  1 
ATOM   147  C  C   . LYS A 1 18  ? -1.880  -2.509  -6.536  1.00 42.30  ? 18   LYS A C   1 
ATOM   148  O  O   . LYS A 1 18  ? -2.786  -3.150  -7.085  1.00 39.44  ? 18   LYS A O   1 
ATOM   149  C  CB  . LYS A 1 18  ? -3.570  -0.707  -6.237  1.00 42.69  ? 18   LYS A CB  1 
ATOM   150  C  CG  . LYS A 1 18  ? -3.981  0.588   -5.579  1.00 58.77  ? 18   LYS A CG  1 
ATOM   151  C  CD  . LYS A 1 18  ? -5.358  1.015   -6.055  1.00 63.64  ? 18   LYS A CD  1 
ATOM   152  C  CE  . LYS A 1 18  ? -5.792  2.301   -5.378  1.00 66.02  ? 18   LYS A CE  1 
ATOM   153  N  NZ  . LYS A 1 18  ? -7.098  2.780   -5.904  1.00 79.56  ? 18   LYS A NZ  1 
ATOM   154  N  N   . ILE A 1 19  ? -0.630  -2.950  -6.453  1.00 37.48  ? 19   ILE A N   1 
ATOM   155  C  CA  . ILE A 1 19  ? -0.271  -4.260  -6.950  1.00 36.26  ? 19   ILE A CA  1 
ATOM   156  C  C   . ILE A 1 19  ? 0.176   -5.095  -5.767  1.00 39.54  ? 19   ILE A C   1 
ATOM   157  O  O   . ILE A 1 19  ? 0.311   -4.585  -4.659  1.00 38.95  ? 19   ILE A O   1 
ATOM   158  C  CB  . ILE A 1 19  ? 0.840   -4.180  -8.025  1.00 30.65  ? 19   ILE A CB  1 
ATOM   159  C  CG1 . ILE A 1 19  ? 2.037   -3.370  -7.520  1.00 30.69  ? 19   ILE A CG1 1 
ATOM   160  C  CG2 . ILE A 1 19  ? 0.257   -3.570  -9.301  1.00 34.62  ? 19   ILE A CG2 1 
ATOM   161  C  CD1 . ILE A 1 19  ? 3.154   -3.273  -8.550  1.00 32.79  ? 19   ILE A CD1 1 
ATOM   162  N  N   . THR A 1 20  ? 0.402   -6.379  -5.993  1.00 38.14  ? 20   THR A N   1 
ATOM   163  C  CA  . THR A 1 20  ? 0.796   -7.260  -4.907  1.00 39.95  ? 20   THR A CA  1 
ATOM   164  C  C   . THR A 1 20  ? 2.299   -7.322  -4.704  1.00 42.54  ? 20   THR A C   1 
ATOM   165  O  O   . THR A 1 20  ? 3.067   -6.771  -5.488  1.00 36.06  ? 20   THR A O   1 
ATOM   166  C  CB  . THR A 1 20  ? 0.293   -8.673  -5.178  1.00 43.85  ? 20   THR A CB  1 
ATOM   167  O  OG1 . THR A 1 20  ? 0.944   -9.184  -6.349  1.00 42.02  ? 20   THR A OG1 1 
ATOM   168  C  CG2 . THR A 1 20  ? -1.214  -8.658  -5.409  1.00 38.94  ? 20   THR A CG2 1 
ATOM   169  N  N   . ASP A 1 21  ? 2.716   -8.001  -3.641  1.00 42.60  ? 21   ASP A N   1 
ATOM   170  C  CA  . ASP A 1 21  ? 4.134   -8.162  -3.362  1.00 35.12  ? 21   ASP A CA  1 
ATOM   171  C  C   . ASP A 1 21  ? 4.763   -9.003  -4.474  1.00 33.01  ? 21   ASP A C   1 
ATOM   172  O  O   . ASP A 1 21  ? 5.921   -8.790  -4.823  1.00 37.58  ? 21   ASP A O   1 
ATOM   173  C  CB  . ASP A 1 21  ? 4.327   -8.840  -2.008  1.00 44.86  ? 21   ASP A CB  1 
ATOM   174  C  CG  . ASP A 1 21  ? 3.864   -7.969  -0.851  1.00 56.63  ? 21   ASP A CG  1 
ATOM   175  O  OD1 . ASP A 1 21  ? 4.491   -6.912  -0.608  1.00 61.58  ? 21   ASP A OD1 1 
ATOM   176  O  OD2 . ASP A 1 21  ? 2.870   -8.336  -0.189  1.00 66.03  ? 21   ASP A OD2 1 
ATOM   177  N  N   . THR A 1 22  ? 4.006   -9.947  -5.039  1.00 36.42  ? 22   THR A N   1 
ATOM   178  C  CA  . THR A 1 22  ? 4.559   -10.763 -6.120  1.00 40.21  ? 22   THR A CA  1 
ATOM   179  C  C   . THR A 1 22  ? 4.774   -9.855  -7.334  1.00 35.85  ? 22   THR A C   1 
ATOM   180  O  O   . THR A 1 22  ? 5.825   -9.886  -7.983  1.00 30.25  ? 22   THR A O   1 
ATOM   181  C  CB  . THR A 1 22  ? 3.621   -11.919 -6.551  1.00 38.61  ? 22   THR A CB  1 
ATOM   182  O  OG1 . THR A 1 22  ? 3.362   -12.783 -5.441  1.00 40.20  ? 22   THR A OG1 1 
ATOM   183  C  CG2 . THR A 1 22  ? 4.276   -12.739 -7.657  1.00 42.27  ? 22   THR A CG2 1 
ATOM   184  N  N   . ASP A 1 23  ? 3.770   -9.041  -7.634  1.00 33.70  ? 23   ASP A N   1 
ATOM   185  C  CA  . ASP A 1 23  ? 3.858   -8.123  -8.756  1.00 31.80  ? 23   ASP A CA  1 
ATOM   186  C  C   . ASP A 1 23  ? 5.135   -7.278  -8.646  1.00 28.60  ? 23   ASP A C   1 
ATOM   187  O  O   . ASP A 1 23  ? 5.905   -7.192  -9.586  1.00 34.99  ? 23   ASP A O   1 
ATOM   188  C  CB  . ASP A 1 23  ? 2.640   -7.180  -8.811  1.00 36.38  ? 23   ASP A CB  1 
ATOM   189  C  CG  . ASP A 1 23  ? 1.321   -7.901  -9.121  1.00 34.48  ? 23   ASP A CG  1 
ATOM   190  O  OD1 . ASP A 1 23  ? 1.328   -8.938  -9.815  1.00 31.06  ? 23   ASP A OD1 1 
ATOM   191  O  OD2 . ASP A 1 23  ? 0.257   -7.401  -8.690  1.00 36.80  ? 23   ASP A OD2 1 
ATOM   192  N  N   . VAL A 1 24  ? 5.378   -6.669  -7.491  1.00 32.00  ? 24   VAL A N   1 
ATOM   193  C  CA  . VAL A 1 24  ? 6.560   -5.823  -7.336  1.00 33.65  ? 24   VAL A CA  1 
ATOM   194  C  C   . VAL A 1 24  ? 7.894   -6.572  -7.392  1.00 29.32  ? 24   VAL A C   1 
ATOM   195  O  O   . VAL A 1 24  ? 8.858   -6.094  -7.997  1.00 29.79  ? 24   VAL A O   1 
ATOM   196  C  CB  . VAL A 1 24  ? 6.486   -4.981  -6.022  1.00 35.24  ? 24   VAL A CB  1 
ATOM   197  C  CG1 . VAL A 1 24  ? 7.719   -4.091  -5.900  1.00 40.18  ? 24   VAL A CG1 1 
ATOM   198  C  CG2 . VAL A 1 24  ? 5.251   -4.112  -6.042  1.00 35.51  ? 24   VAL A CG2 1 
ATOM   199  N  N   . ALA A 1 25  ? 7.967   -7.747  -6.777  1.00 36.66  ? 25   ALA A N   1 
ATOM   200  C  CA  . ALA A 1 25  ? 9.212   -8.516  -6.811  1.00 30.39  ? 25   ALA A CA  1 
ATOM   201  C  C   . ALA A 1 25  ? 9.537   -8.921  -8.256  1.00 29.90  ? 25   ALA A C   1 
ATOM   202  O  O   . ALA A 1 25  ? 10.694  -8.999  -8.635  1.00 35.54  ? 25   ALA A O   1 
ATOM   203  C  CB  . ALA A 1 25  ? 9.094   -9.758  -5.928  1.00 31.19  ? 25   ALA A CB  1 
ATOM   204  N  N   . VAL A 1 26  ? 8.515   -9.199  -9.056  1.00 29.35  ? 26   VAL A N   1 
ATOM   205  C  CA  . VAL A 1 26  ? 8.737   -9.574  -10.447 1.00 32.19  ? 26   VAL A CA  1 
ATOM   206  C  C   . VAL A 1 26  ? 9.329   -8.368  -11.171 1.00 28.91  ? 26   VAL A C   1 
ATOM   207  O  O   . VAL A 1 26  ? 10.349  -8.460  -11.862 1.00 27.26  ? 26   VAL A O   1 
ATOM   208  C  CB  . VAL A 1 26  ? 7.404   -10.041 -11.108 1.00 30.76  ? 26   VAL A CB  1 
ATOM   209  C  CG1 . VAL A 1 26  ? 7.534   -10.099 -12.619 1.00 31.64  ? 26   VAL A CG1 1 
ATOM   210  C  CG2 . VAL A 1 26  ? 7.032   -11.434 -10.570 1.00 33.92  ? 26   VAL A CG2 1 
ATOM   211  N  N   . LEU A 1 27  ? 8.689   -7.224  -10.984 1.00 31.94  ? 27   LEU A N   1 
ATOM   212  C  CA  . LEU A 1 27  ? 9.155   -5.978  -11.572 1.00 31.12  ? 27   LEU A CA  1 
ATOM   213  C  C   . LEU A 1 27  ? 10.622  -5.691  -11.203 1.00 32.31  ? 27   LEU A C   1 
ATOM   214  O  O   . LEU A 1 27  ? 11.481  -5.512  -12.080 1.00 34.21  ? 27   LEU A O   1 
ATOM   215  C  CB  . LEU A 1 27  ? 8.262   -4.807  -11.100 1.00 25.13  ? 27   LEU A CB  1 
ATOM   216  C  CG  . LEU A 1 27  ? 8.739   -3.461  -11.664 1.00 30.19  ? 27   LEU A CG  1 
ATOM   217  C  CD1 . LEU A 1 27  ? 8.510   -3.469  -13.174 1.00 26.23  ? 27   LEU A CD1 1 
ATOM   218  C  CD2 . LEU A 1 27  ? 8.010   -2.291  -11.006 1.00 30.22  ? 27   LEU A CD2 1 
ATOM   219  N  N   . LEU A 1 28  ? 10.919  -5.658  -9.907  1.00 29.89  ? 28   LEU A N   1 
ATOM   220  C  CA  . LEU A 1 28  ? 12.281  -5.360  -9.468  1.00 33.44  ? 28   LEU A CA  1 
ATOM   221  C  C   . LEU A 1 28  ? 13.304  -6.373  -9.966  1.00 35.18  ? 28   LEU A C   1 
ATOM   222  O  O   . LEU A 1 28  ? 14.424  -6.009  -10.310 1.00 35.34  ? 28   LEU A O   1 
ATOM   223  C  CB  . LEU A 1 28  ? 12.351  -5.251  -7.928  1.00 31.41  ? 28   LEU A CB  1 
ATOM   224  C  CG  . LEU A 1 28  ? 11.468  -4.122  -7.352  1.00 33.41  ? 28   LEU A CG  1 
ATOM   225  C  CD1 . LEU A 1 28  ? 11.332  -4.272  -5.856  1.00 33.59  ? 28   LEU A CD1 1 
ATOM   226  C  CD2 . LEU A 1 28  ? 12.067  -2.770  -7.696  1.00 36.63  ? 28   LEU A CD2 1 
ATOM   227  N  N   . LYS A 1 29  ? 12.928  -7.644  -10.004 1.00 31.01  ? 29   LYS A N   1 
ATOM   228  C  CA  . LYS A 1 29  ? 13.855  -8.665  -10.476 1.00 35.79  ? 29   LYS A CA  1 
ATOM   229  C  C   . LYS A 1 29  ? 14.169  -8.445  -11.950 1.00 31.90  ? 29   LYS A C   1 
ATOM   230  O  O   . LYS A 1 29  ? 15.308  -8.633  -12.384 1.00 34.78  ? 29   LYS A O   1 
ATOM   231  C  CB  . LYS A 1 29  ? 13.266  -10.061 -10.287 1.00 33.90  ? 29   LYS A CB  1 
ATOM   232  C  CG  . LYS A 1 29  ? 14.171  -11.194 -10.761 1.00 32.66  ? 29   LYS A CG  1 
ATOM   233  C  CD  . LYS A 1 29  ? 15.480  -11.265 -9.974  1.00 37.23  ? 29   LYS A CD  1 
ATOM   234  C  CE  . LYS A 1 29  ? 16.343  -12.414 -10.490 1.00 40.14  ? 29   LYS A CE  1 
ATOM   235  N  NZ  . LYS A 1 29  ? 17.710  -12.486 -9.908  1.00 40.78  ? 29   LYS A NZ  1 
HETATM 236  N  N   . MSE A 1 30  ? 13.164  -8.033  -12.718 1.00 32.38  ? 30   MSE A N   1 
HETATM 237  C  CA  . MSE A 1 30  ? 13.371  -7.814  -14.143 1.00 36.78  ? 30   MSE A CA  1 
HETATM 238  C  C   . MSE A 1 30  ? 14.288  -6.623  -14.374 1.00 40.29  ? 30   MSE A C   1 
HETATM 239  O  O   . MSE A 1 30  ? 15.164  -6.668  -15.240 1.00 38.61  ? 30   MSE A O   1 
HETATM 240  C  CB  . MSE A 1 30  ? 12.031  -7.622  -14.864 1.00 33.25  ? 30   MSE A CB  1 
HETATM 241  C  CG  . MSE A 1 30  ? 11.296  -8.927  -15.135 1.00 26.41  ? 30   MSE A CG  1 
HETATM 242  SE SE  . MSE A 1 30  ? 9.589   -8.615  -15.956 1.00 34.19  ? 30   MSE A SE  1 
HETATM 243  C  CE  . MSE A 1 30  ? 10.217  -7.816  -17.619 1.00 32.89  ? 30   MSE A CE  1 
ATOM   244  N  N   . VAL A 1 31  ? 14.076  -5.563  -13.601 1.00 39.33  ? 31   VAL A N   1 
ATOM   245  C  CA  . VAL A 1 31  ? 14.914  -4.378  -13.688 1.00 34.54  ? 31   VAL A CA  1 
ATOM   246  C  C   . VAL A 1 31  ? 16.370  -4.778  -13.406 1.00 39.62  ? 31   VAL A C   1 
ATOM   247  O  O   . VAL A 1 31  ? 17.273  -4.406  -14.148 1.00 35.91  ? 31   VAL A O   1 
ATOM   248  C  CB  . VAL A 1 31  ? 14.486  -3.341  -12.650 1.00 35.51  ? 31   VAL A CB  1 
ATOM   249  C  CG1 . VAL A 1 31  ? 15.549  -2.272  -12.512 1.00 34.18  ? 31   VAL A CG1 1 
ATOM   250  C  CG2 . VAL A 1 31  ? 13.155  -2.749  -13.048 1.00 33.71  ? 31   VAL A CG2 1 
ATOM   251  N  N   . GLU A 1 32  ? 16.589  -5.543  -12.336 1.00 33.68  ? 32   GLU A N   1 
ATOM   252  C  CA  . GLU A 1 32  ? 17.934  -5.958  -11.980 1.00 36.79  ? 32   GLU A CA  1 
ATOM   253  C  C   . GLU A 1 32  ? 18.676  -6.785  -13.039 1.00 38.91  ? 32   GLU A C   1 
ATOM   254  O  O   . GLU A 1 32  ? 19.832  -6.505  -13.328 1.00 36.32  ? 32   GLU A O   1 
ATOM   255  C  CB  . GLU A 1 32  ? 17.928  -6.724  -10.650 1.00 35.98  ? 32   GLU A CB  1 
ATOM   256  C  CG  . GLU A 1 32  ? 17.743  -8.237  -10.792 1.00 56.88  ? 32   GLU A CG  1 
ATOM   257  C  CD  . GLU A 1 32  ? 18.692  -9.032  -9.885  1.00 55.23  ? 32   GLU A CD  1 
ATOM   258  O  OE1 . GLU A 1 32  ? 19.053  -10.189 -10.239 1.00 44.38  ? 32   GLU A OE1 1 
ATOM   259  O  OE2 . GLU A 1 32  ? 19.070  -8.498  -8.820  1.00 47.90  ? 32   GLU A OE2 1 
ATOM   260  N  N   . ILE A 1 33  ? 18.027  -7.784  -13.638 1.00 37.98  ? 33   ILE A N   1 
ATOM   261  C  CA  . ILE A 1 33  ? 18.718  -8.630  -14.620 1.00 32.14  ? 33   ILE A CA  1 
ATOM   262  C  C   . ILE A 1 33  ? 19.093  -7.936  -15.918 1.00 32.96  ? 33   ILE A C   1 
ATOM   263  O  O   . ILE A 1 33  ? 19.998  -8.380  -16.613 1.00 36.67  ? 33   ILE A O   1 
ATOM   264  C  CB  . ILE A 1 33  ? 17.903  -9.891  -14.952 1.00 32.38  ? 33   ILE A CB  1 
ATOM   265  C  CG1 . ILE A 1 33  ? 16.552  -9.503  -15.551 1.00 31.81  ? 33   ILE A CG1 1 
ATOM   266  C  CG2 . ILE A 1 33  ? 17.753  -10.738 -13.699 1.00 32.55  ? 33   ILE A CG2 1 
ATOM   267  C  CD1 . ILE A 1 33  ? 15.618  -10.672 -15.739 1.00 41.13  ? 33   ILE A CD1 1 
ATOM   268  N  N   . GLU A 1 34  ? 18.391  -6.859  -16.257 1.00 31.43  ? 34   GLU A N   1 
ATOM   269  C  CA  . GLU A 1 34  ? 18.691  -6.089  -17.466 1.00 28.16  ? 34   GLU A CA  1 
ATOM   270  C  C   . GLU A 1 34  ? 18.747  -6.872  -18.777 1.00 33.39  ? 34   GLU A C   1 
ATOM   271  O  O   . GLU A 1 34  ? 19.622  -6.634  -19.622 1.00 39.22  ? 34   GLU A O   1 
ATOM   272  C  CB  . GLU A 1 34  ? 20.015  -5.332  -17.274 1.00 36.37  ? 34   GLU A CB  1 
ATOM   273  C  CG  . GLU A 1 34  ? 19.990  -4.286  -16.164 1.00 37.45  ? 34   GLU A CG  1 
ATOM   274  C  CD  . GLU A 1 34  ? 21.369  -3.678  -15.871 1.00 48.61  ? 34   GLU A CD  1 
ATOM   275  O  OE1 . GLU A 1 34  ? 21.434  -2.644  -15.175 1.00 60.14  ? 34   GLU A OE1 1 
ATOM   276  O  OE2 . GLU A 1 34  ? 22.395  -4.231  -16.316 1.00 45.89  ? 34   GLU A OE2 1 
ATOM   277  N  N   . LYS A 1 35  ? 17.817  -7.804  -18.962 1.00 32.76  ? 35   LYS A N   1 
ATOM   278  C  CA  . LYS A 1 35  ? 17.750  -8.593  -20.193 1.00 37.27  ? 35   LYS A CA  1 
ATOM   279  C  C   . LYS A 1 35  ? 16.371  -9.226  -20.267 1.00 39.05  ? 35   LYS A C   1 
ATOM   280  O  O   . LYS A 1 35  ? 15.715  -9.405  -19.238 1.00 35.23  ? 35   LYS A O   1 
ATOM   281  C  CB  . LYS A 1 35  ? 18.828  -9.696  -20.225 1.00 34.55  ? 35   LYS A CB  1 
ATOM   282  C  CG  . LYS A 1 35  ? 18.682  -10.760 -19.167 1.00 45.97  ? 35   LYS A CG  1 
ATOM   283  C  CD  . LYS A 1 35  ? 19.732  -11.869 -19.279 1.00 43.55  ? 35   LYS A CD  1 
ATOM   284  C  CE  . LYS A 1 35  ? 19.596  -12.817 -18.094 1.00 47.01  ? 35   LYS A CE  1 
ATOM   285  N  NZ  . LYS A 1 35  ? 20.543  -13.980 -18.093 1.00 51.61  ? 35   LYS A NZ  1 
ATOM   286  N  N   . PRO A 1 36  ? 15.903  -9.551  -21.482 1.00 36.14  ? 36   PRO A N   1 
ATOM   287  C  CA  . PRO A 1 36  ? 14.581  -10.172 -21.613 1.00 37.75  ? 36   PRO A CA  1 
ATOM   288  C  C   . PRO A 1 36  ? 14.535  -11.500 -20.862 1.00 35.59  ? 36   PRO A C   1 
ATOM   289  O  O   . PRO A 1 36  ? 15.560  -12.145 -20.665 1.00 37.21  ? 36   PRO A O   1 
ATOM   290  C  CB  . PRO A 1 36  ? 14.419  -10.338 -23.125 1.00 37.23  ? 36   PRO A CB  1 
ATOM   291  C  CG  . PRO A 1 36  ? 15.845  -10.411 -23.629 1.00 47.38  ? 36   PRO A CG  1 
ATOM   292  C  CD  . PRO A 1 36  ? 16.533  -9.355  -22.800 1.00 38.18  ? 36   PRO A CD  1 
ATOM   293  N  N   . ILE A 1 37  ? 13.341  -11.900 -20.449 1.00 30.49  ? 37   ILE A N   1 
ATOM   294  C  CA  . ILE A 1 37  ? 13.181  -13.124 -19.703 1.00 28.99  ? 37   ILE A CA  1 
ATOM   295  C  C   . ILE A 1 37  ? 11.812  -13.723 -20.009 1.00 36.19  ? 37   ILE A C   1 
ATOM   296  O  O   . ILE A 1 37  ? 10.862  -12.997 -20.299 1.00 28.26  ? 37   ILE A O   1 
ATOM   297  C  CB  . ILE A 1 37  ? 13.347  -12.835 -18.185 1.00 34.03  ? 37   ILE A CB  1 
ATOM   298  C  CG1 . ILE A 1 37  ? 13.423  -14.140 -17.391 1.00 30.22  ? 37   ILE A CG1 1 
ATOM   299  C  CG2 . ILE A 1 37  ? 12.194  -11.945 -17.681 1.00 30.42  ? 37   ILE A CG2 1 
ATOM   300  C  CD1 . ILE A 1 37  ? 13.889  -13.930 -15.946 1.00 24.59  ? 37   ILE A CD1 1 
ATOM   301  N  N   . THR A 1 38  ? 11.722  -15.051 -19.969 1.00 29.34  ? 38   THR A N   1 
ATOM   302  C  CA  . THR A 1 38  ? 10.472  -15.744 -20.242 1.00 30.17  ? 38   THR A CA  1 
ATOM   303  C  C   . THR A 1 38  ? 9.672   -15.892 -18.953 1.00 31.73  ? 38   THR A C   1 
ATOM   304  O  O   . THR A 1 38  ? 10.213  -15.775 -17.850 1.00 34.43  ? 38   THR A O   1 
ATOM   305  C  CB  . THR A 1 38  ? 10.743  -17.154 -20.807 1.00 37.17  ? 38   THR A CB  1 
ATOM   306  O  OG1 . THR A 1 38  ? 11.401  -17.925 -19.805 1.00 34.60  ? 38   THR A OG1 1 
ATOM   307  C  CG2 . THR A 1 38  ? 11.663  -17.086 -22.037 1.00 32.91  ? 38   THR A CG2 1 
ATOM   308  N  N   . SER A 1 39  ? 8.377   -16.135 -19.077 1.00 34.11  ? 39   SER A N   1 
ATOM   309  C  CA  . SER A 1 39  ? 7.582   -16.314 -17.884 1.00 32.12  ? 39   SER A CA  1 
ATOM   310  C  C   . SER A 1 39  ? 8.065   -17.593 -17.208 1.00 30.18  ? 39   SER A C   1 
ATOM   311  O  O   . SER A 1 39  ? 7.989   -17.721 -16.000 1.00 28.96  ? 39   SER A O   1 
ATOM   312  C  CB  . SER A 1 39  ? 6.092   -16.404 -18.227 1.00 39.42  ? 39   SER A CB  1 
ATOM   313  O  OG  . SER A 1 39  ? 5.800   -17.514 -19.048 1.00 37.11  ? 39   SER A OG  1 
ATOM   314  N  N   . GLU A 1 40  ? 8.589   -18.532 -17.993 1.00 36.06  ? 40   GLU A N   1 
ATOM   315  C  CA  . GLU A 1 40  ? 9.095   -19.795 -17.443 1.00 40.71  ? 40   GLU A CA  1 
ATOM   316  C  C   . GLU A 1 40  ? 10.325  -19.568 -16.552 1.00 39.20  ? 40   GLU A C   1 
ATOM   317  O  O   . GLU A 1 40  ? 10.449  -20.171 -15.490 1.00 36.05  ? 40   GLU A O   1 
ATOM   318  C  CB  . GLU A 1 40  ? 9.462   -20.764 -18.569 1.00 41.86  ? 40   GLU A CB  1 
ATOM   319  C  CG  . GLU A 1 40  ? 8.339   -21.071 -19.565 1.00 58.56  ? 40   GLU A CG  1 
ATOM   320  C  CD  . GLU A 1 40  ? 8.134   -19.978 -20.626 1.00 64.98  ? 40   GLU A CD  1 
ATOM   321  O  OE1 . GLU A 1 40  ? 7.458   -18.971 -20.343 1.00 59.50  ? 40   GLU A OE1 1 
ATOM   322  O  OE2 . GLU A 1 40  ? 8.658   -20.127 -21.753 1.00 73.87  ? 40   GLU A OE2 1 
ATOM   323  N  N   . GLU A 1 41  ? 11.234  -18.705 -16.997 1.00 37.59  ? 41   GLU A N   1 
ATOM   324  C  CA  . GLU A 1 41  ? 12.444  -18.392 -16.231 1.00 42.58  ? 41   GLU A CA  1 
ATOM   325  C  C   . GLU A 1 41  ? 12.041  -17.703 -14.930 1.00 37.80  ? 41   GLU A C   1 
ATOM   326  O  O   . GLU A 1 41  ? 12.577  -17.997 -13.865 1.00 39.25  ? 41   GLU A O   1 
ATOM   327  C  CB  . GLU A 1 41  ? 13.377  -17.491 -17.072 1.00 39.60  ? 41   GLU A CB  1 
ATOM   328  C  CG  . GLU A 1 41  ? 13.717  -18.143 -18.413 1.00 57.81  ? 41   GLU A CG  1 
ATOM   329  C  CD  . GLU A 1 41  ? 14.389  -17.226 -19.438 1.00 59.05  ? 41   GLU A CD  1 
ATOM   330  O  OE1 . GLU A 1 41  ? 13.952  -16.071 -19.623 1.00 54.09  ? 41   GLU A OE1 1 
ATOM   331  O  OE2 . GLU A 1 41  ? 15.347  -17.686 -20.090 1.00 59.91  ? 41   GLU A OE2 1 
ATOM   332  N  N   . LEU A 1 42  ? 11.080  -16.790 -15.009 1.00 25.71  ? 42   LEU A N   1 
ATOM   333  C  CA  . LEU A 1 42  ? 10.617  -16.110 -13.808 1.00 27.63  ? 42   LEU A CA  1 
ATOM   334  C  C   . LEU A 1 42  ? 9.924   -17.091 -12.830 1.00 31.37  ? 42   LEU A C   1 
ATOM   335  O  O   . LEU A 1 42  ? 10.083  -16.977 -11.622 1.00 31.52  ? 42   LEU A O   1 
ATOM   336  C  CB  . LEU A 1 42  ? 9.665   -14.974 -14.175 1.00 29.54  ? 42   LEU A CB  1 
ATOM   337  C  CG  . LEU A 1 42  ? 10.305  -13.712 -14.742 1.00 28.04  ? 42   LEU A CG  1 
ATOM   338  C  CD1 . LEU A 1 42  ? 9.227   -12.803 -15.340 1.00 26.19  ? 42   LEU A CD1 1 
ATOM   339  C  CD2 . LEU A 1 42  ? 11.047  -12.983 -13.648 1.00 25.22  ? 42   LEU A CD2 1 
ATOM   340  N  N   . ALA A 1 43  ? 9.152   -18.039 -13.360 1.00 30.04  ? 43   ALA A N   1 
ATOM   341  C  CA  . ALA A 1 43  ? 8.478   -19.022 -12.529 1.00 30.00  ? 43   ALA A CA  1 
ATOM   342  C  C   . ALA A 1 43  ? 9.501   -19.825 -11.702 1.00 27.83  ? 43   ALA A C   1 
ATOM   343  O  O   . ALA A 1 43  ? 9.252   -20.161 -10.545 1.00 33.15  ? 43   ALA A O   1 
ATOM   344  C  CB  . ALA A 1 43  ? 7.658   -19.963 -13.415 1.00 29.35  ? 43   ALA A CB  1 
ATOM   345  N  N   . ASP A 1 44  ? 10.649  -20.113 -12.306 1.00 33.08  ? 44   ASP A N   1 
ATOM   346  C  CA  . ASP A 1 44  ? 11.719  -20.867 -11.642 1.00 35.72  ? 44   ASP A CA  1 
ATOM   347  C  C   . ASP A 1 44  ? 12.392  -20.049 -10.530 1.00 37.87  ? 44   ASP A C   1 
ATOM   348  O  O   . ASP A 1 44  ? 12.654  -20.551 -9.439  1.00 33.50  ? 44   ASP A O   1 
ATOM   349  C  CB  . ASP A 1 44  ? 12.756  -21.301 -12.678 1.00 43.56  ? 44   ASP A CB  1 
ATOM   350  C  CG  . ASP A 1 44  ? 13.896  -22.106 -12.060 1.00 55.26  ? 44   ASP A CG  1 
ATOM   351  O  OD1 . ASP A 1 44  ? 13.642  -23.229 -11.564 1.00 48.20  ? 44   ASP A OD1 1 
ATOM   352  O  OD2 . ASP A 1 44  ? 15.045  -21.607 -12.061 1.00 52.53  ? 44   ASP A OD2 1 
ATOM   353  N  N   . ILE A 1 45  ? 12.670  -18.782 -10.815 1.00 34.55  ? 45   ILE A N   1 
ATOM   354  C  CA  . ILE A 1 45  ? 13.273  -17.873 -9.846  1.00 34.00  ? 45   ILE A CA  1 
ATOM   355  C  C   . ILE A 1 45  ? 12.415  -17.763 -8.566  1.00 38.63  ? 45   ILE A C   1 
ATOM   356  O  O   . ILE A 1 45  ? 12.926  -17.858 -7.439  1.00 30.02  ? 45   ILE A O   1 
ATOM   357  C  CB  . ILE A 1 45  ? 13.402  -16.456 -10.453 1.00 28.95  ? 45   ILE A CB  1 
ATOM   358  C  CG1 . ILE A 1 45  ? 14.472  -16.464 -11.541 1.00 40.92  ? 45   ILE A CG1 1 
ATOM   359  C  CG2 . ILE A 1 45  ? 13.645  -15.428 -9.355  1.00 30.73  ? 45   ILE A CG2 1 
ATOM   360  C  CD1 . ILE A 1 45  ? 14.618  -15.152 -12.280 1.00 36.46  ? 45   ILE A CD1 1 
ATOM   361  N  N   . PHE A 1 46  ? 11.110  -17.558 -8.739  1.00 32.39  ? 46   PHE A N   1 
ATOM   362  C  CA  . PHE A 1 46  ? 10.219  -17.407 -7.594  1.00 32.59  ? 46   PHE A CA  1 
ATOM   363  C  C   . PHE A 1 46  ? 9.512   -18.683 -7.181  1.00 29.46  ? 46   PHE A C   1 
ATOM   364  O  O   . PHE A 1 46  ? 8.783   -18.673 -6.205  1.00 34.52  ? 46   PHE A O   1 
ATOM   365  C  CB  . PHE A 1 46  ? 9.142   -16.333 -7.861  1.00 29.91  ? 46   PHE A CB  1 
ATOM   366  C  CG  . PHE A 1 46  ? 9.699   -14.956 -8.105  1.00 27.55  ? 46   PHE A CG  1 
ATOM   367  C  CD1 . PHE A 1 46  ? 9.941   -14.509 -9.398  1.00 23.52  ? 46   PHE A CD1 1 
ATOM   368  C  CD2 . PHE A 1 46  ? 10.043  -14.137 -7.040  1.00 40.68  ? 46   PHE A CD2 1 
ATOM   369  C  CE1 . PHE A 1 46  ? 10.517  -13.250 -9.627  1.00 37.83  ? 46   PHE A CE1 1 
ATOM   370  C  CE2 . PHE A 1 46  ? 10.615  -12.882 -7.254  1.00 41.53  ? 46   PHE A CE2 1 
ATOM   371  C  CZ  . PHE A 1 46  ? 10.860  -12.440 -8.549  1.00 39.52  ? 46   PHE A CZ  1 
ATOM   372  N  N   . LYS A 1 47  ? 9.720   -19.763 -7.927  1.00 32.49  ? 47   LYS A N   1 
ATOM   373  C  CA  . LYS A 1 47  ? 9.048   -21.020 -7.636  1.00 34.85  ? 47   LYS A CA  1 
ATOM   374  C  C   . LYS A 1 47  ? 7.530   -20.791 -7.589  1.00 39.46  ? 47   LYS A C   1 
ATOM   375  O  O   . LYS A 1 47  ? 6.851   -21.179 -6.638  1.00 32.85  ? 47   LYS A O   1 
ATOM   376  C  CB  . LYS A 1 47  ? 9.556   -21.612 -6.312  1.00 40.86  ? 47   LYS A CB  1 
ATOM   377  C  CG  . LYS A 1 47  ? 10.981  -22.187 -6.422  1.00 40.40  ? 47   LYS A CG  1 
ATOM   378  C  CD  . LYS A 1 47  ? 11.000  -23.280 -7.478  1.00 46.92  ? 47   LYS A CD  1 
ATOM   379  C  CE  . LYS A 1 47  ? 12.359  -23.954 -7.607  1.00 53.36  ? 47   LYS A CE  1 
ATOM   380  N  NZ  . LYS A 1 47  ? 13.356  -23.044 -8.213  1.00 56.64  ? 47   LYS A NZ  1 
ATOM   381  N  N   . LEU A 1 48  ? 7.008   -20.129 -8.620  1.00 40.87  ? 48   LEU A N   1 
ATOM   382  C  CA  . LEU A 1 48  ? 5.575   -19.873 -8.721  1.00 38.67  ? 48   LEU A CA  1 
ATOM   383  C  C   . LEU A 1 48  ? 5.170   -20.529 -10.029 1.00 35.08  ? 48   LEU A C   1 
ATOM   384  O  O   . LEU A 1 48  ? 6.032   -20.892 -10.817 1.00 36.57  ? 48   LEU A O   1 
ATOM   385  C  CB  . LEU A 1 48  ? 5.273   -18.357 -8.738  1.00 36.36  ? 48   LEU A CB  1 
ATOM   386  C  CG  . LEU A 1 48  ? 5.541   -17.603 -7.425  1.00 37.08  ? 48   LEU A CG  1 
ATOM   387  C  CD1 . LEU A 1 48  ? 5.341   -16.108 -7.610  1.00 34.22  ? 48   LEU A CD1 1 
ATOM   388  C  CD2 . LEU A 1 48  ? 4.625   -18.138 -6.318  1.00 37.11  ? 48   LEU A CD2 1 
ATOM   389  N  N   . SER A 1 49  ? 3.874   -20.711 -10.257 1.00 32.14  ? 49   SER A N   1 
ATOM   390  C  CA  . SER A 1 49  ? 3.447   -21.331 -11.505 1.00 37.28  ? 49   SER A CA  1 
ATOM   391  C  C   . SER A 1 49  ? 3.505   -20.297 -12.624 1.00 40.97  ? 49   SER A C   1 
ATOM   392  O  O   . SER A 1 49  ? 3.492   -19.078 -12.372 1.00 32.88  ? 49   SER A O   1 
ATOM   393  C  CB  . SER A 1 49  ? 2.021   -21.896 -11.387 1.00 34.12  ? 49   SER A CB  1 
ATOM   394  O  OG  . SER A 1 49  ? 1.065   -20.877 -11.142 1.00 36.71  ? 49   SER A OG  1 
ATOM   395  N  N   . LYS A 1 50  ? 3.596   -20.797 -13.850 1.00 33.04  ? 50   LYS A N   1 
ATOM   396  C  CA  . LYS A 1 50  ? 3.642   -19.967 -15.045 1.00 36.90  ? 50   LYS A CA  1 
ATOM   397  C  C   . LYS A 1 50  ? 2.430   -19.024 -15.067 1.00 37.04  ? 50   LYS A C   1 
ATOM   398  O  O   . LYS A 1 50  ? 2.554   -17.859 -15.440 1.00 40.35  ? 50   LYS A O   1 
ATOM   399  C  CB  . LYS A 1 50  ? 3.609   -20.863 -16.280 1.00 42.06  ? 50   LYS A CB  1 
ATOM   400  C  CG  . LYS A 1 50  ? 4.523   -20.449 -17.408 1.00 51.87  ? 50   LYS A CG  1 
ATOM   401  C  CD  . LYS A 1 50  ? 4.460   -21.475 -18.524 1.00 48.04  ? 50   LYS A CD  1 
ATOM   402  C  CE  . LYS A 1 50  ? 3.097   -21.479 -19.207 1.00 60.59  ? 50   LYS A CE  1 
ATOM   403  N  NZ  . LYS A 1 50  ? 2.936   -20.352 -20.188 1.00 52.42  ? 50   LYS A NZ  1 
ATOM   404  N  N   . THR A 1 51  ? 1.266   -19.519 -14.649 1.00 33.42  ? 51   THR A N   1 
ATOM   405  C  CA  . THR A 1 51  ? 0.054   -18.699 -14.659 1.00 38.21  ? 51   THR A CA  1 
ATOM   406  C  C   . THR A 1 51  ? 0.100   -17.558 -13.651 1.00 37.66  ? 51   THR A C   1 
ATOM   407  O  O   . THR A 1 51  ? -0.298  -16.440 -13.972 1.00 36.92  ? 51   THR A O   1 
ATOM   408  C  CB  . THR A 1 51  ? -1.204  -19.552 -14.422 1.00 34.98  ? 51   THR A CB  1 
ATOM   409  O  OG1 . THR A 1 51  ? -1.246  -20.609 -15.388 1.00 39.95  ? 51   THR A OG1 1 
ATOM   410  C  CG2 . THR A 1 51  ? -2.453  -18.721 -14.592 1.00 35.70  ? 51   THR A CG2 1 
ATOM   411  N  N   . THR A 1 52  ? 0.587   -17.823 -12.439 1.00 36.79  ? 52   THR A N   1 
ATOM   412  C  CA  . THR A 1 52  ? 0.693   -16.760 -11.447 1.00 35.94  ? 52   THR A CA  1 
ATOM   413  C  C   . THR A 1 52  ? 1.627   -15.666 -11.998 1.00 35.73  ? 52   THR A C   1 
ATOM   414  O  O   . THR A 1 52  ? 1.310   -14.469 -11.959 1.00 36.47  ? 52   THR A O   1 
ATOM   415  C  CB  . THR A 1 52  ? 1.272   -17.278 -10.131 1.00 39.88  ? 52   THR A CB  1 
ATOM   416  O  OG1 . THR A 1 52  ? 0.369   -18.231 -9.552  1.00 37.64  ? 52   THR A OG1 1 
ATOM   417  C  CG2 . THR A 1 52  ? 1.496   -16.118 -9.155  1.00 29.47  ? 52   THR A CG2 1 
ATOM   418  N  N   . VAL A 1 53  ? 2.770   -16.088 -12.527 1.00 31.85  ? 53   VAL A N   1 
ATOM   419  C  CA  . VAL A 1 53  ? 3.749   -15.157 -13.091 1.00 32.22  ? 53   VAL A CA  1 
ATOM   420  C  C   . VAL A 1 53  ? 3.136   -14.344 -14.238 1.00 35.12  ? 53   VAL A C   1 
ATOM   421  O  O   . VAL A 1 53  ? 3.255   -13.123 -14.274 1.00 34.36  ? 53   VAL A O   1 
ATOM   422  C  CB  . VAL A 1 53  ? 4.996   -15.933 -13.609 1.00 31.74  ? 53   VAL A CB  1 
ATOM   423  C  CG1 . VAL A 1 53  ? 5.917   -15.001 -14.425 1.00 29.39  ? 53   VAL A CG1 1 
ATOM   424  C  CG2 . VAL A 1 53  ? 5.758   -16.513 -12.418 1.00 28.50  ? 53   VAL A CG2 1 
ATOM   425  N  N   . GLU A 1 54  ? 2.474   -15.014 -15.177 1.00 35.84  ? 54   GLU A N   1 
ATOM   426  C  CA  . GLU A 1 54  ? 1.885   -14.285 -16.296 1.00 36.06  ? 54   GLU A CA  1 
ATOM   427  C  C   . GLU A 1 54  ? 0.796   -13.308 -15.864 1.00 32.89  ? 54   GLU A C   1 
ATOM   428  O  O   . GLU A 1 54  ? 0.598   -12.287 -16.513 1.00 34.99  ? 54   GLU A O   1 
ATOM   429  C  CB  . GLU A 1 54  ? 1.398   -15.258 -17.364 1.00 31.73  ? 54   GLU A CB  1 
ATOM   430  C  CG  . GLU A 1 54  ? 2.594   -15.966 -17.986 1.00 32.79  ? 54   GLU A CG  1 
ATOM   431  C  CD  . GLU A 1 54  ? 2.236   -17.073 -18.950 1.00 38.98  ? 54   GLU A CD  1 
ATOM   432  O  OE1 . GLU A 1 54  ? 1.189   -17.726 -18.760 1.00 50.68  ? 54   GLU A OE1 1 
ATOM   433  O  OE2 . GLU A 1 54  ? 3.021   -17.306 -19.889 1.00 44.34  ? 54   GLU A OE2 1 
ATOM   434  N  N   . ASN A 1 55  ? 0.123   -13.596 -14.755 1.00 34.91  ? 55   ASN A N   1 
ATOM   435  C  CA  . ASN A 1 55  ? -0.888  -12.676 -14.247 1.00 40.35  ? 55   ASN A CA  1 
ATOM   436  C  C   . ASN A 1 55  ? -0.188  -11.420 -13.733 1.00 37.97  ? 55   ASN A C   1 
ATOM   437  O  O   . ASN A 1 55  ? -0.737  -10.324 -13.817 1.00 36.29  ? 55   ASN A O   1 
ATOM   438  C  CB  . ASN A 1 55  ? -1.700  -13.314 -13.122 1.00 45.47  ? 55   ASN A CB  1 
ATOM   439  C  CG  . ASN A 1 55  ? -2.835  -14.173 -13.638 1.00 49.68  ? 55   ASN A CG  1 
ATOM   440  O  OD1 . ASN A 1 55  ? -3.562  -14.782 -12.863 1.00 57.22  ? 55   ASN A OD1 1 
ATOM   441  N  ND2 . ASN A 1 55  ? -2.996  -14.220 -14.954 1.00 59.12  ? 55   ASN A ND2 1 
ATOM   442  N  N   . SER A 1 56  ? 1.019   -11.578 -13.188 1.00 33.36  ? 56   SER A N   1 
ATOM   443  C  CA  . SER A 1 56  ? 1.766   -10.427 -12.716 1.00 31.46  ? 56   SER A CA  1 
ATOM   444  C  C   . SER A 1 56  ? 2.260   -9.675  -13.940 1.00 30.79  ? 56   SER A C   1 
ATOM   445  O  O   . SER A 1 56  ? 2.142   -8.450  -14.006 1.00 29.81  ? 56   SER A O   1 
ATOM   446  C  CB  . SER A 1 56  ? 2.984   -10.848 -11.892 1.00 39.72  ? 56   SER A CB  1 
ATOM   447  O  OG  . SER A 1 56  ? 2.607   -11.573 -10.754 1.00 42.08  ? 56   SER A OG  1 
ATOM   448  N  N   . LEU A 1 57  ? 2.819   -10.406 -14.908 1.00 28.79  ? 57   LEU A N   1 
ATOM   449  C  CA  . LEU A 1 57  ? 3.342   -9.771  -16.126 1.00 31.68  ? 57   LEU A CA  1 
ATOM   450  C  C   . LEU A 1 57  ? 2.255   -8.970  -16.866 1.00 32.98  ? 57   LEU A C   1 
ATOM   451  O  O   . LEU A 1 57  ? 2.497   -7.845  -17.315 1.00 33.63  ? 57   LEU A O   1 
ATOM   452  C  CB  . LEU A 1 57  ? 3.966   -10.826 -17.058 1.00 30.19  ? 57   LEU A CB  1 
ATOM   453  C  CG  . LEU A 1 57  ? 5.258   -11.505 -16.563 1.00 26.57  ? 57   LEU A CG  1 
ATOM   454  C  CD1 . LEU A 1 57  ? 5.692   -12.581 -17.545 1.00 25.17  ? 57   LEU A CD1 1 
ATOM   455  C  CD2 . LEU A 1 57  ? 6.352   -10.478 -16.411 1.00 22.62  ? 57   LEU A CD2 1 
ATOM   456  N  N   . LYS A 1 58  ? 1.056   -9.539  -16.974 1.00 34.79  ? 58   LYS A N   1 
ATOM   457  C  CA  . LYS A 1 58  ? -0.071  -8.852  -17.632 1.00 36.63  ? 58   LYS A CA  1 
ATOM   458  C  C   . LYS A 1 58  ? -0.378  -7.519  -16.944 1.00 37.96  ? 58   LYS A C   1 
ATOM   459  O  O   . LYS A 1 58  ? -0.691  -6.510  -17.589 1.00 32.88  ? 58   LYS A O   1 
ATOM   460  C  CB  . LYS A 1 58  ? -1.308  -9.742  -17.582 1.00 36.45  ? 58   LYS A CB  1 
ATOM   461  C  CG  . LYS A 1 58  ? -2.578  -9.097  -18.095 1.00 57.73  ? 58   LYS A CG  1 
ATOM   462  C  CD  . LYS A 1 58  ? -3.792  -10.005 -17.872 1.00 67.02  ? 58   LYS A CD  1 
ATOM   463  C  CE  . LYS A 1 58  ? -3.706  -11.280 -18.705 1.00 76.24  ? 58   LYS A CE  1 
ATOM   464  N  NZ  . LYS A 1 58  ? -2.494  -12.114 -18.422 1.00 76.58  ? 58   LYS A NZ  1 
ATOM   465  N  N   . LYS A 1 59  ? -0.307  -7.512  -15.619 1.00 37.85  ? 59   LYS A N   1 
ATOM   466  C  CA  . LYS A 1 59  ? -0.576  -6.288  -14.877 1.00 35.93  ? 59   LYS A CA  1 
ATOM   467  C  C   . LYS A 1 59  ? 0.523   -5.235  -15.096 1.00 35.74  ? 59   LYS A C   1 
ATOM   468  O  O   . LYS A 1 59  ? 0.226   -4.058  -15.287 1.00 33.18  ? 59   LYS A O   1 
ATOM   469  C  CB  . LYS A 1 59  ? -0.710  -6.599  -13.386 1.00 38.39  ? 59   LYS A CB  1 
ATOM   470  C  CG  . LYS A 1 59  ? -0.973  -5.374  -12.532 1.00 46.08  ? 59   LYS A CG  1 
ATOM   471  C  CD  . LYS A 1 59  ? -2.332  -4.768  -12.843 1.00 61.03  ? 59   LYS A CD  1 
ATOM   472  C  CE  . LYS A 1 59  ? -2.602  -3.556  -11.966 1.00 62.74  ? 59   LYS A CE  1 
ATOM   473  N  NZ  . LYS A 1 59  ? -3.959  -3.003  -12.215 1.00 69.00  ? 59   LYS A NZ  1 
ATOM   474  N  N   . LEU A 1 60  ? 1.789   -5.648  -15.052 1.00 26.81  ? 60   LEU A N   1 
ATOM   475  C  CA  . LEU A 1 60  ? 2.887   -4.713  -15.266 1.00 28.81  ? 60   LEU A CA  1 
ATOM   476  C  C   . LEU A 1 60  ? 2.863   -4.174  -16.705 1.00 30.32  ? 60   LEU A C   1 
ATOM   477  O  O   . LEU A 1 60  ? 3.313   -3.063  -16.965 1.00 30.81  ? 60   LEU A O   1 
ATOM   478  C  CB  . LEU A 1 60  ? 4.235   -5.385  -14.967 1.00 31.86  ? 60   LEU A CB  1 
ATOM   479  C  CG  . LEU A 1 60  ? 4.427   -5.913  -13.531 1.00 35.18  ? 60   LEU A CG  1 
ATOM   480  C  CD1 . LEU A 1 60  ? 5.635   -6.817  -13.459 1.00 26.35  ? 60   LEU A CD1 1 
ATOM   481  C  CD2 . LEU A 1 60  ? 4.571   -4.771  -12.555 1.00 27.17  ? 60   LEU A CD2 1 
ATOM   482  N  N   . ILE A 1 61  ? 2.334   -4.964  -17.633 1.00 30.47  ? 61   ILE A N   1 
ATOM   483  C  CA  . ILE A 1 61  ? 2.226   -4.559  -19.036 1.00 33.17  ? 61   ILE A CA  1 
ATOM   484  C  C   . ILE A 1 61  ? 1.138   -3.486  -19.129 1.00 38.97  ? 61   ILE A C   1 
ATOM   485  O  O   . ILE A 1 61  ? 1.346   -2.451  -19.747 1.00 36.47  ? 61   ILE A O   1 
ATOM   486  C  CB  . ILE A 1 61  ? 1.834   -5.761  -19.959 1.00 37.92  ? 61   ILE A CB  1 
ATOM   487  C  CG1 . ILE A 1 61  ? 3.022   -6.711  -20.123 1.00 29.45  ? 61   ILE A CG1 1 
ATOM   488  C  CG2 . ILE A 1 61  ? 1.382   -5.264  -21.351 1.00 31.43  ? 61   ILE A CG2 1 
ATOM   489  C  CD1 . ILE A 1 61  ? 2.667   -7.943  -20.899 1.00 28.26  ? 61   ILE A CD1 1 
ATOM   490  N  N   . GLU A 1 62  ? -0.008  -3.727  -18.492 1.00 37.17  ? 62   GLU A N   1 
ATOM   491  C  CA  . GLU A 1 62  ? -1.110  -2.763  -18.516 1.00 46.20  ? 62   GLU A CA  1 
ATOM   492  C  C   . GLU A 1 62  ? -0.713  -1.457  -17.826 1.00 40.78  ? 62   GLU A C   1 
ATOM   493  O  O   . GLU A 1 62  ? -1.304  -0.415  -18.064 1.00 44.84  ? 62   GLU A O   1 
ATOM   494  C  CB  . GLU A 1 62  ? -2.355  -3.333  -17.823 1.00 52.03  ? 62   GLU A CB  1 
ATOM   495  C  CG  . GLU A 1 62  ? -2.365  -3.168  -16.310 1.00 71.42  ? 62   GLU A CG  1 
ATOM   496  C  CD  . GLU A 1 62  ? -3.745  -3.385  -15.705 1.00 78.83  ? 62   GLU A CD  1 
ATOM   497  O  OE1 . GLU A 1 62  ? -4.301  -4.495  -15.867 1.00 76.70  ? 62   GLU A OE1 1 
ATOM   498  O  OE2 . GLU A 1 62  ? -4.271  -2.441  -15.070 1.00 79.82  ? 62   GLU A OE2 1 
ATOM   499  N  N   . LEU A 1 63  ? 0.288   -1.532  -16.961 1.00 35.96  ? 63   LEU A N   1 
ATOM   500  C  CA  . LEU A 1 63  ? 0.777   -0.364  -16.239 1.00 34.77  ? 63   LEU A CA  1 
ATOM   501  C  C   . LEU A 1 63  ? 1.827   0.351   -17.101 1.00 32.25  ? 63   LEU A C   1 
ATOM   502  O  O   . LEU A 1 63  ? 2.273   1.447   -16.777 1.00 36.28  ? 63   LEU A O   1 
ATOM   503  C  CB  . LEU A 1 63  ? 1.389   -0.829  -14.909 1.00 35.52  ? 63   LEU A CB  1 
ATOM   504  C  CG  . LEU A 1 63  ? 0.774   -0.478  -13.547 1.00 41.62  ? 63   LEU A CG  1 
ATOM   505  C  CD1 . LEU A 1 63  ? -0.668  -0.052  -13.650 1.00 35.24  ? 63   LEU A CD1 1 
ATOM   506  C  CD2 . LEU A 1 63  ? 0.939   -1.686  -12.624 1.00 43.34  ? 63   LEU A CD2 1 
ATOM   507  N  N   . GLY A 1 64  ? 2.229   -0.297  -18.189 1.00 31.72  ? 64   GLY A N   1 
ATOM   508  C  CA  . GLY A 1 64  ? 3.213   0.273   -19.086 1.00 31.95  ? 64   GLY A CA  1 
ATOM   509  C  C   . GLY A 1 64  ? 4.631   0.107   -18.583 1.00 34.45  ? 64   GLY A C   1 
ATOM   510  O  O   . GLY A 1 64  ? 5.543   0.764   -19.073 1.00 32.09  ? 64   GLY A O   1 
ATOM   511  N  N   . LEU A 1 65  ? 4.827   -0.772  -17.602 1.00 30.68  ? 65   LEU A N   1 
ATOM   512  C  CA  . LEU A 1 65  ? 6.158   -0.986  -17.049 1.00 29.68  ? 65   LEU A CA  1 
ATOM   513  C  C   . LEU A 1 65  ? 6.935   -2.093  -17.769 1.00 33.99  ? 65   LEU A C   1 
ATOM   514  O  O   . LEU A 1 65  ? 8.171   -2.073  -17.815 1.00 29.94  ? 65   LEU A O   1 
ATOM   515  C  CB  . LEU A 1 65  ? 6.037   -1.295  -15.548 1.00 28.09  ? 65   LEU A CB  1 
ATOM   516  C  CG  . LEU A 1 65  ? 5.343   -0.140  -14.800 1.00 37.65  ? 65   LEU A CG  1 
ATOM   517  C  CD1 . LEU A 1 65  ? 5.165   -0.450  -13.305 1.00 34.73  ? 65   LEU A CD1 1 
ATOM   518  C  CD2 . LEU A 1 65  ? 6.178   1.126   -15.001 1.00 28.53  ? 65   LEU A CD2 1 
ATOM   519  N  N   . VAL A 1 66  ? 6.204   -3.039  -18.351 1.00 34.63  ? 66   VAL A N   1 
ATOM   520  C  CA  . VAL A 1 66  ? 6.808   -4.162  -19.060 1.00 38.72  ? 66   VAL A CA  1 
ATOM   521  C  C   . VAL A 1 66  ? 6.320   -4.323  -20.504 1.00 40.17  ? 66   VAL A C   1 
ATOM   522  O  O   . VAL A 1 66  ? 5.193   -3.955  -20.836 1.00 35.00  ? 66   VAL A O   1 
ATOM   523  C  CB  . VAL A 1 66  ? 6.542   -5.473  -18.279 1.00 35.07  ? 66   VAL A CB  1 
ATOM   524  C  CG1 . VAL A 1 66  ? 6.808   -6.695  -19.146 1.00 25.89  ? 66   VAL A CG1 1 
ATOM   525  C  CG2 . VAL A 1 66  ? 7.416   -5.496  -17.035 1.00 38.57  ? 66   VAL A CG2 1 
ATOM   526  N  N   . VAL A 1 67  ? 7.185   -4.890  -21.343 1.00 42.66  ? 67   VAL A N   1 
ATOM   527  C  CA  . VAL A 1 67  ? 6.892   -5.142  -22.754 1.00 43.30  ? 67   VAL A CA  1 
ATOM   528  C  C   . VAL A 1 67  ? 6.952   -6.650  -23.078 1.00 44.58  ? 67   VAL A C   1 
ATOM   529  O  O   . VAL A 1 67  ? 7.922   -7.330  -22.752 1.00 42.90  ? 67   VAL A O   1 
ATOM   530  C  CB  . VAL A 1 67  ? 7.913   -4.418  -23.673 1.00 44.58  ? 67   VAL A CB  1 
ATOM   531  C  CG1 . VAL A 1 67  ? 7.559   -4.653  -25.153 1.00 38.38  ? 67   VAL A CG1 1 
ATOM   532  C  CG2 . VAL A 1 67  ? 7.941   -2.934  -23.355 1.00 46.97  ? 67   VAL A CG2 1 
ATOM   533  N  N   . ARG A 1 68  ? 5.909   -7.158  -23.726 1.00 38.67  ? 68   ARG A N   1 
ATOM   534  C  CA  . ARG A 1 68  ? 5.836   -8.562  -24.112 1.00 37.50  ? 68   ARG A CA  1 
ATOM   535  C  C   . ARG A 1 68  ? 6.190   -8.655  -25.588 1.00 46.75  ? 68   ARG A C   1 
ATOM   536  O  O   . ARG A 1 68  ? 5.628   -7.922  -26.410 1.00 46.82  ? 68   ARG A O   1 
ATOM   537  C  CB  . ARG A 1 68  ? 4.421   -9.074  -23.898 1.00 41.37  ? 68   ARG A CB  1 
ATOM   538  C  CG  . ARG A 1 68  ? 4.192   -10.509 -24.306 1.00 49.88  ? 68   ARG A CG  1 
ATOM   539  C  CD  . ARG A 1 68  ? 2.711   -10.783 -24.299 1.00 50.95  ? 68   ARG A CD  1 
ATOM   540  N  NE  . ARG A 1 68  ? 2.409   -12.196 -24.474 1.00 71.42  ? 68   ARG A NE  1 
ATOM   541  C  CZ  . ARG A 1 68  ? 1.187   -12.663 -24.708 1.00 77.53  ? 68   ARG A CZ  1 
ATOM   542  N  NH1 . ARG A 1 68  ? 0.165   -11.821 -24.802 1.00 80.65  ? 68   ARG A NH1 1 
ATOM   543  N  NH2 . ARG A 1 68  ? 0.980   -13.969 -24.830 1.00 80.94  ? 68   ARG A NH2 1 
ATOM   544  N  N   . THR A 1 69  ? 7.113   -9.547  -25.931 1.00 43.03  ? 69   THR A N   1 
ATOM   545  C  CA  . THR A 1 69  ? 7.523   -9.696  -27.322 1.00 44.95  ? 69   THR A CA  1 
ATOM   546  C  C   . THR A 1 69  ? 7.417   -11.133 -27.815 1.00 47.30  ? 69   THR A C   1 
ATOM   547  O  O   . THR A 1 69  ? 8.055   -12.042 -27.270 1.00 43.89  ? 69   THR A O   1 
ATOM   548  C  CB  . THR A 1 69  ? 8.972   -9.213  -27.531 1.00 41.15  ? 69   THR A CB  1 
ATOM   549  O  OG1 . THR A 1 69  ? 9.051   -7.815  -27.238 1.00 39.35  ? 69   THR A OG1 1 
ATOM   550  C  CG2 . THR A 1 69  ? 9.426   -9.451  -28.985 1.00 41.47  ? 69   THR A CG2 1 
ATOM   551  N  N   . LYS A 1 70  ? 6.613   -11.330 -28.856 1.00 47.71  ? 70   LYS A N   1 
ATOM   552  C  CA  . LYS A 1 70  ? 6.435   -12.657 -29.438 1.00 47.06  ? 70   LYS A CA  1 
ATOM   553  C  C   . LYS A 1 70  ? 7.615   -12.899 -30.364 1.00 40.00  ? 70   LYS A C   1 
ATOM   554  O  O   . LYS A 1 70  ? 7.823   -12.164 -31.328 1.00 40.67  ? 70   LYS A O   1 
ATOM   555  C  CB  . LYS A 1 70  ? 5.120   -12.718 -30.208 1.00 53.34  ? 70   LYS A CB  1 
ATOM   556  C  CG  . LYS A 1 70  ? 4.740   -14.100 -30.713 1.00 58.36  ? 70   LYS A CG  1 
ATOM   557  C  CD  . LYS A 1 70  ? 3.372   -14.041 -31.387 1.00 64.09  ? 70   LYS A CD  1 
ATOM   558  C  CE  . LYS A 1 70  ? 3.357   -12.996 -32.504 1.00 70.61  ? 70   LYS A CE  1 
ATOM   559  N  NZ  . LYS A 1 70  ? 2.016   -12.831 -33.143 1.00 65.25  ? 70   LYS A NZ  1 
ATOM   560  N  N   . THR A 1 71  ? 8.415   -13.908 -30.049 1.00 45.15  ? 71   THR A N   1 
ATOM   561  C  CA  . THR A 1 71  ? 9.594   -14.219 -30.843 1.00 41.60  ? 71   THR A CA  1 
ATOM   562  C  C   . THR A 1 71  ? 9.496   -15.601 -31.472 1.00 47.47  ? 71   THR A C   1 
ATOM   563  O  O   . THR A 1 71  ? 8.833   -16.486 -30.934 1.00 47.38  ? 71   THR A O   1 
ATOM   564  C  CB  . THR A 1 71  ? 10.849  -14.174 -29.982 1.00 48.63  ? 71   THR A CB  1 
ATOM   565  O  OG1 . THR A 1 71  ? 10.904  -15.340 -29.153 1.00 48.20  ? 71   THR A OG1 1 
ATOM   566  C  CG2 . THR A 1 71  ? 10.821  -12.940 -29.104 1.00 47.12  ? 71   THR A CG2 1 
ATOM   567  N  N   . PRO A 1 79  ? 8.343   -19.848 -31.105 1.00 84.03  ? 79   PRO A N   1 
ATOM   568  C  CA  . PRO A 1 79  ? 7.074   -19.884 -30.371 1.00 83.98  ? 79   PRO A CA  1 
ATOM   569  C  C   . PRO A 1 79  ? 7.216   -19.300 -28.964 1.00 83.77  ? 79   PRO A C   1 
ATOM   570  O  O   . PRO A 1 79  ? 6.423   -19.600 -28.072 1.00 85.33  ? 79   PRO A O   1 
ATOM   571  C  CB  . PRO A 1 79  ? 6.740   -21.373 -30.346 1.00 85.62  ? 79   PRO A CB  1 
ATOM   572  C  CG  . PRO A 1 79  ? 7.330   -21.865 -31.637 1.00 85.11  ? 79   PRO A CG  1 
ATOM   573  C  CD  . PRO A 1 79  ? 8.669   -21.175 -31.653 1.00 85.74  ? 79   PRO A CD  1 
ATOM   574  N  N   . LYS A 1 80  ? 8.225   -18.455 -28.783 1.00 81.02  ? 80   LYS A N   1 
ATOM   575  C  CA  . LYS A 1 80  ? 8.509   -17.840 -27.488 1.00 75.54  ? 80   LYS A CA  1 
ATOM   576  C  C   . LYS A 1 80  ? 7.833   -16.497 -27.211 1.00 72.72  ? 80   LYS A C   1 
ATOM   577  O  O   . LYS A 1 80  ? 7.373   -15.796 -28.114 1.00 73.63  ? 80   LYS A O   1 
ATOM   578  C  CB  . LYS A 1 80  ? 10.016  -17.648 -27.332 1.00 76.73  ? 80   LYS A CB  1 
ATOM   579  C  CG  . LYS A 1 80  ? 10.818  -18.910 -27.118 1.00 76.82  ? 80   LYS A CG  1 
ATOM   580  C  CD  . LYS A 1 80  ? 10.703  -19.391 -25.686 1.00 79.16  ? 80   LYS A CD  1 
ATOM   581  C  CE  . LYS A 1 80  ? 11.980  -20.092 -25.264 1.00 81.34  ? 80   LYS A CE  1 
ATOM   582  N  NZ  . LYS A 1 80  ? 13.167  -19.187 -25.397 1.00 76.54  ? 80   LYS A NZ  1 
ATOM   583  N  N   . TYR A 1 81  ? 7.804   -16.154 -25.928 1.00 65.68  ? 81   TYR A N   1 
ATOM   584  C  CA  . TYR A 1 81  ? 7.247   -14.907 -25.435 1.00 56.07  ? 81   TYR A CA  1 
ATOM   585  C  C   . TYR A 1 81  ? 8.234   -14.385 -24.407 1.00 52.32  ? 81   TYR A C   1 
ATOM   586  O  O   . TYR A 1 81  ? 8.368   -14.965 -23.326 1.00 46.90  ? 81   TYR A O   1 
ATOM   587  C  CB  . TYR A 1 81  ? 5.901   -15.137 -24.754 1.00 64.06  ? 81   TYR A CB  1 
ATOM   588  C  CG  . TYR A 1 81  ? 4.709   -14.831 -25.624 1.00 69.68  ? 81   TYR A CG  1 
ATOM   589  C  CD1 . TYR A 1 81  ? 3.710   -15.781 -25.824 1.00 76.85  ? 81   TYR A CD1 1 
ATOM   590  C  CD2 . TYR A 1 81  ? 4.572   -13.586 -26.236 1.00 71.88  ? 81   TYR A CD2 1 
ATOM   591  C  CE1 . TYR A 1 81  ? 2.601   -15.502 -26.621 1.00 81.97  ? 81   TYR A CE1 1 
ATOM   592  C  CE2 . TYR A 1 81  ? 3.471   -13.294 -27.031 1.00 77.51  ? 81   TYR A CE2 1 
ATOM   593  C  CZ  . TYR A 1 81  ? 2.486   -14.254 -27.217 1.00 83.62  ? 81   TYR A CZ  1 
ATOM   594  O  OH  . TYR A 1 81  ? 1.378   -13.966 -27.984 1.00 89.29  ? 81   TYR A OH  1 
ATOM   595  N  N   . TYR A 1 82  ? 8.946   -13.315 -24.749 1.00 37.78  ? 82   TYR A N   1 
ATOM   596  C  CA  . TYR A 1 82  ? 9.899   -12.729 -23.820 1.00 33.04  ? 82   TYR A CA  1 
ATOM   597  C  C   . TYR A 1 82  ? 9.307   -11.453 -23.250 1.00 35.85  ? 82   TYR A C   1 
ATOM   598  O  O   . TYR A 1 82  ? 8.510   -10.795 -23.905 1.00 39.58  ? 82   TYR A O   1 
ATOM   599  C  CB  . TYR A 1 82  ? 11.213  -12.396 -24.520 1.00 38.58  ? 82   TYR A CB  1 
ATOM   600  C  CG  . TYR A 1 82  ? 12.155  -13.558 -24.629 1.00 37.24  ? 82   TYR A CG  1 
ATOM   601  C  CD1 . TYR A 1 82  ? 12.060  -14.462 -25.688 1.00 42.02  ? 82   TYR A CD1 1 
ATOM   602  C  CD2 . TYR A 1 82  ? 13.126  -13.775 -23.658 1.00 37.52  ? 82   TYR A CD2 1 
ATOM   603  C  CE1 . TYR A 1 82  ? 12.910  -15.557 -25.770 1.00 44.55  ? 82   TYR A CE1 1 
ATOM   604  C  CE2 . TYR A 1 82  ? 13.984  -14.872 -23.730 1.00 47.11  ? 82   TYR A CE2 1 
ATOM   605  C  CZ  . TYR A 1 82  ? 13.865  -15.759 -24.786 1.00 45.29  ? 82   TYR A CZ  1 
ATOM   606  O  OH  . TYR A 1 82  ? 14.656  -16.880 -24.834 1.00 58.99  ? 82   TYR A OH  1 
ATOM   607  N  N   . TYR A 1 83  ? 9.688   -11.111 -22.026 1.00 35.23  ? 83   TYR A N   1 
ATOM   608  C  CA  . TYR A 1 83  ? 9.200   -9.893  -21.395 1.00 31.13  ? 83   TYR A CA  1 
ATOM   609  C  C   . TYR A 1 83  ? 10.407  -9.085  -21.003 1.00 34.08  ? 83   TYR A C   1 
ATOM   610  O  O   . TYR A 1 83  ? 11.418  -9.656  -20.610 1.00 32.15  ? 83   TYR A O   1 
ATOM   611  C  CB  . TYR A 1 83  ? 8.377   -10.224 -20.150 1.00 30.87  ? 83   TYR A CB  1 
ATOM   612  C  CG  . TYR A 1 83  ? 7.183   -11.087 -20.463 1.00 30.05  ? 83   TYR A CG  1 
ATOM   613  C  CD1 . TYR A 1 83  ? 7.336   -12.443 -20.753 1.00 31.62  ? 83   TYR A CD1 1 
ATOM   614  C  CD2 . TYR A 1 83  ? 5.906   -10.541 -20.493 1.00 27.99  ? 83   TYR A CD2 1 
ATOM   615  C  CE1 . TYR A 1 83  ? 6.237   -13.239 -21.074 1.00 36.01  ? 83   TYR A CE1 1 
ATOM   616  C  CE2 . TYR A 1 83  ? 4.799   -11.320 -20.801 1.00 29.85  ? 83   TYR A CE2 1 
ATOM   617  C  CZ  . TYR A 1 83  ? 4.977   -12.676 -21.094 1.00 34.61  ? 83   TYR A CZ  1 
ATOM   618  O  OH  . TYR A 1 83  ? 3.885   -13.447 -21.404 1.00 36.79  ? 83   TYR A OH  1 
ATOM   619  N  N   . SER A 1 84  ? 10.305  -7.760  -21.120 1.00 29.85  ? 84   SER A N   1 
ATOM   620  C  CA  . SER A 1 84  ? 11.405  -6.892  -20.760 1.00 28.93  ? 84   SER A CA  1 
ATOM   621  C  C   . SER A 1 84  ? 10.859  -5.569  -20.197 1.00 35.97  ? 84   SER A C   1 
ATOM   622  O  O   . SER A 1 84  ? 9.698   -5.238  -20.381 1.00 33.65  ? 84   SER A O   1 
ATOM   623  C  CB  . SER A 1 84  ? 12.285  -6.648  -21.997 1.00 35.58  ? 84   SER A CB  1 
ATOM   624  O  OG  . SER A 1 84  ? 11.509  -6.219  -23.104 1.00 39.28  ? 84   SER A OG  1 
ATOM   625  N  N   . ILE A 1 85  ? 11.704  -4.827  -19.496 1.00 36.63  ? 85   ILE A N   1 
ATOM   626  C  CA  . ILE A 1 85  ? 11.314  -3.550  -18.920 1.00 36.66  ? 85   ILE A CA  1 
ATOM   627  C  C   . ILE A 1 85  ? 11.167  -2.454  -20.004 1.00 37.33  ? 85   ILE A C   1 
ATOM   628  O  O   . ILE A 1 85  ? 11.907  -2.423  -20.993 1.00 35.94  ? 85   ILE A O   1 
ATOM   629  C  CB  . ILE A 1 85  ? 12.359  -3.115  -17.881 1.00 33.76  ? 85   ILE A CB  1 
ATOM   630  C  CG1 . ILE A 1 85  ? 12.404  -4.131  -16.734 1.00 42.07  ? 85   ILE A CG1 1 
ATOM   631  C  CG2 . ILE A 1 85  ? 12.044  -1.745  -17.354 1.00 34.99  ? 85   ILE A CG2 1 
ATOM   632  C  CD1 . ILE A 1 85  ? 11.161  -4.148  -15.850 1.00 44.11  ? 85   ILE A CD1 1 
ATOM   633  N  N   . SER A 1 86  ? 10.200  -1.563  -19.816 1.00 37.90  ? 86   SER A N   1 
ATOM   634  C  CA  . SER A 1 86  ? 9.974   -0.479  -20.773 1.00 45.64  ? 86   SER A CA  1 
ATOM   635  C  C   . SER A 1 86  ? 11.189  0.427   -20.808 1.00 42.25  ? 86   SER A C   1 
ATOM   636  O  O   . SER A 1 86  ? 11.826  0.655   -19.789 1.00 41.62  ? 86   SER A O   1 
ATOM   637  C  CB  . SER A 1 86  ? 8.744   0.338   -20.378 1.00 45.16  ? 86   SER A CB  1 
ATOM   638  O  OG  . SER A 1 86  ? 7.594   -0.493  -20.341 1.00 57.49  ? 86   SER A OG  1 
ATOM   639  N  N   . SER A 1 87  ? 11.496  0.961   -21.983 1.00 48.01  ? 87   SER A N   1 
ATOM   640  C  CA  . SER A 1 87  ? 12.646  1.843   -22.142 1.00 52.74  ? 87   SER A CA  1 
ATOM   641  C  C   . SER A 1 87  ? 12.593  3.066   -21.226 1.00 51.68  ? 87   SER A C   1 
ATOM   642  O  O   . SER A 1 87  ? 13.624  3.532   -20.747 1.00 52.58  ? 87   SER A O   1 
ATOM   643  C  CB  . SER A 1 87  ? 12.766  2.309   -23.603 1.00 54.99  ? 87   SER A CB  1 
ATOM   644  O  OG  . SER A 1 87  ? 14.096  2.149   -24.078 1.00 56.80  ? 87   SER A OG  1 
ATOM   645  N  N   . ASN A 1 88  ? 11.398  3.589   -20.983 1.00 49.77  ? 88   ASN A N   1 
ATOM   646  C  CA  . ASN A 1 88  ? 11.272  4.764   -20.129 1.00 53.48  ? 88   ASN A CA  1 
ATOM   647  C  C   . ASN A 1 88  ? 10.680  4.430   -18.760 1.00 51.28  ? 88   ASN A C   1 
ATOM   648  O  O   . ASN A 1 88  ? 9.917   5.218   -18.203 1.00 47.15  ? 88   ASN A O   1 
ATOM   649  C  CB  . ASN A 1 88  ? 10.395  5.814   -20.812 1.00 64.37  ? 88   ASN A CB  1 
ATOM   650  C  CG  . ASN A 1 88  ? 8.921   5.423   -20.842 1.00 69.70  ? 88   ASN A CG  1 
ATOM   651  O  OD1 . ASN A 1 88  ? 8.050   6.283   -20.983 1.00 72.78  ? 88   ASN A OD1 1 
ATOM   652  N  ND2 . ASN A 1 88  ? 8.637   4.129   -20.715 1.00 68.44  ? 88   ASN A ND2 1 
ATOM   653  N  N   . ILE A 1 89  ? 11.032  3.274   -18.208 1.00 44.55  ? 89   ILE A N   1 
ATOM   654  C  CA  . ILE A 1 89  ? 10.480  2.894   -16.920 1.00 40.32  ? 89   ILE A CA  1 
ATOM   655  C  C   . ILE A 1 89  ? 10.795  3.891   -15.795 1.00 35.00  ? 89   ILE A C   1 
ATOM   656  O  O   . ILE A 1 89  ? 9.919   4.195   -14.982 1.00 37.10  ? 89   ILE A O   1 
ATOM   657  C  CB  . ILE A 1 89  ? 10.930  1.456   -16.501 1.00 40.34  ? 89   ILE A CB  1 
ATOM   658  C  CG1 . ILE A 1 89  ? 10.176  1.042   -15.232 1.00 37.31  ? 89   ILE A CG1 1 
ATOM   659  C  CG2 . ILE A 1 89  ? 12.432  1.404   -16.283 1.00 35.92  ? 89   ILE A CG2 1 
ATOM   660  C  CD1 . ILE A 1 89  ? 10.435  -0.387  -14.772 1.00 44.36  ? 89   ILE A CD1 1 
ATOM   661  N  N   . LEU A 1 90  ? 12.013  4.424   -15.755 1.00 38.21  ? 90   LEU A N   1 
ATOM   662  C  CA  . LEU A 1 90  ? 12.381  5.370   -14.701 1.00 40.31  ? 90   LEU A CA  1 
ATOM   663  C  C   . LEU A 1 90  ? 11.613  6.691   -14.743 1.00 46.11  ? 90   LEU A C   1 
ATOM   664  O  O   . LEU A 1 90  ? 11.382  7.325   -13.702 1.00 40.13  ? 90   LEU A O   1 
ATOM   665  C  CB  . LEU A 1 90  ? 13.880  5.646   -14.726 1.00 46.75  ? 90   LEU A CB  1 
ATOM   666  C  CG  . LEU A 1 90  ? 14.779  4.541   -14.164 1.00 53.34  ? 90   LEU A CG  1 
ATOM   667  C  CD1 . LEU A 1 90  ? 16.225  4.984   -14.243 1.00 54.90  ? 90   LEU A CD1 1 
ATOM   668  C  CD2 . LEU A 1 90  ? 14.404  4.239   -12.726 1.00 53.63  ? 90   LEU A CD2 1 
ATOM   669  N  N   . GLU A 1 91  ? 11.214  7.120   -15.933 1.00 35.89  ? 91   GLU A N   1 
ATOM   670  C  CA  . GLU A 1 91  ? 10.460  8.359   -16.018 1.00 45.69  ? 91   GLU A CA  1 
ATOM   671  C  C   . GLU A 1 91  ? 8.992   8.084   -15.776 1.00 37.26  ? 91   GLU A C   1 
ATOM   672  O  O   . GLU A 1 91  ? 8.263   8.923   -15.253 1.00 38.65  ? 91   GLU A O   1 
ATOM   673  C  CB  . GLU A 1 91  ? 10.651  9.034   -17.375 1.00 43.75  ? 91   GLU A CB  1 
ATOM   674  C  CG  . GLU A 1 91  ? 11.738  10.112  -17.357 1.00 66.93  ? 91   GLU A CG  1 
ATOM   675  C  CD  . GLU A 1 91  ? 11.598  11.095  -16.176 1.00 75.60  ? 91   GLU A CD  1 
ATOM   676  O  OE1 . GLU A 1 91  ? 11.944  10.718  -15.033 1.00 80.33  ? 91   GLU A OE1 1 
ATOM   677  O  OE2 . GLU A 1 91  ? 11.138  12.243  -16.388 1.00 75.27  ? 91   GLU A OE2 1 
ATOM   678  N  N   . LYS A 1 92  ? 8.566   6.887   -16.139 1.00 32.43  ? 92   LYS A N   1 
ATOM   679  C  CA  . LYS A 1 92  ? 7.186   6.517   -15.956 1.00 38.73  ? 92   LYS A CA  1 
ATOM   680  C  C   . LYS A 1 92  ? 6.900   6.321   -14.464 1.00 37.76  ? 92   LYS A C   1 
ATOM   681  O  O   . LYS A 1 92  ? 5.899   6.798   -13.955 1.00 33.02  ? 92   LYS A O   1 
ATOM   682  C  CB  . LYS A 1 92  ? 6.889   5.247   -16.751 1.00 37.77  ? 92   LYS A CB  1 
ATOM   683  C  CG  . LYS A 1 92  ? 5.452   4.823   -16.651 1.00 42.35  ? 92   LYS A CG  1 
ATOM   684  C  CD  . LYS A 1 92  ? 5.015   4.032   -17.844 1.00 55.45  ? 92   LYS A CD  1 
ATOM   685  C  CE  . LYS A 1 92  ? 3.520   3.730   -17.743 1.00 61.69  ? 92   LYS A CE  1 
ATOM   686  N  NZ  . LYS A 1 92  ? 2.705   4.927   -17.355 1.00 55.43  ? 92   LYS A NZ  1 
ATOM   687  N  N   . ILE A 1 93  ? 7.790   5.633   -13.758 1.00 32.69  ? 93   ILE A N   1 
ATOM   688  C  CA  . ILE A 1 93  ? 7.567   5.419   -12.343 1.00 32.08  ? 93   ILE A CA  1 
ATOM   689  C  C   . ILE A 1 93  ? 7.639   6.765   -11.608 1.00 29.51  ? 93   ILE A C   1 
ATOM   690  O  O   . ILE A 1 93  ? 6.829   7.047   -10.726 1.00 33.15  ? 93   ILE A O   1 
ATOM   691  C  CB  . ILE A 1 93  ? 8.597   4.413   -11.768 1.00 34.49  ? 93   ILE A CB  1 
ATOM   692  C  CG1 . ILE A 1 93  ? 8.203   2.984   -12.169 1.00 30.43  ? 93   ILE A CG1 1 
ATOM   693  C  CG2 . ILE A 1 93  ? 8.655   4.530   -10.258 1.00 38.80  ? 93   ILE A CG2 1 
ATOM   694  C  CD1 . ILE A 1 93  ? 9.199   1.906   -11.717 1.00 34.48  ? 93   ILE A CD1 1 
ATOM   695  N  N   . ARG A 1 94  ? 8.597   7.604   -11.983 1.00 27.66  ? 94   ARG A N   1 
ATOM   696  C  CA  . ARG A 1 94  ? 8.721   8.909   -11.349 1.00 31.80  ? 94   ARG A CA  1 
ATOM   697  C  C   . ARG A 1 94  ? 7.401   9.679   -11.485 1.00 35.79  ? 94   ARG A C   1 
ATOM   698  O  O   . ARG A 1 94  ? 6.862   10.210  -10.503 1.00 38.90  ? 94   ARG A O   1 
ATOM   699  C  CB  . ARG A 1 94  ? 9.862   9.718   -11.997 1.00 36.18  ? 94   ARG A CB  1 
ATOM   700  C  CG  . ARG A 1 94  ? 9.758   11.232  -11.763 1.00 39.74  ? 94   ARG A CG  1 
ATOM   701  C  CD  . ARG A 1 94  ? 11.033  11.994  -12.135 1.00 44.55  ? 94   ARG A CD  1 
ATOM   702  N  NE  . ARG A 1 94  ? 10.811  13.434  -12.055 1.00 53.60  ? 94   ARG A NE  1 
ATOM   703  C  CZ  . ARG A 1 94  ? 10.491  14.089  -10.937 1.00 59.40  ? 94   ARG A CZ  1 
ATOM   704  N  NH1 . ARG A 1 94  ? 10.358  13.432  -9.790  1.00 63.96  ? 94   ARG A NH1 1 
ATOM   705  N  NH2 . ARG A 1 94  ? 10.289  15.404  -10.965 1.00 46.71  ? 94   ARG A NH2 1 
ATOM   706  N  N   . ASN A 1 95  ? 6.871   9.738   -12.701 1.00 38.81  ? 95   ASN A N   1 
ATOM   707  C  CA  . ASN A 1 95  ? 5.635   10.473  -12.925 1.00 38.96  ? 95   ASN A CA  1 
ATOM   708  C  C   . ASN A 1 95  ? 4.435   9.853   -12.262 1.00 38.67  ? 95   ASN A C   1 
ATOM   709  O  O   . ASN A 1 95  ? 3.556   10.578  -11.783 1.00 35.95  ? 95   ASN A O   1 
ATOM   710  C  CB  . ASN A 1 95  ? 5.386   10.660  -14.420 1.00 49.69  ? 95   ASN A CB  1 
ATOM   711  C  CG  . ASN A 1 95  ? 6.357   11.650  -15.037 1.00 61.98  ? 95   ASN A CG  1 
ATOM   712  O  OD1 . ASN A 1 95  ? 6.637   12.703  -14.456 1.00 63.19  ? 95   ASN A OD1 1 
ATOM   713  N  ND2 . ASN A 1 95  ? 6.875   11.326  -16.217 1.00 75.39  ? 95   ASN A ND2 1 
ATOM   714  N  N   . ASP A 1 96  ? 4.387   8.519   -12.226 1.00 30.22  ? 96   ASP A N   1 
ATOM   715  C  CA  . ASP A 1 96  ? 3.269   7.837   -11.582 1.00 28.40  ? 96   ASP A CA  1 
ATOM   716  C  C   . ASP A 1 96  ? 3.268   8.109   -10.065 1.00 31.03  ? 96   ASP A C   1 
ATOM   717  O  O   . ASP A 1 96  ? 2.211   8.263   -9.463  1.00 30.33  ? 96   ASP A O   1 
ATOM   718  C  CB  . ASP A 1 96  ? 3.317   6.316   -11.856 1.00 36.04  ? 96   ASP A CB  1 
ATOM   719  C  CG  . ASP A 1 96  ? 2.975   5.970   -13.310 1.00 39.02  ? 96   ASP A CG  1 
ATOM   720  O  OD1 . ASP A 1 96  ? 2.316   6.806   -13.961 1.00 45.66  ? 96   ASP A OD1 1 
ATOM   721  O  OD2 . ASP A 1 96  ? 3.344   4.871   -13.794 1.00 34.80  ? 96   ASP A OD2 1 
ATOM   722  N  N   . LEU A 1 97  ? 4.449   8.172   -9.452  1.00 31.12  ? 97   LEU A N   1 
ATOM   723  C  CA  . LEU A 1 97  ? 4.521   8.427   -8.021  1.00 26.35  ? 97   LEU A CA  1 
ATOM   724  C  C   . LEU A 1 97  ? 4.116   9.868   -7.733  1.00 22.74  ? 97   LEU A C   1 
ATOM   725  O  O   . LEU A 1 97  ? 3.432   10.136  -6.747  1.00 32.56  ? 97   LEU A O   1 
ATOM   726  C  CB  . LEU A 1 97  ? 5.936   8.158   -7.490  1.00 32.12  ? 97   LEU A CB  1 
ATOM   727  C  CG  . LEU A 1 97  ? 6.372   6.692   -7.456  1.00 31.63  ? 97   LEU A CG  1 
ATOM   728  C  CD1 . LEU A 1 97  ? 7.753   6.614   -6.892  1.00 37.45  ? 97   LEU A CD1 1 
ATOM   729  C  CD2 . LEU A 1 97  ? 5.403   5.867   -6.614  1.00 28.57  ? 97   LEU A CD2 1 
ATOM   730  N  N   . LEU A 1 98  ? 4.564   10.788  -8.579  1.00 26.19  ? 98   LEU A N   1 
ATOM   731  C  CA  . LEU A 1 98  ? 4.198   12.196  -8.436  1.00 26.11  ? 98   LEU A CA  1 
ATOM   732  C  C   . LEU A 1 98  ? 2.667   12.339  -8.507  1.00 31.44  ? 98   LEU A C   1 
ATOM   733  O  O   . LEU A 1 98  ? 2.077   13.104  -7.747  1.00 35.34  ? 98   LEU A O   1 
ATOM   734  C  CB  . LEU A 1 98  ? 4.854   13.025  -9.543  1.00 30.62  ? 98   LEU A CB  1 
ATOM   735  C  CG  . LEU A 1 98  ? 6.352   13.282  -9.373  1.00 32.12  ? 98   LEU A CG  1 
ATOM   736  C  CD1 . LEU A 1 98  ? 6.881   14.128  -10.517 1.00 34.43  ? 98   LEU A CD1 1 
ATOM   737  C  CD2 . LEU A 1 98  ? 6.578   13.999  -8.050  1.00 37.91  ? 98   LEU A CD2 1 
ATOM   738  N  N   . ASN A 1 99  ? 2.023   11.592  -9.408  1.00 34.11  ? 99   ASN A N   1 
ATOM   739  C  CA  . ASN A 1 99  ? 0.560   11.654  -9.534  1.00 29.08  ? 99   ASN A CA  1 
ATOM   740  C  C   . ASN A 1 99  ? -0.083  11.003  -8.323  1.00 35.26  ? 99   ASN A C   1 
ATOM   741  O  O   . ASN A 1 99  ? -1.157  11.405  -7.866  1.00 35.69  ? 99   ASN A O   1 
ATOM   742  C  CB  . ASN A 1 99  ? 0.080   10.953  -10.811 1.00 36.82  ? 99   ASN A CB  1 
ATOM   743  C  CG  . ASN A 1 99  ? 0.649   11.579  -12.073 1.00 36.96  ? 99   ASN A CG  1 
ATOM   744  O  OD1 . ASN A 1 99  ? 0.992   12.760  -12.094 1.00 42.24  ? 99   ASN A OD1 1 
ATOM   745  N  ND2 . ASN A 1 99  ? 0.744   10.787  -13.135 1.00 47.27  ? 99   ASN A ND2 1 
ATOM   746  N  N   . CYS A 1 100 ? 0.584   9.986   -7.794  1.00 30.37  ? 100  CYS A N   1 
ATOM   747  C  CA  . CYS A 1 100 ? 0.079   9.314   -6.615  1.00 29.61  ? 100  CYS A CA  1 
ATOM   748  C  C   . CYS A 1 100 ? 0.144   10.311  -5.458  1.00 33.20  ? 100  CYS A C   1 
ATOM   749  O  O   . CYS A 1 100 ? -0.805  10.463  -4.689  1.00 32.18  ? 100  CYS A O   1 
ATOM   750  C  CB  . CYS A 1 100 ? 0.975   8.121   -6.306  1.00 32.12  ? 100  CYS A CB  1 
ATOM   751  S  SG  . CYS A 1 100 ? 0.412   7.061   -4.951  1.00 40.45  ? 100  CYS A SG  1 
ATOM   752  N  N   . ALA A 1 101 ? 1.286   10.978  -5.329  1.00 27.06  ? 101  ALA A N   1 
ATOM   753  C  CA  . ALA A 1 101 ? 1.463   11.948  -4.264  1.00 28.72  ? 101  ALA A CA  1 
ATOM   754  C  C   . ALA A 1 101 ? 0.443   13.086  -4.450  1.00 33.72  ? 101  ALA A C   1 
ATOM   755  O  O   . ALA A 1 101 ? -0.088  13.628  -3.471  1.00 34.20  ? 101  ALA A O   1 
ATOM   756  C  CB  . ALA A 1 101 ? 2.875   12.503  -4.288  1.00 28.10  ? 101  ALA A CB  1 
ATOM   757  N  N   . LYS A 1 102 ? 0.149   13.429  -5.700  1.00 32.03  ? 102  LYS A N   1 
ATOM   758  C  CA  . LYS A 1 102 ? -0.802  14.504  -5.956  1.00 33.78  ? 102  LYS A CA  1 
ATOM   759  C  C   . LYS A 1 102 ? -2.214  14.117  -5.520  1.00 34.13  ? 102  LYS A C   1 
ATOM   760  O  O   . LYS A 1 102 ? -2.929  14.931  -4.938  1.00 34.42  ? 102  LYS A O   1 
ATOM   761  C  CB  . LYS A 1 102 ? -0.802  14.891  -7.435  1.00 32.80  ? 102  LYS A CB  1 
ATOM   762  C  CG  . LYS A 1 102 ? -1.616  16.141  -7.707  1.00 43.15  ? 102  LYS A CG  1 
ATOM   763  C  CD  . LYS A 1 102 ? -1.021  17.352  -6.984  1.00 49.22  ? 102  LYS A CD  1 
ATOM   764  C  CE  . LYS A 1 102 ? -1.949  18.560  -7.065  1.00 57.98  ? 102  LYS A CE  1 
ATOM   765  N  NZ  . LYS A 1 102 ? -1.424  19.728  -6.303  1.00 63.28  ? 102  LYS A NZ  1 
ATOM   766  N  N   . ARG A 1 103 ? -2.623  12.882  -5.805  1.00 35.62  ? 103  ARG A N   1 
ATOM   767  C  CA  . ARG A 1 103 ? -3.949  12.428  -5.405  1.00 33.29  ? 103  ARG A CA  1 
ATOM   768  C  C   . ARG A 1 103 ? -4.068  12.415  -3.895  1.00 37.20  ? 103  ARG A C   1 
ATOM   769  O  O   . ARG A 1 103 ? -5.131  12.664  -3.356  1.00 38.45  ? 103  ARG A O   1 
ATOM   770  C  CB  . ARG A 1 103 ? -4.254  11.038  -5.951  1.00 35.00  ? 103  ARG A CB  1 
ATOM   771  C  CG  . ARG A 1 103 ? -4.366  10.983  -7.466  1.00 41.48  ? 103  ARG A CG  1 
ATOM   772  C  CD  . ARG A 1 103 ? -4.952  9.654   -7.920  1.00 42.36  ? 103  ARG A CD  1 
ATOM   773  N  NE  . ARG A 1 103 ? -4.104  8.506   -7.594  1.00 40.55  ? 103  ARG A NE  1 
ATOM   774  C  CZ  . ARG A 1 103 ? -3.039  8.131   -8.303  1.00 35.52  ? 103  ARG A CZ  1 
ATOM   775  N  NH1 . ARG A 1 103 ? -2.670  8.812   -9.383  1.00 31.40  ? 103  ARG A NH1 1 
ATOM   776  N  NH2 . ARG A 1 103 ? -2.367  7.040   -7.960  1.00 41.30  ? 103  ARG A NH2 1 
HETATM 777  N  N   . MSE A 1 104 ? -2.960  12.144  -3.215  1.00 37.22  ? 104  MSE A N   1 
HETATM 778  C  CA  . MSE A 1 104 ? -2.945  12.110  -1.763  1.00 34.59  ? 104  MSE A CA  1 
HETATM 779  C  C   . MSE A 1 104 ? -3.054  13.541  -1.213  1.00 37.79  ? 104  MSE A C   1 
HETATM 780  O  O   . MSE A 1 104 ? -3.770  13.798  -0.248  1.00 38.64  ? 104  MSE A O   1 
HETATM 781  C  CB  . MSE A 1 104 ? -1.647  11.461  -1.308  1.00 38.81  ? 104  MSE A CB  1 
HETATM 782  C  CG  . MSE A 1 104 ? -1.659  10.893  0.083   1.00 46.38  ? 104  MSE A CG  1 
HETATM 783  SE SE  . MSE A 1 104 ? -0.042  9.904   0.275   1.00 52.96  ? 104  MSE A SE  1 
HETATM 784  C  CE  . MSE A 1 104 ? -0.691  8.124   -0.110  1.00 36.84  ? 104  MSE A CE  1 
ATOM   785  N  N   . GLU A 1 105 ? -2.334  14.472  -1.828  1.00 39.63  ? 105  GLU A N   1 
ATOM   786  C  CA  . GLU A 1 105 ? -2.383  15.872  -1.405  1.00 44.79  ? 105  GLU A CA  1 
ATOM   787  C  C   . GLU A 1 105 ? -3.817  16.402  -1.603  1.00 50.36  ? 105  GLU A C   1 
ATOM   788  O  O   . GLU A 1 105 ? -4.368  17.093  -0.741  1.00 45.84  ? 105  GLU A O   1 
ATOM   789  C  CB  . GLU A 1 105 ? -1.389  16.675  -2.236  1.00 49.22  ? 105  GLU A CB  1 
ATOM   790  C  CG  . GLU A 1 105 ? -1.380  18.162  -1.966  1.00 58.93  ? 105  GLU A CG  1 
ATOM   791  C  CD  . GLU A 1 105 ? -0.651  18.918  -3.053  1.00 63.41  ? 105  GLU A CD  1 
ATOM   792  O  OE1 . GLU A 1 105 ? 0.502   18.547  -3.357  1.00 61.17  ? 105  GLU A OE1 1 
ATOM   793  O  OE2 . GLU A 1 105 ? -1.231  19.875  -3.606  1.00 67.87  ? 105  GLU A OE2 1 
ATOM   794  N  N   . LEU A 1 106 ? -4.418  16.054  -2.739  1.00 45.63  ? 106  LEU A N   1 
ATOM   795  C  CA  . LEU A 1 106 ? -5.772  16.467  -3.056  1.00 45.19  ? 106  LEU A CA  1 
ATOM   796  C  C   . LEU A 1 106 ? -6.782  15.739  -2.184  1.00 52.79  ? 106  LEU A C   1 
ATOM   797  O  O   . LEU A 1 106 ? -7.945  16.122  -2.118  1.00 49.46  ? 106  LEU A O   1 
ATOM   798  C  CB  . LEU A 1 106 ? -6.070  16.201  -4.536  1.00 43.02  ? 106  LEU A CB  1 
ATOM   799  C  CG  . LEU A 1 106 ? -5.814  17.372  -5.488  1.00 44.77  ? 106  LEU A CG  1 
ATOM   800  C  CD1 . LEU A 1 106 ? -4.566  18.115  -5.077  1.00 50.31  ? 106  LEU A CD1 1 
ATOM   801  C  CD2 . LEU A 1 106 ? -5.709  16.860  -6.912  1.00 47.68  ? 106  LEU A CD2 1 
ATOM   802  N  N   . ALA A 1 107 ? -6.338  14.682  -1.513  1.00 59.46  ? 107  ALA A N   1 
ATOM   803  C  CA  . ALA A 1 107 ? -7.226  13.924  -0.645  1.00 62.22  ? 107  ALA A CA  1 
ATOM   804  C  C   . ALA A 1 107 ? -7.196  14.526  0.753   1.00 66.15  ? 107  ALA A C   1 
ATOM   805  O  O   . ALA A 1 107 ? -8.047  14.228  1.585   1.00 69.87  ? 107  ALA A O   1 
ATOM   806  C  CB  . ALA A 1 107 ? -6.797  12.468  -0.602  1.00 63.54  ? 107  ALA A CB  1 
ATOM   807  N  N   . ALA A 1 108 ? -6.213  15.384  1.002   1.00 68.09  ? 108  ALA A N   1 
ATOM   808  C  CA  . ALA A 1 108 ? -6.062  16.031  2.298   1.00 72.89  ? 108  ALA A CA  1 
ATOM   809  C  C   . ALA A 1 108 ? -6.917  17.289  2.416   1.00 78.60  ? 108  ALA A C   1 
ATOM   810  O  O   . ALA A 1 108 ? -6.968  17.908  3.476   1.00 82.16  ? 108  ALA A O   1 
ATOM   811  C  CB  . ALA A 1 108 ? -4.599  16.378  2.535   1.00 67.37  ? 108  ALA A CB  1 
ATOM   812  N  N   . THR A 1 109 ? -7.583  17.672  1.331   1.00 83.24  ? 109  THR A N   1 
ATOM   813  C  CA  . THR A 1 109 ? -8.424  18.864  1.344   1.00 86.57  ? 109  THR A CA  1 
ATOM   814  C  C   . THR A 1 109 ? -9.594  18.655  2.297   1.00 88.35  ? 109  THR A C   1 
ATOM   815  O  O   . THR A 1 109 ? -9.971  17.479  2.501   1.00 89.64  ? 109  THR A O   1 
ATOM   816  C  CB  . THR A 1 109 ? -8.983  19.168  -0.067  1.00 91.46  ? 109  THR A CB  1 
ATOM   817  O  OG1 . THR A 1 109 ? -7.903  19.236  -1.008  1.00 92.62  ? 109  THR A OG1 1 
ATOM   818  C  CG2 . THR A 1 109 ? -9.733  20.499  -0.072  1.00 90.43  ? 109  THR A CG2 1 
ATOM   819  O  OXT . THR A 1 109 ? -10.129 19.659  2.816   1.00 89.63  ? 109  THR A OXT 1 
HETATM 820  N  N   . MSE B 1 1   ? -10.945 18.033  7.625   0.00 99.90  ? 1    MSE B N   1 
HETATM 821  C  CA  . MSE B 1 1   ? -11.344 17.562  6.268   0.00 100.01 ? 1    MSE B CA  1 
HETATM 822  C  C   . MSE B 1 1   ? -12.860 17.424  6.170   0.00 99.22  ? 1    MSE B C   1 
HETATM 823  O  O   . MSE B 1 1   ? -13.545 17.771  7.155   0.00 98.72  ? 1    MSE B O   1 
HETATM 824  C  CB  . MSE B 1 1   ? -10.688 16.213  5.967   0.00 101.87 ? 1    MSE B CB  1 
HETATM 825  C  CG  . MSE B 1 1   ? -9.173  16.217  6.081   0.00 104.30 ? 1    MSE B CG  1 
HETATM 826  SE SE  . MSE B 1 1   ? -8.408  14.488  5.702   1.00 108.95 ? 1    MSE B SE  1 
HETATM 827  C  CE  . MSE B 1 1   ? -8.847  13.607  7.361   0.00 107.00 ? 1    MSE B CE  1 
ATOM   828  N  N   . LYS B 1 5   ? -16.191 11.525  4.371   1.00 82.16  ? 5    LYS B N   1 
ATOM   829  C  CA  . LYS B 1 5   ? -14.979 11.681  3.519   1.00 81.33  ? 5    LYS B CA  1 
ATOM   830  C  C   . LYS B 1 5   ? -13.947 10.608  3.863   1.00 80.38  ? 5    LYS B C   1 
ATOM   831  O  O   . LYS B 1 5   ? -13.407 9.946   2.980   1.00 83.21  ? 5    LYS B O   1 
ATOM   832  C  CB  . LYS B 1 5   ? -14.335 13.058  3.738   1.00 80.87  ? 5    LYS B CB  1 
ATOM   833  C  CG  . LYS B 1 5   ? -15.271 14.142  4.254   1.00 80.34  ? 5    LYS B CG  1 
ATOM   834  C  CD  . LYS B 1 5   ? -16.328 14.538  3.231   1.00 87.36  ? 5    LYS B CD  1 
ATOM   835  C  CE  . LYS B 1 5   ? -15.727 15.254  2.030   1.00 83.02  ? 5    LYS B CE  1 
ATOM   836  N  NZ  . LYS B 1 5   ? -16.793 15.813  1.156   1.00 81.02  ? 5    LYS B NZ  1 
ATOM   837  N  N   . LEU B 1 6   ? -13.685 10.439  5.155   1.00 76.31  ? 6    LEU B N   1 
ATOM   838  C  CA  . LEU B 1 6   ? -12.691 9.479   5.626   1.00 74.12  ? 6    LEU B CA  1 
ATOM   839  C  C   . LEU B 1 6   ? -12.848 8.080   5.036   1.00 71.86  ? 6    LEU B C   1 
ATOM   840  O  O   . LEU B 1 6   ? -11.878 7.331   4.922   1.00 67.99  ? 6    LEU B O   1 
ATOM   841  C  CB  . LEU B 1 6   ? -12.721 9.403   7.153   1.00 68.43  ? 6    LEU B CB  1 
ATOM   842  C  CG  . LEU B 1 6   ? -11.343 9.250   7.799   1.00 66.63  ? 6    LEU B CG  1 
ATOM   843  C  CD1 . LEU B 1 6   ? -10.530 10.511  7.532   1.00 65.56  ? 6    LEU B CD1 1 
ATOM   844  C  CD2 . LEU B 1 6   ? -11.484 9.012   9.295   1.00 66.91  ? 6    LEU B CD2 1 
ATOM   845  N  N   . GLU B 1 7   ? -14.070 7.732   4.662   1.00 71.29  ? 7    GLU B N   1 
ATOM   846  C  CA  . GLU B 1 7   ? -14.346 6.427   4.080   1.00 70.36  ? 7    GLU B CA  1 
ATOM   847  C  C   . GLU B 1 7   ? -13.800 6.365   2.655   1.00 67.13  ? 7    GLU B C   1 
ATOM   848  O  O   . GLU B 1 7   ? -13.241 5.348   2.240   1.00 61.83  ? 7    GLU B O   1 
ATOM   849  C  CB  . GLU B 1 7   ? -15.859 6.177   4.069   1.00 73.84  ? 7    GLU B CB  1 
ATOM   850  C  CG  . GLU B 1 7   ? -16.309 4.892   3.372   1.00 78.03  ? 7    GLU B CG  1 
ATOM   851  C  CD  . GLU B 1 7   ? -15.789 3.638   4.049   1.00 79.50  ? 7    GLU B CD  1 
ATOM   852  O  OE1 . GLU B 1 7   ? -15.878 3.559   5.293   1.00 84.10  ? 7    GLU B OE1 1 
ATOM   853  O  OE2 . GLU B 1 7   ? -15.302 2.727   3.343   1.00 70.29  ? 7    GLU B OE2 1 
ATOM   854  N  N   . SER B 1 8   ? -13.960 7.460   1.918   1.00 61.76  ? 8    SER B N   1 
ATOM   855  C  CA  . SER B 1 8   ? -13.504 7.534   0.529   1.00 68.11  ? 8    SER B CA  1 
ATOM   856  C  C   . SER B 1 8   ? -12.000 7.760   0.378   1.00 70.02  ? 8    SER B C   1 
ATOM   857  O  O   . SER B 1 8   ? -11.478 7.810   -0.738  1.00 70.58  ? 8    SER B O   1 
ATOM   858  C  CB  . SER B 1 8   ? -14.265 8.639   -0.208  1.00 62.39  ? 8    SER B CB  1 
ATOM   859  O  OG  . SER B 1 8   ? -14.301 9.819   0.568   1.00 60.87  ? 8    SER B OG  1 
ATOM   860  N  N   . LYS B 1 9   ? -11.311 7.893   1.506   1.00 71.30  ? 9    LYS B N   1 
ATOM   861  C  CA  . LYS B 1 9   ? -9.872  8.115   1.515   1.00 65.75  ? 9    LYS B CA  1 
ATOM   862  C  C   . LYS B 1 9   ? -9.150  6.892   2.066   1.00 63.43  ? 9    LYS B C   1 
ATOM   863  O  O   . LYS B 1 9   ? -8.041  7.005   2.590   1.00 60.81  ? 9    LYS B O   1 
ATOM   864  C  CB  . LYS B 1 9   ? -9.544  9.327   2.385   1.00 60.79  ? 9    LYS B CB  1 
ATOM   865  C  CG  . LYS B 1 9   ? -10.294 10.575  1.994   1.00 61.79  ? 9    LYS B CG  1 
ATOM   866  C  CD  . LYS B 1 9   ? -9.941  11.718  2.921   1.00 59.82  ? 9    LYS B CD  1 
ATOM   867  C  CE  . LYS B 1 9   ? -10.775 12.938  2.615   1.00 61.64  ? 9    LYS B CE  1 
ATOM   868  N  NZ  . LYS B 1 9   ? -10.475 14.047  3.564   1.00 62.04  ? 9    LYS B NZ  1 
ATOM   869  N  N   . LYS B 1 10  ? -9.789  5.730   1.964   1.00 61.73  ? 10   LYS B N   1 
ATOM   870  C  CA  . LYS B 1 10  ? -9.205  4.480   2.456   1.00 67.16  ? 10   LYS B CA  1 
ATOM   871  C  C   . LYS B 1 10  ? -7.867  4.148   1.791   1.00 64.60  ? 10   LYS B C   1 
ATOM   872  O  O   . LYS B 1 10  ? -6.949  3.665   2.451   1.00 61.27  ? 10   LYS B O   1 
ATOM   873  C  CB  . LYS B 1 10  ? -10.171 3.310   2.240   1.00 67.15  ? 10   LYS B CB  1 
ATOM   874  C  CG  . LYS B 1 10  ? -11.390 3.334   3.142   1.00 75.55  ? 10   LYS B CG  1 
ATOM   875  C  CD  . LYS B 1 10  ? -12.132 1.996   3.121   1.00 81.33  ? 10   LYS B CD  1 
ATOM   876  C  CE  . LYS B 1 10  ? -12.758 1.705   1.762   1.00 86.65  ? 10   LYS B CE  1 
ATOM   877  N  NZ  . LYS B 1 10  ? -13.489 0.398   1.753   1.00 84.17  ? 10   LYS B NZ  1 
ATOM   878  N  N   . ASP B 1 11  ? -7.765  4.394   0.486   1.00 61.49  ? 11   ASP B N   1 
ATOM   879  C  CA  . ASP B 1 11  ? -6.529  4.117   -0.239  1.00 65.13  ? 11   ASP B CA  1 
ATOM   880  C  C   . ASP B 1 11  ? -5.402  4.975   0.315   1.00 61.76  ? 11   ASP B C   1 
ATOM   881  O  O   . ASP B 1 11  ? -4.398  4.456   0.814   1.00 62.49  ? 11   ASP B O   1 
ATOM   882  C  CB  . ASP B 1 11  ? -6.689  4.421   -1.731  1.00 70.19  ? 11   ASP B CB  1 
ATOM   883  C  CG  . ASP B 1 11  ? -7.672  3.497   -2.417  1.00 74.52  ? 11   ASP B CG  1 
ATOM   884  O  OD1 . ASP B 1 11  ? -7.904  2.372   -1.909  1.00 73.17  ? 11   ASP B OD1 1 
ATOM   885  O  OD2 . ASP B 1 11  ? -8.195  3.898   -3.481  1.00 68.87  ? 11   ASP B OD2 1 
ATOM   886  N  N   . GLU B 1 12  ? -5.581  6.290   0.212   1.00 56.45  ? 12   GLU B N   1 
ATOM   887  C  CA  . GLU B 1 12  ? -4.603  7.257   0.698   1.00 55.81  ? 12   GLU B CA  1 
ATOM   888  C  C   . GLU B 1 12  ? -4.184  6.933   2.125   1.00 56.11  ? 12   GLU B C   1 
ATOM   889  O  O   . GLU B 1 12  ? -2.994  6.872   2.443   1.00 57.79  ? 12   GLU B O   1 
ATOM   890  C  CB  . GLU B 1 12  ? -5.194  8.660   0.674   1.00 58.64  ? 12   GLU B CB  1 
ATOM   891  C  CG  . GLU B 1 12  ? -5.496  9.222   -0.702  1.00 62.69  ? 12   GLU B CG  1 
ATOM   892  C  CD  . GLU B 1 12  ? -6.400  8.338   -1.540  1.00 66.73  ? 12   GLU B CD  1 
ATOM   893  O  OE1 . GLU B 1 12  ? -7.404  7.804   -1.011  1.00 50.24  ? 12   GLU B OE1 1 
ATOM   894  O  OE2 . GLU B 1 12  ? -6.102  8.196   -2.745  1.00 74.43  ? 12   GLU B OE2 1 
ATOM   895  N  N   . ILE B 1 13  ? -5.174  6.732   2.985   1.00 52.69  ? 13   ILE B N   1 
ATOM   896  C  CA  . ILE B 1 13  ? -4.922  6.426   4.390   1.00 53.40  ? 13   ILE B CA  1 
ATOM   897  C  C   . ILE B 1 13  ? -4.128  5.140   4.589   1.00 52.81  ? 13   ILE B C   1 
ATOM   898  O  O   . ILE B 1 13  ? -3.202  5.092   5.390   1.00 52.44  ? 13   ILE B O   1 
ATOM   899  C  CB  . ILE B 1 13  ? -6.256  6.329   5.182   1.00 49.93  ? 13   ILE B CB  1 
ATOM   900  C  CG1 . ILE B 1 13  ? -6.967  7.690   5.169   1.00 51.23  ? 13   ILE B CG1 1 
ATOM   901  C  CG2 . ILE B 1 13  ? -5.988  5.872   6.598   1.00 45.11  ? 13   ILE B CG2 1 
ATOM   902  C  CD1 . ILE B 1 13  ? -8.366  7.678   5.757   1.00 49.85  ? 13   ILE B CD1 1 
ATOM   903  N  N   . ARG B 1 14  ? -4.502  4.092   3.868   1.00 54.12  ? 14   ARG B N   1 
ATOM   904  C  CA  . ARG B 1 14  ? -3.816  2.811   3.986   1.00 57.93  ? 14   ARG B CA  1 
ATOM   905  C  C   . ARG B 1 14  ? -2.337  2.941   3.583   1.00 56.24  ? 14   ARG B C   1 
ATOM   906  O  O   . ARG B 1 14  ? -1.456  2.387   4.235   1.00 55.00  ? 14   ARG B O   1 
ATOM   907  C  CB  . ARG B 1 14  ? -4.510  1.766   3.104   1.00 62.16  ? 14   ARG B CB  1 
ATOM   908  C  CG  . ARG B 1 14  ? -4.193  0.329   3.488   1.00 69.54  ? 14   ARG B CG  1 
ATOM   909  C  CD  . ARG B 1 14  ? -4.779  -0.687  2.504   1.00 73.65  ? 14   ARG B CD  1 
ATOM   910  N  NE  . ARG B 1 14  ? -4.118  -0.647  1.198   1.00 81.35  ? 14   ARG B NE  1 
ATOM   911  C  CZ  . ARG B 1 14  ? -4.488  0.128   0.180   1.00 86.43  ? 14   ARG B CZ  1 
ATOM   912  N  NH1 . ARG B 1 14  ? -5.528  0.947   0.299   1.00 85.27  ? 14   ARG B NH1 1 
ATOM   913  N  NH2 . ARG B 1 14  ? -3.815  0.084   -0.966  1.00 89.47  ? 14   ARG B NH2 1 
ATOM   914  N  N   . CYS B 1 15  ? -2.076  3.682   2.508   1.00 55.86  ? 15   CYS B N   1 
ATOM   915  C  CA  . CYS B 1 15  ? -0.718  3.885   2.022   1.00 54.88  ? 15   CYS B CA  1 
ATOM   916  C  C   . CYS B 1 15  ? 0.083   4.852   2.903   1.00 58.86  ? 15   CYS B C   1 
ATOM   917  O  O   . CYS B 1 15  ? 1.179   4.523   3.362   1.00 57.38  ? 15   CYS B O   1 
ATOM   918  C  CB  . CYS B 1 15  ? -0.751  4.378   0.564   1.00 56.12  ? 15   CYS B CB  1 
ATOM   919  S  SG  . CYS B 1 15  ? -1.430  3.123   -0.589  1.00 59.54  ? 15   CYS B SG  1 
ATOM   920  N  N   . CYS B 1 16  ? -0.476  6.030   3.158   1.00 55.08  ? 16   CYS B N   1 
ATOM   921  C  CA  . CYS B 1 16  ? 0.195   7.029   3.973   1.00 42.35  ? 16   CYS B CA  1 
ATOM   922  C  C   . CYS B 1 16  ? 0.665   6.490   5.324   1.00 44.24  ? 16   CYS B C   1 
ATOM   923  O  O   . CYS B 1 16  ? 1.768   6.805   5.763   1.00 47.77  ? 16   CYS B O   1 
ATOM   924  C  CB  . CYS B 1 16  ? -0.730  8.223   4.179   1.00 45.27  ? 16   CYS B CB  1 
ATOM   925  S  SG  . CYS B 1 16  ? -0.085  9.519   5.281   1.00 49.00  ? 16   CYS B SG  1 
ATOM   926  N  N   . TYR B 1 17  ? -0.152  5.676   5.986   1.00 43.30  ? 17   TYR B N   1 
ATOM   927  C  CA  . TYR B 1 17  ? 0.222   5.120   7.298   1.00 41.73  ? 17   TYR B CA  1 
ATOM   928  C  C   . TYR B 1 17  ? 0.818   3.728   7.191   1.00 44.05  ? 17   TYR B C   1 
ATOM   929  O  O   . TYR B 1 17  ? 1.323   3.180   8.179   1.00 46.22  ? 17   TYR B O   1 
ATOM   930  C  CB  . TYR B 1 17  ? -1.002  5.032   8.228   1.00 49.27  ? 17   TYR B CB  1 
ATOM   931  C  CG  . TYR B 1 17  ? -1.532  6.357   8.717   1.00 44.83  ? 17   TYR B CG  1 
ATOM   932  C  CD1 . TYR B 1 17  ? -0.875  7.071   9.724   1.00 49.69  ? 17   TYR B CD1 1 
ATOM   933  C  CD2 . TYR B 1 17  ? -2.689  6.900   8.172   1.00 42.28  ? 17   TYR B CD2 1 
ATOM   934  C  CE1 . TYR B 1 17  ? -1.369  8.300   10.176  1.00 46.89  ? 17   TYR B CE1 1 
ATOM   935  C  CE2 . TYR B 1 17  ? -3.189  8.129   8.611   1.00 46.81  ? 17   TYR B CE2 1 
ATOM   936  C  CZ  . TYR B 1 17  ? -2.525  8.819   9.607   1.00 42.78  ? 17   TYR B CZ  1 
ATOM   937  O  OH  . TYR B 1 17  ? -3.014  10.034  10.014  1.00 48.94  ? 17   TYR B OH  1 
ATOM   938  N  N   . LYS B 1 18  ? 0.734   3.146   5.999   1.00 44.00  ? 18   LYS B N   1 
ATOM   939  C  CA  . LYS B 1 18  ? 1.259   1.803   5.759   1.00 54.03  ? 18   LYS B CA  1 
ATOM   940  C  C   . LYS B 1 18  ? 0.565   0.786   6.663   1.00 53.16  ? 18   LYS B C   1 
ATOM   941  O  O   . LYS B 1 18  ? 1.212   -0.022  7.319   1.00 56.54  ? 18   LYS B O   1 
ATOM   942  C  CB  . LYS B 1 18  ? 2.777   1.773   5.997   1.00 53.33  ? 18   LYS B CB  1 
ATOM   943  C  CG  . LYS B 1 18  ? 3.575   2.559   4.968   1.00 59.00  ? 18   LYS B CG  1 
ATOM   944  C  CD  . LYS B 1 18  ? 5.073   2.357   5.150   1.00 69.05  ? 18   LYS B CD  1 
ATOM   945  C  CE  . LYS B 1 18  ? 5.857   2.958   3.994   1.00 69.39  ? 18   LYS B CE  1 
ATOM   946  N  NZ  . LYS B 1 18  ? 7.316   2.676   4.098   1.00 72.10  ? 18   LYS B NZ  1 
ATOM   947  N  N   . ILE B 1 19  ? -0.761  0.832   6.691   1.00 54.55  ? 19   ILE B N   1 
ATOM   948  C  CA  . ILE B 1 19  ? -1.541  -0.081  7.519   1.00 56.31  ? 19   ILE B CA  1 
ATOM   949  C  C   . ILE B 1 19  ? -2.341  -1.062  6.665   1.00 55.66  ? 19   ILE B C   1 
ATOM   950  O  O   . ILE B 1 19  ? -2.555  -0.835  5.467   1.00 55.04  ? 19   ILE B O   1 
ATOM   951  C  CB  . ILE B 1 19  ? -2.512  0.702   8.460   1.00 51.13  ? 19   ILE B CB  1 
ATOM   952  C  CG1 . ILE B 1 19  ? -3.334  1.703   7.647   1.00 50.54  ? 19   ILE B CG1 1 
ATOM   953  C  CG2 . ILE B 1 19  ? -1.731  1.379   9.565   1.00 51.08  ? 19   ILE B CG2 1 
ATOM   954  C  CD1 . ILE B 1 19  ? -4.205  2.647   8.491   1.00 57.34  ? 19   ILE B CD1 1 
ATOM   955  N  N   . THR B 1 20  ? -2.782  -2.152  7.291   1.00 59.28  ? 20   THR B N   1 
ATOM   956  C  CA  . THR B 1 20  ? -3.556  -3.185  6.605   1.00 60.90  ? 20   THR B CA  1 
ATOM   957  C  C   . THR B 1 20  ? -5.028  -2.805  6.450   1.00 62.35  ? 20   THR B C   1 
ATOM   958  O  O   . THR B 1 20  ? -5.437  -1.685  6.759   1.00 65.37  ? 20   THR B O   1 
ATOM   959  C  CB  . THR B 1 20  ? -3.471  -4.532  7.357   1.00 60.02  ? 20   THR B CB  1 
ATOM   960  O  OG1 . THR B 1 20  ? -4.190  -4.447  8.595   1.00 62.54  ? 20   THR B OG1 1 
ATOM   961  C  CG2 . THR B 1 20  ? -2.018  -4.878  7.656   1.00 56.98  ? 20   THR B CG2 1 
ATOM   962  N  N   . ASP B 1 21  ? -5.823  -3.747  5.957   1.00 63.69  ? 21   ASP B N   1 
ATOM   963  C  CA  . ASP B 1 21  ? -7.247  -3.518  5.761   1.00 64.06  ? 21   ASP B CA  1 
ATOM   964  C  C   . ASP B 1 21  ? -7.977  -3.627  7.091   1.00 59.30  ? 21   ASP B C   1 
ATOM   965  O  O   . ASP B 1 21  ? -8.922  -2.894  7.348   1.00 55.48  ? 21   ASP B O   1 
ATOM   966  C  CB  . ASP B 1 21  ? -7.811  -4.540  4.777   1.00 71.08  ? 21   ASP B CB  1 
ATOM   967  C  CG  . ASP B 1 21  ? -7.184  -4.429  3.407   1.00 77.71  ? 21   ASP B CG  1 
ATOM   968  O  OD1 . ASP B 1 21  ? -7.361  -3.372  2.759   1.00 80.49  ? 21   ASP B OD1 1 
ATOM   969  O  OD2 . ASP B 1 21  ? -6.513  -5.398  2.981   1.00 81.39  ? 21   ASP B OD2 1 
ATOM   970  N  N   . THR B 1 22  ? -7.538  -4.548  7.940   1.00 61.18  ? 22   THR B N   1 
ATOM   971  C  CA  . THR B 1 22  ? -8.162  -4.717  9.242   1.00 62.96  ? 22   THR B CA  1 
ATOM   972  C  C   . THR B 1 22  ? -7.959  -3.414  10.037  1.00 66.15  ? 22   THR B C   1 
ATOM   973  O  O   . THR B 1 22  ? -8.901  -2.882  10.634  1.00 61.95  ? 22   THR B O   1 
ATOM   974  C  CB  . THR B 1 22  ? -7.546  -5.923  9.977   1.00 64.29  ? 22   THR B CB  1 
ATOM   975  O  OG1 . THR B 1 22  ? -7.694  -7.092  9.159   1.00 74.57  ? 22   THR B OG1 1 
ATOM   976  C  CG2 . THR B 1 22  ? -8.247  -6.170  11.307  1.00 70.67  ? 22   THR B CG2 1 
ATOM   977  N  N   . ASP B 1 23  ? -6.734  -2.892  10.005  1.00 63.34  ? 23   ASP B N   1 
ATOM   978  C  CA  . ASP B 1 23  ? -6.385  -1.650  10.697  1.00 58.95  ? 23   ASP B CA  1 
ATOM   979  C  C   . ASP B 1 23  ? -7.327  -0.517  10.300  1.00 59.60  ? 23   ASP B C   1 
ATOM   980  O  O   . ASP B 1 23  ? -7.963  0.101   11.150  1.00 63.42  ? 23   ASP B O   1 
ATOM   981  C  CB  . ASP B 1 23  ? -4.958  -1.241  10.344  1.00 61.62  ? 23   ASP B CB  1 
ATOM   982  C  CG  . ASP B 1 23  ? -3.934  -2.273  10.758  1.00 55.52  ? 23   ASP B CG  1 
ATOM   983  O  OD1 . ASP B 1 23  ? -2.899  -2.369  10.069  1.00 63.73  ? 23   ASP B OD1 1 
ATOM   984  O  OD2 . ASP B 1 23  ? -4.151  -2.977  11.766  1.00 59.49  ? 23   ASP B OD2 1 
ATOM   985  N  N   . VAL B 1 24  ? -7.399  -0.241  9.005   1.00 56.13  ? 24   VAL B N   1 
ATOM   986  C  CA  . VAL B 1 24  ? -8.260  0.813   8.491   1.00 57.23  ? 24   VAL B CA  1 
ATOM   987  C  C   . VAL B 1 24  ? -9.734  0.549   8.791   1.00 59.87  ? 24   VAL B C   1 
ATOM   988  O  O   . VAL B 1 24  ? -10.519 1.491   8.932   1.00 53.88  ? 24   VAL B O   1 
ATOM   989  C  CB  . VAL B 1 24  ? -8.090  0.969   6.970   1.00 60.81  ? 24   VAL B CB  1 
ATOM   990  C  CG1 . VAL B 1 24  ? -8.979  2.094   6.448   1.00 64.48  ? 24   VAL B CG1 1 
ATOM   991  C  CG2 . VAL B 1 24  ? -6.640  1.249   6.654   1.00 64.64  ? 24   VAL B CG2 1 
ATOM   992  N  N   . ALA B 1 25  ? -10.114 -0.726  8.879   1.00 57.41  ? 25   ALA B N   1 
ATOM   993  C  CA  . ALA B 1 25  ? -11.500 -1.082  9.170   1.00 53.57  ? 25   ALA B CA  1 
ATOM   994  C  C   . ALA B 1 25  ? -11.787 -0.684  10.608  1.00 46.04  ? 25   ALA B C   1 
ATOM   995  O  O   . ALA B 1 25  ? -12.781 -0.021  10.894  1.00 47.59  ? 25   ALA B O   1 
ATOM   996  C  CB  . ALA B 1 25  ? -11.715 -2.578  8.993   1.00 49.90  ? 25   ALA B CB  1 
ATOM   997  N  N   . VAL B 1 26  ? -10.892 -1.093  11.502  1.00 47.57  ? 26   VAL B N   1 
ATOM   998  C  CA  . VAL B 1 26  ? -11.015 -0.786  12.917  1.00 52.29  ? 26   VAL B CA  1 
ATOM   999  C  C   . VAL B 1 26  ? -11.036 0.732   13.141  1.00 53.38  ? 26   VAL B C   1 
ATOM   1000 O  O   . VAL B 1 26  ? -11.899 1.245   13.852  1.00 54.76  ? 26   VAL B O   1 
ATOM   1001 C  CB  . VAL B 1 26  ? -9.866  -1.446  13.720  1.00 48.62  ? 26   VAL B CB  1 
ATOM   1002 C  CG1 . VAL B 1 26  ? -9.860  -0.940  15.138  1.00 50.75  ? 26   VAL B CG1 1 
ATOM   1003 C  CG2 . VAL B 1 26  ? -10.049 -2.960  13.733  1.00 49.14  ? 26   VAL B CG2 1 
ATOM   1004 N  N   . LEU B 1 27  ? -10.108 1.445   12.511  1.00 53.94  ? 27   LEU B N   1 
ATOM   1005 C  CA  . LEU B 1 27  ? -10.031 2.901   12.639  1.00 50.04  ? 27   LEU B CA  1 
ATOM   1006 C  C   . LEU B 1 27  ? -11.313 3.608   12.212  1.00 50.48  ? 27   LEU B C   1 
ATOM   1007 O  O   . LEU B 1 27  ? -11.886 4.382   12.979  1.00 48.10  ? 27   LEU B O   1 
ATOM   1008 C  CB  . LEU B 1 27  ? -8.860  3.455   11.814  1.00 48.53  ? 27   LEU B CB  1 
ATOM   1009 C  CG  . LEU B 1 27  ? -8.657  4.979   11.776  1.00 48.67  ? 27   LEU B CG  1 
ATOM   1010 C  CD1 . LEU B 1 27  ? -8.221  5.483   13.147  1.00 42.52  ? 27   LEU B CD1 1 
ATOM   1011 C  CD2 . LEU B 1 27  ? -7.613  5.336   10.720  1.00 43.99  ? 27   LEU B CD2 1 
ATOM   1012 N  N   . LEU B 1 28  ? -11.753 3.352   10.983  1.00 47.96  ? 28   LEU B N   1 
ATOM   1013 C  CA  . LEU B 1 28  ? -12.961 3.989   10.451  1.00 53.02  ? 28   LEU B CA  1 
ATOM   1014 C  C   . LEU B 1 28  ? -14.229 3.658   11.250  1.00 50.60  ? 28   LEU B C   1 
ATOM   1015 O  O   . LEU B 1 28  ? -15.108 4.505   11.391  1.00 52.01  ? 28   LEU B O   1 
ATOM   1016 C  CB  . LEU B 1 28  ? -13.163 3.617   8.971   1.00 54.48  ? 28   LEU B CB  1 
ATOM   1017 C  CG  . LEU B 1 28  ? -12.333 4.323   7.884   1.00 58.09  ? 28   LEU B CG  1 
ATOM   1018 C  CD1 . LEU B 1 28  ? -12.792 5.751   7.720   1.00 59.24  ? 28   LEU B CD1 1 
ATOM   1019 C  CD2 . LEU B 1 28  ? -10.863 4.285   8.234   1.00 62.93  ? 28   LEU B CD2 1 
ATOM   1020 N  N   . LYS B 1 29  ? -14.317 2.439   11.773  1.00 51.28  ? 29   LYS B N   1 
ATOM   1021 C  CA  . LYS B 1 29  ? -15.479 2.043   12.563  1.00 55.31  ? 29   LYS B CA  1 
ATOM   1022 C  C   . LYS B 1 29  ? -15.511 2.856   13.845  1.00 56.71  ? 29   LYS B C   1 
ATOM   1023 O  O   . LYS B 1 29  ? -16.556 3.370   14.240  1.00 58.84  ? 29   LYS B O   1 
ATOM   1024 C  CB  . LYS B 1 29  ? -15.423 0.549   12.899  1.00 55.77  ? 29   LYS B CB  1 
ATOM   1025 C  CG  . LYS B 1 29  ? -16.653 0.020   13.622  1.00 58.00  ? 29   LYS B CG  1 
ATOM   1026 C  CD  . LYS B 1 29  ? -17.924 0.675   13.098  1.00 58.83  ? 29   LYS B CD  1 
ATOM   1027 C  CE  . LYS B 1 29  ? -19.105 -0.279  13.089  1.00 71.59  ? 29   LYS B CE  1 
ATOM   1028 N  NZ  . LYS B 1 29  ? -18.988 -1.291  11.997  1.00 70.37  ? 29   LYS B NZ  1 
HETATM 1029 N  N   . MSE B 1 30  ? -14.357 2.980   14.491  1.00 59.13  ? 30   MSE B N   1 
HETATM 1030 C  CA  . MSE B 1 30  ? -14.269 3.751   15.718  1.00 57.35  ? 30   MSE B CA  1 
HETATM 1031 C  C   . MSE B 1 30  ? -14.616 5.207   15.463  1.00 57.82  ? 30   MSE B C   1 
HETATM 1032 O  O   . MSE B 1 30  ? -15.208 5.867   16.313  1.00 59.54  ? 30   MSE B O   1 
HETATM 1033 C  CB  . MSE B 1 30  ? -12.873 3.635   16.320  1.00 46.56  ? 30   MSE B CB  1 
HETATM 1034 C  CG  . MSE B 1 30  ? -12.678 2.333   17.042  1.00 36.45  ? 30   MSE B CG  1 
HETATM 1035 SE SE  . MSE B 1 30  ? -10.942 2.166   17.778  1.00 52.16  ? 30   MSE B SE  1 
HETATM 1036 C  CE  . MSE B 1 30  ? -9.942  2.463   16.172  1.00 56.41  ? 30   MSE B CE  1 
ATOM   1037 N  N   . VAL B 1 31  ? -14.264 5.701   14.283  1.00 59.59  ? 31   VAL B N   1 
ATOM   1038 C  CA  . VAL B 1 31  ? -14.556 7.081   13.933  1.00 57.92  ? 31   VAL B CA  1 
ATOM   1039 C  C   . VAL B 1 31  ? -16.058 7.311   13.799  1.00 60.13  ? 31   VAL B C   1 
ATOM   1040 O  O   . VAL B 1 31  ? -16.571 8.336   14.244  1.00 59.42  ? 31   VAL B O   1 
ATOM   1041 C  CB  . VAL B 1 31  ? -13.860 7.483   12.607  1.00 59.36  ? 31   VAL B CB  1 
ATOM   1042 C  CG1 . VAL B 1 31  ? -14.376 8.832   12.130  1.00 54.79  ? 31   VAL B CG1 1 
ATOM   1043 C  CG2 . VAL B 1 31  ? -12.348 7.550   12.812  1.00 53.64  ? 31   VAL B CG2 1 
ATOM   1044 N  N   . GLU B 1 32  ? -16.765 6.349   13.212  1.00 59.83  ? 32   GLU B N   1 
ATOM   1045 C  CA  . GLU B 1 32  ? -18.201 6.493   13.008  1.00 63.33  ? 32   GLU B CA  1 
ATOM   1046 C  C   . GLU B 1 32  ? -19.105 6.262   14.225  1.00 62.86  ? 32   GLU B C   1 
ATOM   1047 O  O   . GLU B 1 32  ? -20.192 6.840   14.301  1.00 56.60  ? 32   GLU B O   1 
ATOM   1048 C  CB  . GLU B 1 32  ? -18.673 5.582   11.865  1.00 64.19  ? 32   GLU B CB  1 
ATOM   1049 C  CG  . GLU B 1 32  ? -18.771 4.113   12.230  1.00 73.49  ? 32   GLU B CG  1 
ATOM   1050 C  CD  . GLU B 1 32  ? -19.734 3.349   11.330  1.00 77.75  ? 32   GLU B CD  1 
ATOM   1051 O  OE1 . GLU B 1 32  ? -20.889 3.797   11.184  1.00 75.44  ? 32   GLU B OE1 1 
ATOM   1052 O  OE2 . GLU B 1 32  ? -19.344 2.297   10.778  1.00 82.17  ? 32   GLU B OE2 1 
ATOM   1053 N  N   . ILE B 1 33  ? -18.678 5.424   15.168  1.00 60.73  ? 33   ILE B N   1 
ATOM   1054 C  CA  . ILE B 1 33  ? -19.507 5.148   16.336  1.00 58.61  ? 33   ILE B CA  1 
ATOM   1055 C  C   . ILE B 1 33  ? -19.489 6.304   17.325  1.00 62.05  ? 33   ILE B C   1 
ATOM   1056 O  O   . ILE B 1 33  ? -20.319 6.365   18.234  1.00 61.72  ? 33   ILE B O   1 
ATOM   1057 C  CB  . ILE B 1 33  ? -19.073 3.863   17.061  1.00 55.50  ? 33   ILE B CB  1 
ATOM   1058 C  CG1 . ILE B 1 33  ? -17.668 4.034   17.632  1.00 59.99  ? 33   ILE B CG1 1 
ATOM   1059 C  CG2 . ILE B 1 33  ? -19.143 2.693   16.106  1.00 55.55  ? 33   ILE B CG2 1 
ATOM   1060 C  CD1 . ILE B 1 33  ? -17.187 2.843   18.428  1.00 60.70  ? 33   ILE B CD1 1 
ATOM   1061 N  N   . GLU B 1 34  ? -18.544 7.220   17.138  1.00 58.86  ? 34   GLU B N   1 
ATOM   1062 C  CA  . GLU B 1 34  ? -18.431 8.394   17.985  1.00 61.80  ? 34   GLU B CA  1 
ATOM   1063 C  C   . GLU B 1 34  ? -18.600 8.124   19.483  1.00 66.29  ? 34   GLU B C   1 
ATOM   1064 O  O   . GLU B 1 34  ? -19.330 8.847   20.161  1.00 67.94  ? 34   GLU B O   1 
ATOM   1065 C  CB  . GLU B 1 34  ? -19.457 9.438   17.542  1.00 65.12  ? 34   GLU B CB  1 
ATOM   1066 C  CG  . GLU B 1 34  ? -19.137 10.123  16.222  1.00 77.44  ? 34   GLU B CG  1 
ATOM   1067 C  CD  . GLU B 1 34  ? -20.355 10.805  15.613  1.00 86.57  ? 34   GLU B CD  1 
ATOM   1068 O  OE1 . GLU B 1 34  ? -21.085 11.493  16.359  1.00 87.99  ? 34   GLU B OE1 1 
ATOM   1069 O  OE2 . GLU B 1 34  ? -20.580 10.661  14.388  1.00 89.29  ? 34   GLU B OE2 1 
ATOM   1070 N  N   . LYS B 1 35  ? -17.933 7.090   19.995  1.00 66.74  ? 35   LYS B N   1 
ATOM   1071 C  CA  . LYS B 1 35  ? -18.004 6.761   21.423  1.00 65.45  ? 35   LYS B CA  1 
ATOM   1072 C  C   . LYS B 1 35  ? -16.931 5.745   21.803  1.00 60.81  ? 35   LYS B C   1 
ATOM   1073 O  O   . LYS B 1 35  ? -16.427 5.013   20.954  1.00 58.08  ? 35   LYS B O   1 
ATOM   1074 C  CB  . LYS B 1 35  ? -19.385 6.206   21.794  1.00 71.06  ? 35   LYS B CB  1 
ATOM   1075 C  CG  . LYS B 1 35  ? -19.660 4.803   21.273  1.00 79.35  ? 35   LYS B CG  1 
ATOM   1076 C  CD  . LYS B 1 35  ? -20.963 4.247   21.827  1.00 81.26  ? 35   LYS B CD  1 
ATOM   1077 C  CE  . LYS B 1 35  ? -21.224 2.838   21.309  1.00 87.10  ? 35   LYS B CE  1 
ATOM   1078 N  NZ  . LYS B 1 35  ? -22.434 2.217   21.927  1.00 89.49  ? 35   LYS B NZ  1 
ATOM   1079 N  N   . PRO B 1 36  ? -16.567 5.687   23.093  1.00 60.22  ? 36   PRO B N   1 
ATOM   1080 C  CA  . PRO B 1 36  ? -15.541 4.745   23.557  1.00 54.44  ? 36   PRO B CA  1 
ATOM   1081 C  C   . PRO B 1 36  ? -15.990 3.301   23.345  1.00 50.70  ? 36   PRO B C   1 
ATOM   1082 O  O   . PRO B 1 36  ? -17.176 2.994   23.430  1.00 42.47  ? 36   PRO B O   1 
ATOM   1083 C  CB  . PRO B 1 36  ? -15.383 5.110   25.030  1.00 58.80  ? 36   PRO B CB  1 
ATOM   1084 C  CG  . PRO B 1 36  ? -16.762 5.547   25.407  1.00 62.71  ? 36   PRO B CG  1 
ATOM   1085 C  CD  . PRO B 1 36  ? -17.168 6.410   24.228  1.00 61.21  ? 36   PRO B CD  1 
ATOM   1086 N  N   . ILE B 1 37  ? -15.044 2.413   23.074  1.00 42.69  ? 37   ILE B N   1 
ATOM   1087 C  CA  . ILE B 1 37  ? -15.410 1.035   22.808  1.00 42.66  ? 37   ILE B CA  1 
ATOM   1088 C  C   . ILE B 1 37  ? -14.368 0.039   23.309  1.00 39.61  ? 37   ILE B C   1 
ATOM   1089 O  O   . ILE B 1 37  ? -13.177 0.345   23.404  1.00 38.78  ? 37   ILE B O   1 
ATOM   1090 C  CB  . ILE B 1 37  ? -15.660 0.849   21.281  1.00 40.20  ? 37   ILE B CB  1 
ATOM   1091 C  CG1 . ILE B 1 37  ? -16.389 -0.466  21.024  1.00 39.21  ? 37   ILE B CG1 1 
ATOM   1092 C  CG2 . ILE B 1 37  ? -14.334 0.932   20.523  1.00 43.96  ? 37   ILE B CG2 1 
ATOM   1093 C  CD1 . ILE B 1 37  ? -16.790 -0.689  19.584  1.00 38.31  ? 37   ILE B CD1 1 
ATOM   1094 N  N   . THR B 1 38  ? -14.824 -1.154  23.654  1.00 34.75  ? 38   THR B N   1 
ATOM   1095 C  CA  . THR B 1 38  ? -13.922 -2.178  24.144  1.00 34.96  ? 38   THR B CA  1 
ATOM   1096 C  C   . THR B 1 38  ? -13.382 -3.028  22.995  1.00 43.16  ? 38   THR B C   1 
ATOM   1097 O  O   . THR B 1 38  ? -13.883 -2.978  21.862  1.00 43.11  ? 38   THR B O   1 
ATOM   1098 C  CB  . THR B 1 38  ? -14.639 -3.123  25.095  1.00 42.04  ? 38   THR B CB  1 
ATOM   1099 O  OG1 . THR B 1 38  ? -15.774 -3.673  24.408  1.00 37.31  ? 38   THR B OG1 1 
ATOM   1100 C  CG2 . THR B 1 38  ? -15.098 -2.387  26.369  1.00 34.31  ? 38   THR B CG2 1 
ATOM   1101 N  N   . SER B 1 39  ? -12.374 -3.825  23.318  1.00 42.08  ? 39   SER B N   1 
ATOM   1102 C  CA  . SER B 1 39  ? -11.749 -4.730  22.368  1.00 46.87  ? 39   SER B CA  1 
ATOM   1103 C  C   . SER B 1 39  ? -12.732 -5.865  22.052  1.00 43.35  ? 39   SER B C   1 
ATOM   1104 O  O   . SER B 1 39  ? -12.847 -6.305  20.913  1.00 47.09  ? 39   SER B O   1 
ATOM   1105 C  CB  . SER B 1 39  ? -10.472 -5.307  22.983  1.00 41.89  ? 39   SER B CB  1 
ATOM   1106 O  OG  . SER B 1 39  ? -9.920  -6.314  22.154  1.00 65.20  ? 39   SER B OG  1 
ATOM   1107 N  N   . GLU B 1 40  ? -13.448 -6.335  23.065  1.00 48.44  ? 40   GLU B N   1 
ATOM   1108 C  CA  . GLU B 1 40  ? -14.391 -7.412  22.829  1.00 47.43  ? 40   GLU B CA  1 
ATOM   1109 C  C   . GLU B 1 40  ? -15.558 -6.966  21.973  1.00 45.51  ? 40   GLU B C   1 
ATOM   1110 O  O   . GLU B 1 40  ? -16.102 -7.769  21.211  1.00 50.89  ? 40   GLU B O   1 
ATOM   1111 C  CB  . GLU B 1 40  ? -14.878 -8.035  24.141  1.00 51.70  ? 40   GLU B CB  1 
ATOM   1112 C  CG  . GLU B 1 40  ? -15.598 -7.146  25.129  1.00 52.48  ? 40   GLU B CG  1 
ATOM   1113 C  CD  . GLU B 1 40  ? -16.118 -7.963  26.309  1.00 66.50  ? 40   GLU B CD  1 
ATOM   1114 O  OE1 . GLU B 1 40  ? -15.433 -8.936  26.695  1.00 70.10  ? 40   GLU B OE1 1 
ATOM   1115 O  OE2 . GLU B 1 40  ? -17.198 -7.644  26.855  1.00 57.73  ? 40   GLU B OE2 1 
ATOM   1116 N  N   . GLU B 1 41  ? -15.936 -5.693  22.065  1.00 39.01  ? 41   GLU B N   1 
ATOM   1117 C  CA  . GLU B 1 41  ? -17.038 -5.197  21.238  1.00 38.45  ? 41   GLU B CA  1 
ATOM   1118 C  C   . GLU B 1 41  ? -16.626 -5.192  19.771  1.00 41.13  ? 41   GLU B C   1 
ATOM   1119 O  O   . GLU B 1 41  ? -17.381 -5.620  18.890  1.00 33.50  ? 41   GLU B O   1 
ATOM   1120 C  CB  . GLU B 1 41  ? -17.419 -3.776  21.624  1.00 40.28  ? 41   GLU B CB  1 
ATOM   1121 C  CG  . GLU B 1 41  ? -18.443 -3.657  22.718  1.00 44.27  ? 41   GLU B CG  1 
ATOM   1122 C  CD  . GLU B 1 41  ? -18.515 -2.240  23.251  1.00 53.57  ? 41   GLU B CD  1 
ATOM   1123 O  OE1 . GLU B 1 41  ? -17.681 -1.880  24.118  1.00 50.90  ? 41   GLU B OE1 1 
ATOM   1124 O  OE2 . GLU B 1 41  ? -19.388 -1.484  22.781  1.00 50.21  ? 41   GLU B OE2 1 
ATOM   1125 N  N   . LEU B 1 42  ? -15.428 -4.677  19.521  1.00 35.16  ? 42   LEU B N   1 
ATOM   1126 C  CA  . LEU B 1 42  ? -14.897 -4.583  18.179  1.00 34.67  ? 42   LEU B CA  1 
ATOM   1127 C  C   . LEU B 1 42  ? -14.829 -5.964  17.546  1.00 36.25  ? 42   LEU B C   1 
ATOM   1128 O  O   . LEU B 1 42  ? -15.173 -6.141  16.377  1.00 40.29  ? 42   LEU B O   1 
ATOM   1129 C  CB  . LEU B 1 42  ? -13.514 -3.938  18.219  1.00 32.13  ? 42   LEU B CB  1 
ATOM   1130 C  CG  . LEU B 1 42  ? -13.574 -2.411  18.312  1.00 39.43  ? 42   LEU B CG  1 
ATOM   1131 C  CD1 . LEU B 1 42  ? -12.176 -1.860  18.528  1.00 40.77  ? 42   LEU B CD1 1 
ATOM   1132 C  CD2 . LEU B 1 42  ? -14.198 -1.832  17.037  1.00 35.18  ? 42   LEU B CD2 1 
ATOM   1133 N  N   . ALA B 1 43  ? -14.383 -6.924  18.344  1.00 35.20  ? 43   ALA B N   1 
ATOM   1134 C  CA  . ALA B 1 43  ? -14.273 -8.311  17.946  1.00 41.70  ? 43   ALA B CA  1 
ATOM   1135 C  C   . ALA B 1 43  ? -15.645 -8.854  17.506  1.00 43.47  ? 43   ALA B C   1 
ATOM   1136 O  O   . ALA B 1 43  ? -15.731 -9.612  16.556  1.00 44.97  ? 43   ALA B O   1 
ATOM   1137 C  CB  . ALA B 1 43  ? -13.723 -9.126  19.109  1.00 32.85  ? 43   ALA B CB  1 
ATOM   1138 N  N   . ASP B 1 44  ? -16.717 -8.469  18.191  1.00 47.90  ? 44   ASP B N   1 
ATOM   1139 C  CA  . ASP B 1 44  ? -18.049 -8.944  17.804  1.00 51.90  ? 44   ASP B CA  1 
ATOM   1140 C  C   . ASP B 1 44  ? -18.478 -8.255  16.522  1.00 53.57  ? 44   ASP B C   1 
ATOM   1141 O  O   . ASP B 1 44  ? -19.237 -8.808  15.720  1.00 54.71  ? 44   ASP B O   1 
ATOM   1142 C  CB  . ASP B 1 44  ? -19.102 -8.664  18.891  1.00 43.96  ? 44   ASP B CB  1 
ATOM   1143 C  CG  . ASP B 1 44  ? -18.958 -9.569  20.105  1.00 40.99  ? 44   ASP B CG  1 
ATOM   1144 O  OD1 . ASP B 1 44  ? -18.486 -10.713 19.939  1.00 43.89  ? 44   ASP B OD1 1 
ATOM   1145 O  OD2 . ASP B 1 44  ? -19.335 -9.142  21.226  1.00 40.76  ? 44   ASP B OD2 1 
ATOM   1146 N  N   . ILE B 1 45  ? -17.998 -7.034  16.336  1.00 52.41  ? 45   ILE B N   1 
ATOM   1147 C  CA  . ILE B 1 45  ? -18.323 -6.270  15.149  1.00 52.91  ? 45   ILE B CA  1 
ATOM   1148 C  C   . ILE B 1 45  ? -17.636 -6.824  13.900  1.00 55.72  ? 45   ILE B C   1 
ATOM   1149 O  O   . ILE B 1 45  ? -18.258 -6.940  12.853  1.00 59.51  ? 45   ILE B O   1 
ATOM   1150 C  CB  . ILE B 1 45  ? -17.919 -4.799  15.320  1.00 51.33  ? 45   ILE B CB  1 
ATOM   1151 C  CG1 . ILE B 1 45  ? -18.721 -4.180  16.466  1.00 51.56  ? 45   ILE B CG1 1 
ATOM   1152 C  CG2 . ILE B 1 45  ? -18.152 -4.041  14.014  1.00 52.71  ? 45   ILE B CG2 1 
ATOM   1153 C  CD1 . ILE B 1 45  ? -18.495 -2.696  16.665  1.00 46.17  ? 45   ILE B CD1 1 
ATOM   1154 N  N   . PHE B 1 46  ? -16.354 -7.158  14.009  1.00 59.37  ? 46   PHE B N   1 
ATOM   1155 C  CA  . PHE B 1 46  ? -15.599 -7.687  12.870  1.00 64.22  ? 46   PHE B CA  1 
ATOM   1156 C  C   . PHE B 1 46  ? -15.451 -9.194  12.945  1.00 65.22  ? 46   PHE B C   1 
ATOM   1157 O  O   . PHE B 1 46  ? -14.812 -9.810  12.096  1.00 65.43  ? 46   PHE B O   1 
ATOM   1158 C  CB  . PHE B 1 46  ? -14.204 -7.055  12.801  1.00 55.29  ? 46   PHE B CB  1 
ATOM   1159 C  CG  . PHE B 1 46  ? -14.228 -5.586  12.547  1.00 58.12  ? 46   PHE B CG  1 
ATOM   1160 C  CD1 . PHE B 1 46  ? -14.294 -4.688  13.602  1.00 45.39  ? 46   PHE B CD1 1 
ATOM   1161 C  CD2 . PHE B 1 46  ? -14.249 -5.098  11.246  1.00 57.28  ? 46   PHE B CD2 1 
ATOM   1162 C  CE1 . PHE B 1 46  ? -14.385 -3.335  13.372  1.00 47.30  ? 46   PHE B CE1 1 
ATOM   1163 C  CE2 . PHE B 1 46  ? -14.341 -3.739  11.005  1.00 58.50  ? 46   PHE B CE2 1 
ATOM   1164 C  CZ  . PHE B 1 46  ? -14.410 -2.851  12.072  1.00 53.09  ? 46   PHE B CZ  1 
ATOM   1165 N  N   . LYS B 1 47  ? -16.044 -9.783  13.973  1.00 69.65  ? 47   LYS B N   1 
ATOM   1166 C  CA  . LYS B 1 47  ? -15.969 -11.216 14.164  1.00 68.77  ? 47   LYS B CA  1 
ATOM   1167 C  C   . LYS B 1 47  ? -14.503 -11.644 14.067  1.00 68.41  ? 47   LYS B C   1 
ATOM   1168 O  O   . LYS B 1 47  ? -14.124 -12.383 13.158  1.00 65.31  ? 47   LYS B O   1 
ATOM   1169 C  CB  . LYS B 1 47  ? -16.818 -11.917 13.100  1.00 72.49  ? 47   LYS B CB  1 
ATOM   1170 C  CG  . LYS B 1 47  ? -17.530 -13.175 13.581  1.00 78.22  ? 47   LYS B CG  1 
ATOM   1171 C  CD  . LYS B 1 47  ? -16.542 -14.286 13.904  1.00 86.61  ? 47   LYS B CD  1 
ATOM   1172 C  CE  . LYS B 1 47  ? -17.231 -15.641 14.055  1.00 88.17  ? 47   LYS B CE  1 
ATOM   1173 N  NZ  . LYS B 1 47  ? -18.132 -15.725 15.239  1.00 89.73  ? 47   LYS B NZ  1 
ATOM   1174 N  N   . LEU B 1 48  ? -13.684 -11.147 14.998  1.00 63.26  ? 48   LEU B N   1 
ATOM   1175 C  CA  . LEU B 1 48  ? -12.259 -11.480 15.059  1.00 57.89  ? 48   LEU B CA  1 
ATOM   1176 C  C   . LEU B 1 48  ? -11.892 -11.717 16.517  1.00 59.28  ? 48   LEU B C   1 
ATOM   1177 O  O   . LEU B 1 48  ? -12.613 -11.298 17.414  1.00 62.03  ? 48   LEU B O   1 
ATOM   1178 C  CB  . LEU B 1 48  ? -11.395 -10.335 14.525  1.00 60.81  ? 48   LEU B CB  1 
ATOM   1179 C  CG  . LEU B 1 48  ? -11.750 -9.674  13.196  1.00 59.15  ? 48   LEU B CG  1 
ATOM   1180 C  CD1 . LEU B 1 48  ? -10.630 -8.707  12.811  1.00 60.00  ? 48   LEU B CD1 1 
ATOM   1181 C  CD2 . LEU B 1 48  ? -11.935 -10.726 12.121  1.00 65.36  ? 48   LEU B CD2 1 
ATOM   1182 N  N   . SER B 1 49  ? -10.770 -12.380 16.763  1.00 55.86  ? 49   SER B N   1 
ATOM   1183 C  CA  . SER B 1 49  ? -10.358 -12.636 18.140  1.00 63.57  ? 49   SER B CA  1 
ATOM   1184 C  C   . SER B 1 49  ? -9.911  -11.336 18.809  1.00 64.04  ? 49   SER B C   1 
ATOM   1185 O  O   . SER B 1 49  ? -9.438  -10.421 18.136  1.00 57.61  ? 49   SER B O   1 
ATOM   1186 C  CB  . SER B 1 49  ? -9.206  -13.649 18.167  1.00 70.81  ? 49   SER B CB  1 
ATOM   1187 O  OG  . SER B 1 49  ? -8.089  -13.185 17.416  1.00 76.77  ? 49   SER B OG  1 
ATOM   1188 N  N   . LYS B 1 50  ? -10.066 -11.251 20.129  1.00 66.93  ? 50   LYS B N   1 
ATOM   1189 C  CA  . LYS B 1 50  ? -9.644  -10.059 20.853  1.00 70.61  ? 50   LYS B CA  1 
ATOM   1190 C  C   . LYS B 1 50  ? -8.220  -9.703  20.435  1.00 73.75  ? 50   LYS B C   1 
ATOM   1191 O  O   . LYS B 1 50  ? -7.947  -8.565  20.045  1.00 76.53  ? 50   LYS B O   1 
ATOM   1192 C  CB  . LYS B 1 50  ? -9.676  -10.287 22.367  1.00 71.19  ? 50   LYS B CB  1 
ATOM   1193 C  CG  . LYS B 1 50  ? -11.064 -10.356 22.973  1.00 75.20  ? 50   LYS B CG  1 
ATOM   1194 C  CD  . LYS B 1 50  ? -11.008 -10.543 24.491  1.00 78.40  ? 50   LYS B CD  1 
ATOM   1195 C  CE  . LYS B 1 50  ? -10.702 -9.240  25.235  1.00 74.79  ? 50   LYS B CE  1 
ATOM   1196 N  NZ  . LYS B 1 50  ? -9.403  -8.612  24.849  1.00 78.96  ? 50   LYS B NZ  1 
ATOM   1197 N  N   . THR B 1 51  ? -7.323  -10.687 20.510  1.00 73.44  ? 51   THR B N   1 
ATOM   1198 C  CA  . THR B 1 51  ? -5.922  -10.490 20.148  1.00 72.35  ? 51   THR B CA  1 
ATOM   1199 C  C   . THR B 1 51  ? -5.754  -9.832  18.782  1.00 69.00  ? 51   THR B C   1 
ATOM   1200 O  O   . THR B 1 51  ? -5.030  -8.851  18.652  1.00 69.80  ? 51   THR B O   1 
ATOM   1201 C  CB  . THR B 1 51  ? -5.146  -11.822 20.153  1.00 73.31  ? 51   THR B CB  1 
ATOM   1202 O  OG1 . THR B 1 51  ? -5.102  -12.347 21.488  1.00 73.67  ? 51   THR B OG1 1 
ATOM   1203 C  CG2 . THR B 1 51  ? -3.725  -11.605 19.660  1.00 74.54  ? 51   THR B CG2 1 
ATOM   1204 N  N   . THR B 1 52  ? -6.411  -10.379 17.767  1.00 67.57  ? 52   THR B N   1 
ATOM   1205 C  CA  . THR B 1 52  ? -6.342  -9.819  16.421  1.00 65.46  ? 52   THR B CA  1 
ATOM   1206 C  C   . THR B 1 52  ? -6.690  -8.332  16.484  1.00 67.05  ? 52   THR B C   1 
ATOM   1207 O  O   . THR B 1 52  ? -5.898  -7.475  16.088  1.00 67.30  ? 52   THR B O   1 
ATOM   1208 C  CB  . THR B 1 52  ? -7.343  -10.533 15.474  1.00 69.46  ? 52   THR B CB  1 
ATOM   1209 O  OG1 . THR B 1 52  ? -6.856  -11.850 15.174  1.00 68.42  ? 52   THR B OG1 1 
ATOM   1210 C  CG2 . THR B 1 52  ? -7.543  -9.739  14.179  1.00 61.52  ? 52   THR B CG2 1 
ATOM   1211 N  N   . VAL B 1 53  ? -7.889  -8.048  16.987  1.00 65.67  ? 53   VAL B N   1 
ATOM   1212 C  CA  . VAL B 1 53  ? -8.394  -6.689  17.136  1.00 56.09  ? 53   VAL B CA  1 
ATOM   1213 C  C   . VAL B 1 53  ? -7.375  -5.816  17.861  1.00 56.86  ? 53   VAL B C   1 
ATOM   1214 O  O   . VAL B 1 53  ? -7.021  -4.733  17.397  1.00 54.83  ? 53   VAL B O   1 
ATOM   1215 C  CB  . VAL B 1 53  ? -9.715  -6.685  17.950  1.00 51.76  ? 53   VAL B CB  1 
ATOM   1216 C  CG1 . VAL B 1 53  ? -10.065 -5.268  18.380  1.00 40.65  ? 53   VAL B CG1 1 
ATOM   1217 C  CG2 . VAL B 1 53  ? -10.841 -7.283  17.117  1.00 37.30  ? 53   VAL B CG2 1 
ATOM   1218 N  N   . GLU B 1 54  ? -6.911  -6.298  19.006  1.00 56.80  ? 54   GLU B N   1 
ATOM   1219 C  CA  . GLU B 1 54  ? -5.948  -5.555  19.799  1.00 65.01  ? 54   GLU B CA  1 
ATOM   1220 C  C   . GLU B 1 54  ? -4.661  -5.233  19.049  1.00 69.27  ? 54   GLU B C   1 
ATOM   1221 O  O   . GLU B 1 54  ? -3.990  -4.250  19.365  1.00 74.34  ? 54   GLU B O   1 
ATOM   1222 C  CB  . GLU B 1 54  ? -5.641  -6.322  21.078  1.00 58.95  ? 54   GLU B CB  1 
ATOM   1223 C  CG  . GLU B 1 54  ? -6.864  -6.490  21.951  1.00 69.24  ? 54   GLU B CG  1 
ATOM   1224 C  CD  . GLU B 1 54  ? -6.593  -7.326  23.172  1.00 71.46  ? 54   GLU B CD  1 
ATOM   1225 O  OE1 . GLU B 1 54  ? -6.022  -8.425  23.014  1.00 79.07  ? 54   GLU B OE1 1 
ATOM   1226 O  OE2 . GLU B 1 54  ? -6.959  -6.895  24.284  1.00 74.79  ? 54   GLU B OE2 1 
ATOM   1227 N  N   . ASN B 1 55  ? -4.315  -6.047  18.054  1.00 69.40  ? 55   ASN B N   1 
ATOM   1228 C  CA  . ASN B 1 55  ? -3.105  -5.789  17.284  1.00 69.02  ? 55   ASN B CA  1 
ATOM   1229 C  C   . ASN B 1 55  ? -3.312  -4.532  16.457  1.00 68.12  ? 55   ASN B C   1 
ATOM   1230 O  O   . ASN B 1 55  ? -2.399  -3.716  16.311  1.00 72.97  ? 55   ASN B O   1 
ATOM   1231 C  CB  . ASN B 1 55  ? -2.765  -6.961  16.354  1.00 74.88  ? 55   ASN B CB  1 
ATOM   1232 C  CG  . ASN B 1 55  ? -2.287  -8.185  17.105  1.00 74.47  ? 55   ASN B CG  1 
ATOM   1233 O  OD1 . ASN B 1 55  ? -1.621  -8.076  18.137  1.00 74.46  ? 55   ASN B OD1 1 
ATOM   1234 N  ND2 . ASN B 1 55  ? -2.609  -9.364  16.581  1.00 75.37  ? 55   ASN B ND2 1 
ATOM   1235 N  N   . SER B 1 56  ? -4.513  -4.387  15.905  1.00 58.42  ? 56   SER B N   1 
ATOM   1236 C  CA  . SER B 1 56  ? -4.833  -3.215  15.110  1.00 53.24  ? 56   SER B CA  1 
ATOM   1237 C  C   . SER B 1 56  ? -4.804  -1.998  16.022  1.00 53.01  ? 56   SER B C   1 
ATOM   1238 O  O   . SER B 1 56  ? -4.100  -1.027  15.753  1.00 55.73  ? 56   SER B O   1 
ATOM   1239 C  CB  . SER B 1 56  ? -6.219  -3.351  14.491  1.00 53.70  ? 56   SER B CB  1 
ATOM   1240 O  OG  . SER B 1 56  ? -6.250  -4.412  13.561  1.00 62.42  ? 56   SER B OG  1 
ATOM   1241 N  N   . LEU B 1 57  ? -5.570  -2.067  17.108  1.00 52.54  ? 57   LEU B N   1 
ATOM   1242 C  CA  . LEU B 1 57  ? -5.647  -0.985  18.076  1.00 50.40  ? 57   LEU B CA  1 
ATOM   1243 C  C   . LEU B 1 57  ? -4.242  -0.516  18.462  1.00 56.53  ? 57   LEU B C   1 
ATOM   1244 O  O   . LEU B 1 57  ? -3.958  0.677   18.443  1.00 54.98  ? 57   LEU B O   1 
ATOM   1245 C  CB  . LEU B 1 57  ? -6.419  -1.438  19.319  1.00 44.15  ? 57   LEU B CB  1 
ATOM   1246 C  CG  . LEU B 1 57  ? -7.926  -1.706  19.151  1.00 36.63  ? 57   LEU B CG  1 
ATOM   1247 C  CD1 . LEU B 1 57  ? -8.496  -2.347  20.403  1.00 39.89  ? 57   LEU B CD1 1 
ATOM   1248 C  CD2 . LEU B 1 57  ? -8.641  -0.400  18.853  1.00 40.26  ? 57   LEU B CD2 1 
ATOM   1249 N  N   . LYS B 1 58  ? -3.375  -1.461  18.803  1.00 57.55  ? 58   LYS B N   1 
ATOM   1250 C  CA  . LYS B 1 58  ? -2.000  -1.148  19.186  1.00 64.70  ? 58   LYS B CA  1 
ATOM   1251 C  C   . LYS B 1 58  ? -1.360  -0.333  18.064  1.00 62.13  ? 58   LYS B C   1 
ATOM   1252 O  O   . LYS B 1 58  ? -0.821  0.746   18.288  1.00 64.60  ? 58   LYS B O   1 
ATOM   1253 C  CB  . LYS B 1 58  ? -1.220  -2.447  19.407  1.00 70.29  ? 58   LYS B CB  1 
ATOM   1254 C  CG  . LYS B 1 58  ? -0.100  -2.363  20.445  1.00 80.74  ? 58   LYS B CG  1 
ATOM   1255 C  CD  . LYS B 1 58  ? -0.625  -2.226  21.885  1.00 81.42  ? 58   LYS B CD  1 
ATOM   1256 C  CE  . LYS B 1 58  ? -1.018  -0.793  22.230  1.00 82.39  ? 58   LYS B CE  1 
ATOM   1257 N  NZ  . LYS B 1 58  ? -1.389  -0.639  23.665  1.00 83.40  ? 58   LYS B NZ  1 
ATOM   1258 N  N   . LYS B 1 59  ? -1.433  -0.862  16.852  1.00 60.17  ? 59   LYS B N   1 
ATOM   1259 C  CA  . LYS B 1 59  ? -0.898  -0.189  15.686  1.00 59.98  ? 59   LYS B CA  1 
ATOM   1260 C  C   . LYS B 1 59  ? -1.432  1.247   15.551  1.00 61.22  ? 59   LYS B C   1 
ATOM   1261 O  O   . LYS B 1 59  ? -0.674  2.168   15.250  1.00 58.76  ? 59   LYS B O   1 
ATOM   1262 C  CB  . LYS B 1 59  ? -1.249  -0.988  14.433  1.00 59.85  ? 59   LYS B CB  1 
ATOM   1263 C  CG  . LYS B 1 59  ? -0.759  -0.362  13.149  1.00 68.11  ? 59   LYS B CG  1 
ATOM   1264 C  CD  . LYS B 1 59  ? -1.102  -1.216  11.933  1.00 76.21  ? 59   LYS B CD  1 
ATOM   1265 C  CE  . LYS B 1 59  ? -0.470  -2.611  11.998  1.00 78.24  ? 59   LYS B CE  1 
ATOM   1266 N  NZ  . LYS B 1 59  ? -0.579  -3.348  10.707  1.00 70.10  ? 59   LYS B NZ  1 
ATOM   1267 N  N   . LEU B 1 60  ? -2.733  1.439   15.775  1.00 57.54  ? 60   LEU B N   1 
ATOM   1268 C  CA  . LEU B 1 60  ? -3.343  2.770   15.661  1.00 55.47  ? 60   LEU B CA  1 
ATOM   1269 C  C   . LEU B 1 60  ? -2.943  3.699   16.813  1.00 56.73  ? 60   LEU B C   1 
ATOM   1270 O  O   . LEU B 1 60  ? -2.842  4.920   16.637  1.00 52.22  ? 60   LEU B O   1 
ATOM   1271 C  CB  . LEU B 1 60  ? -4.876  2.660   15.610  1.00 46.74  ? 60   LEU B CB  1 
ATOM   1272 C  CG  . LEU B 1 60  ? -5.473  1.865   14.444  1.00 48.21  ? 60   LEU B CG  1 
ATOM   1273 C  CD1 . LEU B 1 60  ? -6.993  1.793   14.601  1.00 44.16  ? 60   LEU B CD1 1 
ATOM   1274 C  CD2 . LEU B 1 60  ? -5.104  2.518   13.118  1.00 35.51  ? 60   LEU B CD2 1 
ATOM   1275 N  N   . ILE B 1 61  ? -2.729  3.118   17.990  1.00 53.22  ? 61   ILE B N   1 
ATOM   1276 C  CA  . ILE B 1 61  ? -2.345  3.891   19.159  1.00 56.71  ? 61   ILE B CA  1 
ATOM   1277 C  C   . ILE B 1 61  ? -0.925  4.435   18.971  1.00 60.69  ? 61   ILE B C   1 
ATOM   1278 O  O   . ILE B 1 61  ? -0.644  5.589   19.288  1.00 62.19  ? 61   ILE B O   1 
ATOM   1279 C  CB  . ILE B 1 61  ? -2.419  3.030   20.450  1.00 54.82  ? 61   ILE B CB  1 
ATOM   1280 C  CG1 . ILE B 1 61  ? -3.866  2.570   20.686  1.00 54.01  ? 61   ILE B CG1 1 
ATOM   1281 C  CG2 . ILE B 1 61  ? -1.911  3.840   21.641  1.00 56.29  ? 61   ILE B CG2 1 
ATOM   1282 C  CD1 . ILE B 1 61  ? -4.115  1.831   22.011  1.00 40.02  ? 61   ILE B CD1 1 
ATOM   1283 N  N   . GLU B 1 62  ? -0.037  3.607   18.438  1.00 57.42  ? 62   GLU B N   1 
ATOM   1284 C  CA  . GLU B 1 62  ? 1.329   4.039   18.211  1.00 60.41  ? 62   GLU B CA  1 
ATOM   1285 C  C   . GLU B 1 62  ? 1.340   5.184   17.206  1.00 59.14  ? 62   GLU B C   1 
ATOM   1286 O  O   . GLU B 1 62  ? 2.195   6.063   17.269  1.00 62.07  ? 62   GLU B O   1 
ATOM   1287 C  CB  . GLU B 1 62  ? 2.166   2.863   17.715  1.00 62.98  ? 62   GLU B CB  1 
ATOM   1288 C  CG  . GLU B 1 62  ? 2.111   1.680   18.670  1.00 76.19  ? 62   GLU B CG  1 
ATOM   1289 C  CD  . GLU B 1 62  ? 3.038   0.546   18.279  1.00 84.69  ? 62   GLU B CD  1 
ATOM   1290 O  OE1 . GLU B 1 62  ? 2.976   0.092   17.114  1.00 87.58  ? 62   GLU B OE1 1 
ATOM   1291 O  OE2 . GLU B 1 62  ? 3.822   0.099   19.146  1.00 87.56  ? 62   GLU B OE2 1 
ATOM   1292 N  N   . LEU B 1 63  ? 0.381   5.178   16.287  1.00 49.97  ? 63   LEU B N   1 
ATOM   1293 C  CA  . LEU B 1 63  ? 0.271   6.231   15.283  1.00 51.41  ? 63   LEU B CA  1 
ATOM   1294 C  C   . LEU B 1 63  ? -0.456  7.441   15.866  1.00 52.22  ? 63   LEU B C   1 
ATOM   1295 O  O   . LEU B 1 63  ? -0.665  8.445   15.182  1.00 51.99  ? 63   LEU B O   1 
ATOM   1296 C  CB  . LEU B 1 63  ? -0.494  5.715   14.053  1.00 50.19  ? 63   LEU B CB  1 
ATOM   1297 C  CG  . LEU B 1 63  ? 0.239   4.754   13.103  1.00 54.22  ? 63   LEU B CG  1 
ATOM   1298 C  CD1 . LEU B 1 63  ? -0.749  4.027   12.202  1.00 47.46  ? 63   LEU B CD1 1 
ATOM   1299 C  CD2 . LEU B 1 63  ? 1.236   5.542   12.271  1.00 49.85  ? 63   LEU B CD2 1 
ATOM   1300 N  N   . GLY B 1 64  ? -0.849  7.334   17.131  1.00 54.30  ? 64   GLY B N   1 
ATOM   1301 C  CA  . GLY B 1 64  ? -1.558  8.420   17.779  1.00 52.61  ? 64   GLY B CA  1 
ATOM   1302 C  C   . GLY B 1 64  ? -2.888  8.740   17.123  1.00 56.58  ? 64   GLY B C   1 
ATOM   1303 O  O   . GLY B 1 64  ? -3.279  9.901   17.049  1.00 57.46  ? 64   GLY B O   1 
ATOM   1304 N  N   . LEU B 1 65  ? -3.589  7.715   16.641  1.00 52.68  ? 65   LEU B N   1 
ATOM   1305 C  CA  . LEU B 1 65  ? -4.886  7.911   15.999  1.00 44.40  ? 65   LEU B CA  1 
ATOM   1306 C  C   . LEU B 1 65  ? -5.972  7.466   16.967  1.00 43.80  ? 65   LEU B C   1 
ATOM   1307 O  O   . LEU B 1 65  ? -7.101  7.953   16.917  1.00 40.12  ? 65   LEU B O   1 
ATOM   1308 C  CB  . LEU B 1 65  ? -4.966  7.094   14.703  1.00 42.61  ? 65   LEU B CB  1 
ATOM   1309 C  CG  . LEU B 1 65  ? -4.019  7.589   13.606  1.00 44.16  ? 65   LEU B CG  1 
ATOM   1310 C  CD1 . LEU B 1 65  ? -3.820  6.522   12.540  1.00 42.46  ? 65   LEU B CD1 1 
ATOM   1311 C  CD2 . LEU B 1 65  ? -4.602  8.866   12.995  1.00 47.70  ? 65   LEU B CD2 1 
ATOM   1312 N  N   . VAL B 1 66  ? -5.597  6.548   17.854  1.00 37.25  ? 66   VAL B N   1 
ATOM   1313 C  CA  . VAL B 1 66  ? -6.480  5.985   18.871  1.00 44.14  ? 66   VAL B CA  1 
ATOM   1314 C  C   . VAL B 1 66  ? -5.864  6.167   20.250  1.00 45.40  ? 66   VAL B C   1 
ATOM   1315 O  O   . VAL B 1 66  ? -4.645  6.104   20.394  1.00 43.63  ? 66   VAL B O   1 
ATOM   1316 C  CB  . VAL B 1 66  ? -6.697  4.462   18.647  1.00 36.00  ? 66   VAL B CB  1 
ATOM   1317 C  CG1 . VAL B 1 66  ? -7.277  3.816   19.899  1.00 36.30  ? 66   VAL B CG1 1 
ATOM   1318 C  CG2 . VAL B 1 66  ? -7.642  4.255   17.470  1.00 40.46  ? 66   VAL B CG2 1 
ATOM   1319 N  N   . VAL B 1 67  ? -6.709  6.391   21.255  1.00 45.98  ? 67   VAL B N   1 
ATOM   1320 C  CA  . VAL B 1 67  ? -6.242  6.546   22.626  1.00 51.56  ? 67   VAL B CA  1 
ATOM   1321 C  C   . VAL B 1 67  ? -6.921  5.504   23.502  1.00 54.26  ? 67   VAL B C   1 
ATOM   1322 O  O   . VAL B 1 67  ? -8.129  5.288   23.385  1.00 54.11  ? 67   VAL B O   1 
ATOM   1323 C  CB  . VAL B 1 67  ? -6.584  7.932   23.205  1.00 58.57  ? 67   VAL B CB  1 
ATOM   1324 C  CG1 . VAL B 1 67  ? -5.977  8.057   24.602  1.00 63.09  ? 67   VAL B CG1 1 
ATOM   1325 C  CG2 . VAL B 1 67  ? -6.069  9.036   22.289  1.00 56.80  ? 67   VAL B CG2 1 
ATOM   1326 N  N   . ARG B 1 68  ? -6.158  4.857   24.376  1.00 53.29  ? 68   ARG B N   1 
ATOM   1327 C  CA  . ARG B 1 68  ? -6.748  3.854   25.255  1.00 60.74  ? 68   ARG B CA  1 
ATOM   1328 C  C   . ARG B 1 68  ? -6.818  4.390   26.675  1.00 58.57  ? 68   ARG B C   1 
ATOM   1329 O  O   . ARG B 1 68  ? -6.055  5.281   27.047  1.00 62.78  ? 68   ARG B O   1 
ATOM   1330 C  CB  . ARG B 1 68  ? -5.939  2.550   25.223  1.00 60.90  ? 68   ARG B CB  1 
ATOM   1331 C  CG  . ARG B 1 68  ? -4.870  2.450   26.277  1.00 73.26  ? 68   ARG B CG  1 
ATOM   1332 C  CD  . ARG B 1 68  ? -4.156  1.116   26.197  1.00 77.09  ? 68   ARG B CD  1 
ATOM   1333 N  NE  . ARG B 1 68  ? -3.312  0.888   27.364  1.00 75.23  ? 68   ARG B NE  1 
ATOM   1334 C  CZ  . ARG B 1 68  ? -2.518  -0.167  27.516  1.00 80.43  ? 68   ARG B CZ  1 
ATOM   1335 N  NH1 . ARG B 1 68  ? -2.454  -1.093  26.568  1.00 76.05  ? 68   ARG B NH1 1 
ATOM   1336 N  NH2 . ARG B 1 68  ? -1.795  -0.302  28.619  1.00 83.12  ? 68   ARG B NH2 1 
ATOM   1337 N  N   . THR B 1 69  ? -7.735  3.849   27.468  1.00 58.39  ? 69   THR B N   1 
ATOM   1338 C  CA  . THR B 1 69  ? -7.906  4.290   28.845  1.00 60.60  ? 69   THR B CA  1 
ATOM   1339 C  C   . THR B 1 69  ? -8.321  3.132   29.734  1.00 66.19  ? 69   THR B C   1 
ATOM   1340 O  O   . THR B 1 69  ? -9.201  2.355   29.366  1.00 61.24  ? 69   THR B O   1 
ATOM   1341 C  CB  . THR B 1 69  ? -8.982  5.381   28.937  1.00 62.04  ? 69   THR B CB  1 
ATOM   1342 O  OG1 . THR B 1 69  ? -8.563  6.531   28.191  1.00 55.08  ? 69   THR B OG1 1 
ATOM   1343 C  CG2 . THR B 1 69  ? -9.226  5.765   30.393  1.00 60.63  ? 69   THR B CG2 1 
ATOM   1344 N  N   . LYS B 1 70  ? -7.691  3.017   30.904  1.00 70.49  ? 70   LYS B N   1 
ATOM   1345 C  CA  . LYS B 1 70  ? -8.021  1.946   31.836  1.00 74.83  ? 70   LYS B CA  1 
ATOM   1346 C  C   . LYS B 1 70  ? -9.263  2.312   32.642  1.00 77.29  ? 70   LYS B C   1 
ATOM   1347 O  O   . LYS B 1 70  ? -9.832  3.391   32.460  1.00 77.02  ? 70   LYS B O   1 
ATOM   1348 C  CB  . LYS B 1 70  ? -6.843  1.660   32.779  1.00 78.95  ? 70   LYS B CB  1 
ATOM   1349 C  CG  . LYS B 1 70  ? -6.573  2.705   33.865  1.00 86.13  ? 70   LYS B CG  1 
ATOM   1350 C  CD  . LYS B 1 70  ? -5.973  4.000   33.324  1.00 93.33  ? 70   LYS B CD  1 
ATOM   1351 C  CE  . LYS B 1 70  ? -7.044  5.029   32.983  1.00 98.96  ? 70   LYS B CE  1 
ATOM   1352 N  NZ  . LYS B 1 70  ? -6.459  6.326   32.518  1.00 97.53  ? 70   LYS B NZ  1 
ATOM   1353 N  N   . THR B 1 71  ? -9.688  1.403   33.517  1.00 81.03  ? 71   THR B N   1 
ATOM   1354 C  CA  . THR B 1 71  ? -10.862 1.626   34.358  1.00 81.44  ? 71   THR B CA  1 
ATOM   1355 C  C   . THR B 1 71  ? -10.528 1.241   35.798  1.00 81.25  ? 71   THR B C   1 
ATOM   1356 O  O   . THR B 1 71  ? -11.299 1.507   36.722  1.00 82.58  ? 71   THR B O   1 
ATOM   1357 C  CB  . THR B 1 71  ? -12.071 0.774   33.897  1.00 82.45  ? 71   THR B CB  1 
ATOM   1358 O  OG1 . THR B 1 71  ? -12.245 0.897   32.479  1.00 79.23  ? 71   THR B OG1 1 
ATOM   1359 C  CG2 . THR B 1 71  ? -13.343 1.247   34.593  1.00 83.84  ? 71   THR B CG2 1 
ATOM   1360 N  N   . PRO B 1 79  ? -14.657 -6.193  31.244  1.00 85.07  ? 79   PRO B N   1 
ATOM   1361 C  CA  . PRO B 1 79  ? -13.561 -5.724  30.390  1.00 86.36  ? 79   PRO B CA  1 
ATOM   1362 C  C   . PRO B 1 79  ? -12.370 -5.204  31.195  1.00 85.79  ? 79   PRO B C   1 
ATOM   1363 O  O   . PRO B 1 79  ? -12.134 -5.651  32.318  1.00 87.81  ? 79   PRO B O   1 
ATOM   1364 C  CB  . PRO B 1 79  ? -14.227 -4.636  29.553  1.00 84.28  ? 79   PRO B CB  1 
ATOM   1365 C  CG  . PRO B 1 79  ? -15.604 -5.181  29.371  1.00 83.63  ? 79   PRO B CG  1 
ATOM   1366 C  CD  . PRO B 1 79  ? -15.949 -5.671  30.763  1.00 86.45  ? 79   PRO B CD  1 
ATOM   1367 N  N   . LYS B 1 80  ? -11.630 -4.260  30.617  1.00 82.11  ? 80   LYS B N   1 
ATOM   1368 C  CA  . LYS B 1 80  ? -10.454 -3.690  31.273  1.00 79.32  ? 80   LYS B CA  1 
ATOM   1369 C  C   . LYS B 1 80  ? -10.071 -2.346  30.655  1.00 76.15  ? 80   LYS B C   1 
ATOM   1370 O  O   . LYS B 1 80  ? -9.904  -1.353  31.368  1.00 72.59  ? 80   LYS B O   1 
ATOM   1371 C  CB  . LYS B 1 80  ? -9.273  -4.659  31.161  1.00 82.50  ? 80   LYS B CB  1 
ATOM   1372 C  CG  . LYS B 1 80  ? -8.031  -4.237  31.929  1.00 80.31  ? 80   LYS B CG  1 
ATOM   1373 C  CD  . LYS B 1 80  ? -6.961  -5.316  31.862  1.00 81.19  ? 80   LYS B CD  1 
ATOM   1374 C  CE  . LYS B 1 80  ? -5.804  -4.982  32.782  1.00 81.12  ? 80   LYS B CE  1 
ATOM   1375 N  NZ  . LYS B 1 80  ? -6.285  -4.781  34.174  1.00 80.52  ? 80   LYS B NZ  1 
ATOM   1376 N  N   . TYR B 1 81  ? -9.932  -2.323  29.329  1.00 70.03  ? 81   TYR B N   1 
ATOM   1377 C  CA  . TYR B 1 81  ? -9.580  -1.097  28.613  1.00 64.52  ? 81   TYR B CA  1 
ATOM   1378 C  C   . TYR B 1 81  ? -10.669 -0.613  27.668  1.00 58.71  ? 81   TYR B C   1 
ATOM   1379 O  O   . TYR B 1 81  ? -11.486 -1.395  27.186  1.00 51.61  ? 81   TYR B O   1 
ATOM   1380 C  CB  . TYR B 1 81  ? -8.293  -1.283  27.803  1.00 62.26  ? 81   TYR B CB  1 
ATOM   1381 C  CG  . TYR B 1 81  ? -7.061  -1.437  28.652  1.00 71.62  ? 81   TYR B CG  1 
ATOM   1382 C  CD1 . TYR B 1 81  ? -6.684  -2.683  29.149  1.00 74.59  ? 81   TYR B CD1 1 
ATOM   1383 C  CD2 . TYR B 1 81  ? -6.299  -0.327  29.006  1.00 68.24  ? 81   TYR B CD2 1 
ATOM   1384 C  CE1 . TYR B 1 81  ? -5.578  -2.820  29.984  1.00 78.87  ? 81   TYR B CE1 1 
ATOM   1385 C  CE2 . TYR B 1 81  ? -5.195  -0.452  29.842  1.00 79.17  ? 81   TYR B CE2 1 
ATOM   1386 C  CZ  . TYR B 1 81  ? -4.840  -1.701  30.328  1.00 76.47  ? 81   TYR B CZ  1 
ATOM   1387 O  OH  . TYR B 1 81  ? -3.760  -1.828  31.172  1.00 76.93  ? 81   TYR B OH  1 
ATOM   1388 N  N   . TYR B 1 82  ? -10.674 0.689   27.417  1.00 51.86  ? 82   TYR B N   1 
ATOM   1389 C  CA  . TYR B 1 82  ? -11.625 1.297   26.501  1.00 51.77  ? 82   TYR B CA  1 
ATOM   1390 C  C   . TYR B 1 82  ? -10.789 2.062   25.488  1.00 50.34  ? 82   TYR B C   1 
ATOM   1391 O  O   . TYR B 1 82  ? -9.728  2.580   25.832  1.00 56.24  ? 82   TYR B O   1 
ATOM   1392 C  CB  . TYR B 1 82  ? -12.566 2.257   27.233  1.00 57.36  ? 82   TYR B CB  1 
ATOM   1393 C  CG  . TYR B 1 82  ? -13.856 1.617   27.712  1.00 65.07  ? 82   TYR B CG  1 
ATOM   1394 C  CD1 . TYR B 1 82  ? -13.870 0.734   28.794  1.00 67.44  ? 82   TYR B CD1 1 
ATOM   1395 C  CD2 . TYR B 1 82  ? -15.063 1.876   27.058  1.00 70.56  ? 82   TYR B CD2 1 
ATOM   1396 C  CE1 . TYR B 1 82  ? -15.059 0.119   29.209  1.00 66.24  ? 82   TYR B CE1 1 
ATOM   1397 C  CE2 . TYR B 1 82  ? -16.251 1.268   27.460  1.00 68.38  ? 82   TYR B CE2 1 
ATOM   1398 C  CZ  . TYR B 1 82  ? -16.243 0.392   28.533  1.00 67.64  ? 82   TYR B CZ  1 
ATOM   1399 O  OH  . TYR B 1 82  ? -17.414 -0.234  28.900  1.00 70.65  ? 82   TYR B OH  1 
ATOM   1400 N  N   . TYR B 1 83  ? -11.244 2.124   24.242  1.00 41.60  ? 83   TYR B N   1 
ATOM   1401 C  CA  . TYR B 1 83  ? -10.493 2.834   23.214  1.00 34.23  ? 83   TYR B CA  1 
ATOM   1402 C  C   . TYR B 1 83  ? -11.352 3.903   22.579  1.00 32.97  ? 83   TYR B C   1 
ATOM   1403 O  O   . TYR B 1 83  ? -12.541 3.703   22.375  1.00 36.62  ? 83   TYR B O   1 
ATOM   1404 C  CB  . TYR B 1 83  ? -10.017 1.862   22.129  1.00 31.57  ? 83   TYR B CB  1 
ATOM   1405 C  CG  . TYR B 1 83  ? -9.229  0.692   22.662  1.00 42.11  ? 83   TYR B CG  1 
ATOM   1406 C  CD1 . TYR B 1 83  ? -9.851  -0.321  23.398  1.00 38.72  ? 83   TYR B CD1 1 
ATOM   1407 C  CD2 . TYR B 1 83  ? -7.853  0.610   22.464  1.00 38.99  ? 83   TYR B CD2 1 
ATOM   1408 C  CE1 . TYR B 1 83  ? -9.124  -1.374  23.924  1.00 36.79  ? 83   TYR B CE1 1 
ATOM   1409 C  CE2 . TYR B 1 83  ? -7.112  -0.443  22.988  1.00 44.00  ? 83   TYR B CE2 1 
ATOM   1410 C  CZ  . TYR B 1 83  ? -7.752  -1.426  23.717  1.00 46.57  ? 83   TYR B CZ  1 
ATOM   1411 O  OH  . TYR B 1 83  ? -7.009  -2.437  24.271  1.00 52.38  ? 83   TYR B OH  1 
ATOM   1412 N  N   . SER B 1 84  ? -10.755 5.038   22.243  1.00 35.93  ? 84   SER B N   1 
ATOM   1413 C  CA  . SER B 1 84  ? -11.520 6.096   21.610  1.00 41.86  ? 84   SER B CA  1 
ATOM   1414 C  C   . SER B 1 84  ? -10.661 6.862   20.618  1.00 42.93  ? 84   SER B C   1 
ATOM   1415 O  O   . SER B 1 84  ? -9.441  6.793   20.656  1.00 45.97  ? 84   SER B O   1 
ATOM   1416 C  CB  . SER B 1 84  ? -12.110 7.039   22.674  1.00 54.04  ? 84   SER B CB  1 
ATOM   1417 O  OG  . SER B 1 84  ? -11.125 7.441   23.614  1.00 58.73  ? 84   SER B OG  1 
ATOM   1418 N  N   . ILE B 1 85  ? -11.318 7.569   19.708  1.00 50.87  ? 85   ILE B N   1 
ATOM   1419 C  CA  . ILE B 1 85  ? -10.631 8.344   18.684  1.00 56.06  ? 85   ILE B CA  1 
ATOM   1420 C  C   . ILE B 1 85  ? -10.264 9.731   19.199  1.00 64.54  ? 85   ILE B C   1 
ATOM   1421 O  O   . ILE B 1 85  ? -10.963 10.292  20.043  1.00 65.07  ? 85   ILE B O   1 
ATOM   1422 C  CB  . ILE B 1 85  ? -11.525 8.528   17.442  1.00 56.49  ? 85   ILE B CB  1 
ATOM   1423 C  CG1 . ILE B 1 85  ? -11.915 7.162   16.864  1.00 57.75  ? 85   ILE B CG1 1 
ATOM   1424 C  CG2 . ILE B 1 85  ? -10.797 9.358   16.397  1.00 55.07  ? 85   ILE B CG2 1 
ATOM   1425 C  CD1 . ILE B 1 85  ? -10.748 6.366   16.329  1.00 57.21  ? 85   ILE B CD1 1 
ATOM   1426 N  N   . SER B 1 86  ? -9.168  10.280  18.677  1.00 68.36  ? 86   SER B N   1 
ATOM   1427 C  CA  . SER B 1 86  ? -8.716  11.618  19.046  1.00 67.92  ? 86   SER B CA  1 
ATOM   1428 C  C   . SER B 1 86  ? -9.803  12.621  18.637  1.00 67.77  ? 86   SER B C   1 
ATOM   1429 O  O   . SER B 1 86  ? -10.325 12.551  17.524  1.00 67.40  ? 86   SER B O   1 
ATOM   1430 C  CB  . SER B 1 86  ? -7.416  11.928  18.309  1.00 69.14  ? 86   SER B CB  1 
ATOM   1431 O  OG  . SER B 1 86  ? -6.585  10.778  18.271  1.00 64.44  ? 86   SER B OG  1 
ATOM   1432 N  N   . SER B 1 87  ? -10.145 13.547  19.529  1.00 64.56  ? 87   SER B N   1 
ATOM   1433 C  CA  . SER B 1 87  ? -11.182 14.543  19.244  1.00 64.41  ? 87   SER B CA  1 
ATOM   1434 C  C   . SER B 1 87  ? -10.947 15.353  17.973  1.00 60.83  ? 87   SER B C   1 
ATOM   1435 O  O   . SER B 1 87  ? -11.895 15.798  17.326  1.00 62.46  ? 87   SER B O   1 
ATOM   1436 C  CB  . SER B 1 87  ? -11.313 15.518  20.415  1.00 69.44  ? 87   SER B CB  1 
ATOM   1437 O  OG  . SER B 1 87  ? -12.057 16.671  20.035  1.00 70.67  ? 87   SER B OG  1 
ATOM   1438 N  N   . ASN B 1 88  ? -9.675  15.536  17.641  1.00 51.64  ? 88   ASN B N   1 
ATOM   1439 C  CA  . ASN B 1 88  ? -9.222  16.309  16.485  1.00 53.08  ? 88   ASN B CA  1 
ATOM   1440 C  C   . ASN B 1 88  ? -8.643  15.386  15.401  1.00 53.32  ? 88   ASN B C   1 
ATOM   1441 O  O   . ASN B 1 88  ? -7.781  15.787  14.615  1.00 52.61  ? 88   ASN B O   1 
ATOM   1442 C  CB  . ASN B 1 88  ? -8.143  17.247  16.978  1.00 51.10  ? 88   ASN B CB  1 
ATOM   1443 C  CG  . ASN B 1 88  ? -7.203  16.544  17.939  1.00 58.23  ? 88   ASN B CG  1 
ATOM   1444 O  OD1 . ASN B 1 88  ? -7.355  15.335  18.183  1.00 48.08  ? 88   ASN B OD1 1 
ATOM   1445 N  ND2 . ASN B 1 88  ? -6.239  17.277  18.490  1.00 56.14  ? 88   ASN B ND2 1 
ATOM   1446 N  N   . ILE B 1 89  ? -9.117  14.148  15.379  1.00 53.01  ? 89   ILE B N   1 
ATOM   1447 C  CA  . ILE B 1 89  ? -8.663  13.144  14.428  1.00 50.60  ? 89   ILE B CA  1 
ATOM   1448 C  C   . ILE B 1 89  ? -8.584  13.610  12.973  1.00 50.45  ? 89   ILE B C   1 
ATOM   1449 O  O   . ILE B 1 89  ? -7.624  13.304  12.267  1.00 50.60  ? 89   ILE B O   1 
ATOM   1450 C  CB  . ILE B 1 89  ? -9.572  11.886  14.495  1.00 53.38  ? 89   ILE B CB  1 
ATOM   1451 C  CG1 . ILE B 1 89  ? -8.985  10.787  13.618  1.00 44.79  ? 89   ILE B CG1 1 
ATOM   1452 C  CG2 . ILE B 1 89  ? -11.008 12.240  14.088  1.00 43.22  ? 89   ILE B CG2 1 
ATOM   1453 C  CD1 . ILE B 1 89  ? -7.600  10.378  14.046  1.00 46.25  ? 89   ILE B CD1 1 
ATOM   1454 N  N   . LEU B 1 90  ? -9.586  14.348  12.520  1.00 48.58  ? 90   LEU B N   1 
ATOM   1455 C  CA  . LEU B 1 90  ? -9.599  14.809  11.138  1.00 49.69  ? 90   LEU B CA  1 
ATOM   1456 C  C   . LEU B 1 90  ? -8.444  15.727  10.760  1.00 55.29  ? 90   LEU B C   1 
ATOM   1457 O  O   . LEU B 1 90  ? -7.944  15.670  9.631   1.00 54.52  ? 90   LEU B O   1 
ATOM   1458 C  CB  . LEU B 1 90  ? -10.934 15.483  10.832  1.00 51.44  ? 90   LEU B CB  1 
ATOM   1459 C  CG  . LEU B 1 90  ? -12.087 14.477  10.873  1.00 52.93  ? 90   LEU B CG  1 
ATOM   1460 C  CD1 . LEU B 1 90  ? -13.407 15.180  10.566  1.00 51.43  ? 90   LEU B CD1 1 
ATOM   1461 C  CD2 . LEU B 1 90  ? -11.817 13.365  9.867   1.00 39.82  ? 90   LEU B CD2 1 
ATOM   1462 N  N   . GLU B 1 91  ? -8.026  16.588  11.683  1.00 54.08  ? 91   GLU B N   1 
ATOM   1463 C  CA  . GLU B 1 91  ? -6.914  17.468  11.391  1.00 55.94  ? 91   GLU B CA  1 
ATOM   1464 C  C   . GLU B 1 91  ? -5.621  16.662  11.432  1.00 52.38  ? 91   GLU B C   1 
ATOM   1465 O  O   . GLU B 1 91  ? -4.724  16.885  10.620  1.00 50.57  ? 91   GLU B O   1 
ATOM   1466 C  CB  . GLU B 1 91  ? -6.858  18.626  12.386  1.00 66.35  ? 91   GLU B CB  1 
ATOM   1467 C  CG  . GLU B 1 91  ? -7.866  19.744  12.098  1.00 83.45  ? 91   GLU B CG  1 
ATOM   1468 C  CD  . GLU B 1 91  ? -7.666  20.394  10.728  1.00 92.24  ? 91   GLU B CD  1 
ATOM   1469 O  OE1 . GLU B 1 91  ? -7.942  19.735  9.701   1.00 94.40  ? 91   GLU B OE1 1 
ATOM   1470 O  OE2 . GLU B 1 91  ? -7.229  21.567  10.678  1.00 98.38  ? 91   GLU B OE2 1 
ATOM   1471 N  N   . LYS B 1 92  ? -5.518  15.720  12.364  1.00 43.61  ? 92   LYS B N   1 
ATOM   1472 C  CA  . LYS B 1 92  ? -4.313  14.916  12.425  1.00 51.14  ? 92   LYS B CA  1 
ATOM   1473 C  C   . LYS B 1 92  ? -4.078  14.166  11.105  1.00 49.02  ? 92   LYS B C   1 
ATOM   1474 O  O   . LYS B 1 92  ? -2.963  14.141  10.588  1.00 49.66  ? 92   LYS B O   1 
ATOM   1475 C  CB  . LYS B 1 92  ? -4.361  13.918  13.582  1.00 50.61  ? 92   LYS B CB  1 
ATOM   1476 C  CG  . LYS B 1 92  ? -3.161  12.970  13.551  1.00 55.59  ? 92   LYS B CG  1 
ATOM   1477 C  CD  . LYS B 1 92  ? -2.880  12.315  14.889  1.00 61.65  ? 92   LYS B CD  1 
ATOM   1478 C  CE  . LYS B 1 92  ? -1.701  11.350  14.768  1.00 64.46  ? 92   LYS B CE  1 
ATOM   1479 N  NZ  . LYS B 1 92  ? -0.527  11.949  14.050  1.00 59.13  ? 92   LYS B NZ  1 
ATOM   1480 N  N   . ILE B 1 93  ? -5.131  13.566  10.557  1.00 50.66  ? 93   ILE B N   1 
ATOM   1481 C  CA  . ILE B 1 93  ? -5.010  12.826  9.305   1.00 44.39  ? 93   ILE B CA  1 
ATOM   1482 C  C   . ILE B 1 93  ? -4.710  13.737  8.118   1.00 45.15  ? 93   ILE B C   1 
ATOM   1483 O  O   . ILE B 1 93  ? -3.941  13.379  7.230   1.00 45.24  ? 93   ILE B O   1 
ATOM   1484 C  CB  . ILE B 1 93  ? -6.294  12.012  9.013   1.00 44.51  ? 93   ILE B CB  1 
ATOM   1485 C  CG1 . ILE B 1 93  ? -6.419  10.879  10.035  1.00 41.46  ? 93   ILE B CG1 1 
ATOM   1486 C  CG2 . ILE B 1 93  ? -6.244  11.462  7.586   1.00 40.05  ? 93   ILE B CG2 1 
ATOM   1487 C  CD1 . ILE B 1 93  ? -7.648  10.000  9.874   1.00 51.44  ? 93   ILE B CD1 1 
ATOM   1488 N  N   . ARG B 1 94  ? -5.313  14.920  8.115   1.00 44.31  ? 94   ARG B N   1 
ATOM   1489 C  CA  . ARG B 1 94  ? -5.117  15.889  7.051   1.00 48.83  ? 94   ARG B CA  1 
ATOM   1490 C  C   . ARG B 1 94  ? -3.638  16.225  6.964   1.00 51.25  ? 94   ARG B C   1 
ATOM   1491 O  O   . ARG B 1 94  ? -3.060  16.237  5.870   1.00 49.46  ? 94   ARG B O   1 
ATOM   1492 C  CB  . ARG B 1 94  ? -5.915  17.159  7.348   1.00 54.50  ? 94   ARG B CB  1 
ATOM   1493 C  CG  . ARG B 1 94  ? -5.863  18.200  6.250   1.00 66.32  ? 94   ARG B CG  1 
ATOM   1494 C  CD  . ARG B 1 94  ? -6.553  19.483  6.676   1.00 73.89  ? 94   ARG B CD  1 
ATOM   1495 N  NE  . ARG B 1 94  ? -5.780  20.209  7.679   1.00 88.42  ? 94   ARG B NE  1 
ATOM   1496 C  CZ  . ARG B 1 94  ? -4.579  20.737  7.458   1.00 96.39  ? 94   ARG B CZ  1 
ATOM   1497 N  NH1 . ARG B 1 94  ? -4.012  20.622  6.265   1.00 100.34 ? 94   ARG B NH1 1 
ATOM   1498 N  NH2 . ARG B 1 94  ? -3.941  21.378  8.431   1.00 98.73  ? 94   ARG B NH2 1 
ATOM   1499 N  N   . ASN B 1 95  ? -3.040  16.513  8.121   1.00 48.34  ? 95   ASN B N   1 
ATOM   1500 C  CA  . ASN B 1 95  ? -1.621  16.842  8.195   1.00 45.41  ? 95   ASN B CA  1 
ATOM   1501 C  C   . ASN B 1 95  ? -0.747  15.643  7.867   1.00 40.21  ? 95   ASN B C   1 
ATOM   1502 O  O   . ASN B 1 95  ? 0.273   15.773  7.178   1.00 37.74  ? 95   ASN B O   1 
ATOM   1503 C  CB  . ASN B 1 95  ? -1.247  17.365  9.582   1.00 47.89  ? 95   ASN B CB  1 
ATOM   1504 C  CG  . ASN B 1 95  ? -1.246  18.882  9.649   1.00 62.38  ? 95   ASN B CG  1 
ATOM   1505 O  OD1 . ASN B 1 95  ? -0.704  19.552  8.760   1.00 66.38  ? 95   ASN B OD1 1 
ATOM   1506 N  ND2 . ASN B 1 95  ? -1.840  19.436  10.708  1.00 57.51  ? 95   ASN B ND2 1 
ATOM   1507 N  N   . ASP B 1 96  ? -1.129  14.476  8.367   1.00 40.20  ? 96   ASP B N   1 
ATOM   1508 C  CA  . ASP B 1 96  ? -0.351  13.275  8.085   1.00 41.20  ? 96   ASP B CA  1 
ATOM   1509 C  C   . ASP B 1 96  ? -0.335  12.910  6.596   1.00 43.60  ? 96   ASP B C   1 
ATOM   1510 O  O   . ASP B 1 96  ? 0.648   12.369  6.094   1.00 40.40  ? 96   ASP B O   1 
ATOM   1511 C  CB  . ASP B 1 96  ? -0.865  12.089  8.915   1.00 38.60  ? 96   ASP B CB  1 
ATOM   1512 C  CG  . ASP B 1 96  ? -0.417  12.164  10.362  1.00 47.13  ? 96   ASP B CG  1 
ATOM   1513 O  OD1 . ASP B 1 96  ? 0.539   12.919  10.627  1.00 51.29  ? 96   ASP B OD1 1 
ATOM   1514 O  OD2 . ASP B 1 96  ? -0.994  11.472  11.235  1.00 44.09  ? 96   ASP B OD2 1 
ATOM   1515 N  N   . LEU B 1 97  ? -1.420  13.206  5.886   1.00 45.53  ? 97   LEU B N   1 
ATOM   1516 C  CA  . LEU B 1 97  ? -1.487  12.884  4.466   1.00 40.22  ? 97   LEU B CA  1 
ATOM   1517 C  C   . LEU B 1 97  ? -0.690  13.897  3.637   1.00 42.16  ? 97   LEU B C   1 
ATOM   1518 O  O   . LEU B 1 97  ? -0.123  13.549  2.603   1.00 37.89  ? 97   LEU B O   1 
ATOM   1519 C  CB  . LEU B 1 97  ? -2.953  12.837  3.995   1.00 40.73  ? 97   LEU B CB  1 
ATOM   1520 C  CG  . LEU B 1 97  ? -3.786  11.612  4.403   1.00 40.36  ? 97   LEU B CG  1 
ATOM   1521 C  CD1 . LEU B 1 97  ? -5.224  11.801  3.989   1.00 44.15  ? 97   LEU B CD1 1 
ATOM   1522 C  CD2 . LEU B 1 97  ? -3.212  10.349  3.762   1.00 49.20  ? 97   LEU B CD2 1 
ATOM   1523 N  N   . LEU B 1 98  ? -0.666  15.149  4.085   1.00 41.56  ? 98   LEU B N   1 
ATOM   1524 C  CA  . LEU B 1 98  ? 0.077   16.190  3.394   1.00 42.88  ? 98   LEU B CA  1 
ATOM   1525 C  C   . LEU B 1 98  ? 1.569   15.869  3.495   1.00 43.11  ? 98   LEU B C   1 
ATOM   1526 O  O   . LEU B 1 98  ? 2.316   16.049  2.531   1.00 43.75  ? 98   LEU B O   1 
ATOM   1527 C  CB  . LEU B 1 98  ? -0.203  17.572  4.025   1.00 51.00  ? 98   LEU B CB  1 
ATOM   1528 C  CG  . LEU B 1 98  ? -1.543  18.280  3.754   1.00 49.66  ? 98   LEU B CG  1 
ATOM   1529 C  CD1 . LEU B 1 98  ? -1.585  19.624  4.465   1.00 49.76  ? 98   LEU B CD1 1 
ATOM   1530 C  CD2 . LEU B 1 98  ? -1.719  18.488  2.269   1.00 43.67  ? 98   LEU B CD2 1 
ATOM   1531 N  N   . ASN B 1 99  ? 1.998   15.397  4.665   1.00 35.86  ? 99   ASN B N   1 
ATOM   1532 C  CA  . ASN B 1 99  ? 3.404   15.047  4.882   1.00 37.40  ? 99   ASN B CA  1 
ATOM   1533 C  C   . ASN B 1 99  ? 3.763   13.813  4.059   1.00 35.57  ? 99   ASN B C   1 
ATOM   1534 O  O   . ASN B 1 99  ? 4.859   13.729  3.505   1.00 36.33  ? 99   ASN B O   1 
ATOM   1535 C  CB  . ASN B 1 99  ? 3.687   14.778  6.364   1.00 38.25  ? 99   ASN B CB  1 
ATOM   1536 C  CG  . ASN B 1 99  ? 3.536   16.021  7.218   1.00 44.61  ? 99   ASN B CG  1 
ATOM   1537 O  OD1 . ASN B 1 99  ? 3.754   17.129  6.747   1.00 41.04  ? 99   ASN B OD1 1 
ATOM   1538 N  ND2 . ASN B 1 99  ? 3.174   15.838  8.488   1.00 38.59  ? 99   ASN B ND2 1 
ATOM   1539 N  N   . CYS B 1 100 ? 2.847   12.846  4.002   1.00 34.52  ? 100  CYS B N   1 
ATOM   1540 C  CA  . CYS B 1 100 ? 3.059   11.643  3.204   1.00 36.15  ? 100  CYS B CA  1 
ATOM   1541 C  C   . CYS B 1 100 ? 3.238   12.009  1.727   1.00 37.62  ? 100  CYS B C   1 
ATOM   1542 O  O   . CYS B 1 100 ? 4.108   11.472  1.050   1.00 37.31  ? 100  CYS B O   1 
ATOM   1543 C  CB  . CYS B 1 100 ? 1.869   10.702  3.309   1.00 46.74  ? 100  CYS B CB  1 
ATOM   1544 S  SG  . CYS B 1 100 ? 1.874   9.599   4.741   1.00 57.16  ? 100  CYS B SG  1 
ATOM   1545 N  N   . ALA B 1 101 ? 2.409   12.922  1.228   1.00 36.39  ? 101  ALA B N   1 
ATOM   1546 C  CA  . ALA B 1 101 ? 2.519   13.346  -0.167  1.00 32.49  ? 101  ALA B CA  1 
ATOM   1547 C  C   . ALA B 1 101 ? 3.869   14.028  -0.401  1.00 36.18  ? 101  ALA B C   1 
ATOM   1548 O  O   . ALA B 1 101 ? 4.492   13.843  -1.449  1.00 31.06  ? 101  ALA B O   1 
ATOM   1549 C  CB  . ALA B 1 101 ? 1.382   14.300  -0.517  1.00 44.76  ? 101  ALA B CB  1 
ATOM   1550 N  N   . LYS B 1 102 ? 4.316   14.827  0.568   1.00 36.59  ? 102  LYS B N   1 
ATOM   1551 C  CA  . LYS B 1 102 ? 5.603   15.499  0.437   1.00 36.72  ? 102  LYS B CA  1 
ATOM   1552 C  C   . LYS B 1 102 ? 6.750   14.476  0.453   1.00 32.83  ? 102  LYS B C   1 
ATOM   1553 O  O   . LYS B 1 102 ? 7.705   14.598  -0.304  1.00 30.21  ? 102  LYS B O   1 
ATOM   1554 C  CB  . LYS B 1 102 ? 5.779   16.532  1.555   1.00 34.69  ? 102  LYS B CB  1 
ATOM   1555 C  CG  . LYS B 1 102 ? 4.741   17.658  1.495   1.00 49.70  ? 102  LYS B CG  1 
ATOM   1556 C  CD  . LYS B 1 102 ? 5.011   18.777  2.489   1.00 55.52  ? 102  LYS B CD  1 
ATOM   1557 C  CE  . LYS B 1 102 ? 6.161   19.664  2.012   1.00 76.30  ? 102  LYS B CE  1 
ATOM   1558 N  NZ  . LYS B 1 102 ? 6.508   20.772  2.960   1.00 71.00  ? 102  LYS B NZ  1 
ATOM   1559 N  N   . ARG B 1 103 ? 6.663   13.470  1.318   1.00 30.37  ? 103  ARG B N   1 
ATOM   1560 C  CA  . ARG B 1 103 ? 7.707   12.445  1.372   1.00 33.09  ? 103  ARG B CA  1 
ATOM   1561 C  C   . ARG B 1 103 ? 7.657   11.642  0.066   1.00 37.67  ? 103  ARG B C   1 
ATOM   1562 O  O   . ARG B 1 103 ? 8.688   11.263  -0.485  1.00 33.92  ? 103  ARG B O   1 
ATOM   1563 C  CB  . ARG B 1 103 ? 7.502   11.502  2.573   1.00 32.36  ? 103  ARG B CB  1 
ATOM   1564 C  CG  . ARG B 1 103 ? 7.607   12.194  3.949   1.00 38.40  ? 103  ARG B CG  1 
ATOM   1565 C  CD  . ARG B 1 103 ? 7.828   11.195  5.100   1.00 38.14  ? 103  ARG B CD  1 
ATOM   1566 N  NE  . ARG B 1 103 ? 6.712   10.266  5.248   1.00 32.85  ? 103  ARG B NE  1 
ATOM   1567 C  CZ  . ARG B 1 103 ? 5.596   10.527  5.924   1.00 40.87  ? 103  ARG B CZ  1 
ATOM   1568 N  NH1 . ARG B 1 103 ? 5.433   11.696  6.537   1.00 43.76  ? 103  ARG B NH1 1 
ATOM   1569 N  NH2 . ARG B 1 103 ? 4.635   9.619   5.981   1.00 46.34  ? 103  ARG B NH2 1 
HETATM 1570 N  N   . MSE B 1 104 ? 6.455   11.393  -0.447  1.00 37.39  ? 104  MSE B N   1 
HETATM 1571 C  CA  . MSE B 1 104 ? 6.365   10.643  -1.689  1.00 36.90  ? 104  MSE B CA  1 
HETATM 1572 C  C   . MSE B 1 104 ? 6.944   11.419  -2.880  1.00 33.60  ? 104  MSE B C   1 
HETATM 1573 O  O   . MSE B 1 104 ? 7.643   10.852  -3.725  1.00 32.22  ? 104  MSE B O   1 
HETATM 1574 C  CB  . MSE B 1 104 ? 4.930   10.246  -1.992  1.00 31.44  ? 104  MSE B CB  1 
HETATM 1575 C  CG  . MSE B 1 104 ? 4.851   9.631   -3.357  1.00 50.82  ? 104  MSE B CG  1 
HETATM 1576 SE SE  . MSE B 1 104 ? 3.409   8.451   -3.505  1.00 58.87  ? 104  MSE B SE  1 
HETATM 1577 C  CE  . MSE B 1 104 ? 4.019   7.178   -2.203  1.00 57.66  ? 104  MSE B CE  1 
ATOM   1578 N  N   . GLU B 1 105 ? 6.653   12.712  -2.961  1.00 31.32  ? 105  GLU B N   1 
ATOM   1579 C  CA  . GLU B 1 105 ? 7.211   13.510  -4.046  1.00 36.72  ? 105  GLU B CA  1 
ATOM   1580 C  C   . GLU B 1 105 ? 8.728   13.381  -4.009  1.00 39.79  ? 105  GLU B C   1 
ATOM   1581 O  O   . GLU B 1 105 ? 9.379   13.254  -5.044  1.00 33.72  ? 105  GLU B O   1 
ATOM   1582 C  CB  . GLU B 1 105 ? 6.820   14.983  -3.886  1.00 42.63  ? 105  GLU B CB  1 
ATOM   1583 C  CG  . GLU B 1 105 ? 5.329   15.236  -4.034  1.00 50.72  ? 105  GLU B CG  1 
ATOM   1584 C  CD  . GLU B 1 105 ? 4.955   16.672  -3.730  1.00 60.38  ? 105  GLU B CD  1 
ATOM   1585 O  OE1 . GLU B 1 105 ? 5.439   17.579  -4.448  1.00 59.97  ? 105  GLU B OE1 1 
ATOM   1586 O  OE2 . GLU B 1 105 ? 4.181   16.888  -2.771  1.00 53.53  ? 105  GLU B OE2 1 
ATOM   1587 N  N   . LEU B 1 106 ? 9.288   13.399  -2.801  1.00 43.26  ? 106  LEU B N   1 
ATOM   1588 C  CA  . LEU B 1 106 ? 10.732  13.293  -2.632  1.00 39.69  ? 106  LEU B CA  1 
ATOM   1589 C  C   . LEU B 1 106 ? 11.253  11.938  -3.138  1.00 41.17  ? 106  LEU B C   1 
ATOM   1590 O  O   . LEU B 1 106 ? 12.291  11.865  -3.799  1.00 36.09  ? 106  LEU B O   1 
ATOM   1591 C  CB  . LEU B 1 106 ? 11.101  13.476  -1.159  1.00 40.72  ? 106  LEU B CB  1 
ATOM   1592 C  CG  . LEU B 1 106 ? 12.603  13.520  -0.874  1.00 51.66  ? 106  LEU B CG  1 
ATOM   1593 C  CD1 . LEU B 1 106 ? 13.134  14.907  -1.206  1.00 54.57  ? 106  LEU B CD1 1 
ATOM   1594 C  CD2 . LEU B 1 106 ? 12.870  13.170  0.590   1.00 45.93  ? 106  LEU B CD2 1 
ATOM   1595 N  N   . ALA B 1 107 ? 10.530  10.868  -2.820  1.00 40.41  ? 107  ALA B N   1 
ATOM   1596 C  CA  . ALA B 1 107 ? 10.919  9.528   -3.254  1.00 40.81  ? 107  ALA B CA  1 
ATOM   1597 C  C   . ALA B 1 107 ? 10.836  9.401   -4.786  1.00 43.36  ? 107  ALA B C   1 
ATOM   1598 O  O   . ALA B 1 107 ? 11.560  8.613   -5.396  1.00 48.73  ? 107  ALA B O   1 
ATOM   1599 C  CB  . ALA B 1 107 ? 10.017  8.476   -2.581  1.00 31.41  ? 107  ALA B CB  1 
ATOM   1600 N  N   . ALA B 1 108 ? 9.955   10.175  -5.406  1.00 39.94  ? 108  ALA B N   1 
ATOM   1601 C  CA  . ALA B 1 108 ? 9.800   10.134  -6.858  1.00 44.29  ? 108  ALA B CA  1 
ATOM   1602 C  C   . ALA B 1 108 ? 10.906  10.915  -7.568  1.00 48.24  ? 108  ALA B C   1 
ATOM   1603 O  O   . ALA B 1 108 ? 10.979  10.908  -8.798  1.00 47.47  ? 108  ALA B O   1 
ATOM   1604 C  CB  . ALA B 1 108 ? 8.423   10.696  -7.271  1.00 37.25  ? 108  ALA B CB  1 
ATOM   1605 N  N   . THR B 1 109 ? 11.763  11.575  -6.790  1.00 45.49  ? 109  THR B N   1 
ATOM   1606 C  CA  . THR B 1 109 ? 12.862  12.374  -7.334  1.00 48.59  ? 109  THR B CA  1 
ATOM   1607 C  C   . THR B 1 109 ? 13.627  11.668  -8.448  1.00 50.93  ? 109  THR B C   1 
ATOM   1608 O  O   . THR B 1 109 ? 13.720  12.253  -9.542  1.00 54.44  ? 109  THR B O   1 
ATOM   1609 C  CB  . THR B 1 109 ? 13.864  12.777  -6.223  1.00 51.99  ? 109  THR B CB  1 
ATOM   1610 O  OG1 . THR B 1 109 ? 13.194  13.590  -5.250  1.00 53.57  ? 109  THR B OG1 1 
ATOM   1611 C  CG2 . THR B 1 109 ? 15.036  13.574  -6.810  1.00 49.61  ? 109  THR B CG2 1 
ATOM   1612 O  OXT . THR B 1 109 ? 14.128  10.551  -8.210  1.00 50.90  ? 109  THR B OXT 1 
HETATM 1613 O  O   . HOH C 2 .   ? 19.801  7.778   -12.847 1.00 57.83  ? 1001 HOH A O   1 
HETATM 1614 O  O   . HOH C 2 .   ? 14.547  4.266   -17.756 1.00 46.77  ? 1003 HOH A O   1 
HETATM 1615 O  O   . HOH C 2 .   ? 16.166  -1.639  -7.671  1.00 39.34  ? 1004 HOH A O   1 
HETATM 1616 O  O   . HOH C 2 .   ? 7.403   -16.417 -21.608 1.00 38.32  ? 1005 HOH A O   1 
HETATM 1617 O  O   . HOH C 2 .   ? 8.935   9.084   -20.445 1.00 80.08  ? 1006 HOH A O   1 
HETATM 1618 O  O   . HOH C 2 .   ? 3.663   -5.454  -24.524 1.00 37.72  ? 1007 HOH A O   1 
HETATM 1619 O  O   . HOH C 2 .   ? 9.934   0.412   -24.177 1.00 54.78  ? 1009 HOH A O   1 
HETATM 1620 O  O   . HOH C 2 .   ? 4.343   -16.062 -21.778 1.00 44.36  ? 1011 HOH A O   1 
HETATM 1621 O  O   . HOH C 2 .   ? 16.424  -14.739 -19.863 1.00 45.70  ? 1012 HOH A O   1 
HETATM 1622 O  O   . HOH C 2 .   ? 25.654  1.302   -9.793  1.00 57.22  ? 1013 HOH A O   1 
HETATM 1623 O  O   . HOH C 2 .   ? 3.859   -2.144  -21.685 1.00 40.14  ? 1014 HOH A O   1 
HETATM 1624 O  O   . HOH C 2 .   ? 1.273   3.502   -15.392 1.00 45.63  ? 1015 HOH A O   1 
HETATM 1625 O  O   . HOH C 2 .   ? 0.297   15.385  -11.004 1.00 62.72  ? 1017 HOH A O   1 
HETATM 1626 O  O   . HOH C 2 .   ? 18.653  -14.611 -11.622 1.00 46.75  ? 1018 HOH A O   1 
HETATM 1627 O  O   . HOH C 2 .   ? -5.758  -5.197  -11.644 1.00 54.44  ? 1020 HOH A O   1 
HETATM 1628 O  O   . HOH C 2 .   ? 9.784   -22.594 -14.963 1.00 39.24  ? 1022 HOH A O   1 
HETATM 1629 O  O   . HOH C 2 .   ? 16.275  -17.332 -22.582 1.00 42.93  ? 1023 HOH A O   1 
HETATM 1630 O  O   . HOH C 2 .   ? 1.798   -11.422 -3.439  1.00 45.46  ? 1025 HOH A O   1 
HETATM 1631 O  O   . HOH C 2 .   ? -1.404  -16.613 -7.849  1.00 39.84  ? 1026 HOH A O   1 
HETATM 1632 O  O   . HOH C 2 .   ? -2.242  -7.340  -9.697  1.00 43.21  ? 1028 HOH A O   1 
HETATM 1633 O  O   . HOH C 2 .   ? -3.193  -9.560  -13.839 1.00 43.49  ? 1029 HOH A O   1 
HETATM 1634 O  O   . HOH C 2 .   ? 9.725   -7.833  -24.557 1.00 34.58  ? 1030 HOH A O   1 
HETATM 1635 O  O   . HOH C 2 .   ? 8.763   -16.614 -4.513  1.00 51.17  ? 1031 HOH A O   1 
HETATM 1636 O  O   . HOH C 2 .   ? 12.164  -7.522  -4.407  1.00 38.81  ? 1032 HOH A O   1 
HETATM 1637 O  O   . HOH C 2 .   ? 17.210  0.491   -3.395  1.00 59.34  ? 1033 HOH A O   1 
HETATM 1638 O  O   . HOH C 2 .   ? -1.891  5.688   -2.382  1.00 53.38  ? 1034 HOH A O   1 
HETATM 1639 O  O   . HOH C 2 .   ? 0.375   -2.107  -0.263  1.00 44.62  ? 1036 HOH A O   1 
HETATM 1640 O  O   . HOH C 2 .   ? 2.065   -15.002 -5.621  1.00 41.13  ? 1037 HOH A O   1 
HETATM 1641 O  O   . HOH C 2 .   ? -0.283  -15.621 -5.641  1.00 44.84  ? 1038 HOH A O   1 
HETATM 1642 O  O   . HOH C 2 .   ? -1.189  -9.589  -10.590 1.00 59.71  ? 1039 HOH A O   1 
HETATM 1643 O  O   . HOH C 2 .   ? 3.465   13.625  -13.075 1.00 54.58  ? 1040 HOH A O   1 
HETATM 1644 O  O   . HOH C 2 .   ? 15.719  -4.117  -8.749  1.00 46.51  ? 1041 HOH A O   1 
HETATM 1645 O  O   . HOH C 2 .   ? 15.664  -5.482  -6.580  1.00 45.25  ? 1042 HOH A O   1 
HETATM 1646 O  O   . HOH C 2 .   ? 9.509   1.579   0.179   1.00 49.13  ? 1043 HOH A O   1 
HETATM 1647 O  O   . HOH C 2 .   ? 12.499  -8.961  -6.507  1.00 37.40  ? 1044 HOH A O   1 
HETATM 1648 O  O   . HOH C 2 .   ? 10.410  -7.037  -2.962  1.00 50.95  ? 1045 HOH A O   1 
HETATM 1649 O  O   . HOH C 2 .   ? 8.027   -7.570  -2.866  1.00 48.39  ? 1046 HOH A O   1 
HETATM 1650 O  O   . HOH C 2 .   ? 13.970  -7.975  -17.701 1.00 33.33  ? 1047 HOH A O   1 
HETATM 1651 O  O   . HOH C 2 .   ? 14.312  -5.888  -19.342 1.00 35.70  ? 1048 HOH A O   1 
HETATM 1652 O  O   . HOH C 2 .   ? 17.182  -12.938 -23.000 1.00 50.88  ? 1049 HOH A O   1 
HETATM 1653 O  O   . HOH C 2 .   ? 11.271  -24.448 -16.551 1.00 43.62  ? 1052 HOH A O   1 
HETATM 1654 O  O   . HOH C 2 .   ? 13.975  -15.517 -6.006  1.00 40.74  ? 1053 HOH A O   1 
HETATM 1655 O  O   . HOH C 2 .   ? 1.625   -23.069 -15.599 1.00 55.29  ? 1054 HOH A O   1 
HETATM 1656 O  O   . HOH C 2 .   ? 0.047   -12.828 -9.572  1.00 45.54  ? 1055 HOH A O   1 
HETATM 1657 O  O   . HOH C 2 .   ? -0.299  -11.360 -7.444  1.00 52.14  ? 1056 HOH A O   1 
HETATM 1658 O  O   . HOH C 2 .   ? -2.480  -14.350 -10.293 1.00 54.10  ? 1057 HOH A O   1 
HETATM 1659 O  O   . HOH C 2 .   ? 10.332  -5.958  -28.560 1.00 43.05  ? 1059 HOH A O   1 
HETATM 1660 O  O   . HOH C 2 .   ? 4.798   -18.611 -23.661 1.00 52.69  ? 1061 HOH A O   1 
HETATM 1661 O  O   . HOH C 2 .   ? 12.014  -3.715  -23.668 1.00 56.06  ? 1064 HOH A O   1 
HETATM 1662 O  O   . HOH C 2 .   ? 7.622   4.713   2.263   1.00 56.60  ? 1065 HOH A O   1 
HETATM 1663 O  O   . HOH C 2 .   ? -2.492  8.275   -3.409  1.00 40.18  ? 1067 HOH A O   1 
HETATM 1664 O  O   . HOH C 2 .   ? 2.088   19.636  -4.763  1.00 48.23  ? 1068 HOH A O   1 
HETATM 1665 O  O   . HOH C 2 .   ? -4.832  19.799  -0.204  1.00 46.06  ? 1069 HOH A O   1 
HETATM 1666 O  O   . HOH C 2 .   ? 21.198  3.308   -9.903  1.00 58.79  ? 1081 HOH A O   1 
HETATM 1667 O  O   . HOH C 2 .   ? 22.596  1.172   -11.913 1.00 58.16  ? 1082 HOH A O   1 
HETATM 1668 O  O   . HOH C 2 .   ? 0.603   -8.353  -1.477  1.00 42.43  ? 1083 HOH A O   1 
HETATM 1669 O  O   . HOH C 2 .   ? 15.203  -8.102  -7.513  1.00 44.79  ? 1084 HOH A O   1 
HETATM 1670 O  O   . HOH C 2 .   ? 19.971  -11.963 -11.860 1.00 68.47  ? 1085 HOH A O   1 
HETATM 1671 O  O   . HOH C 2 .   ? 14.164  -25.969 -12.376 1.00 51.93  ? 1086 HOH A O   1 
HETATM 1672 O  O   . HOH C 2 .   ? -4.152  -11.776 -10.704 1.00 75.36  ? 1087 HOH A O   1 
HETATM 1673 O  O   . HOH C 2 .   ? -3.434  -11.592 -6.349  1.00 71.29  ? 1088 HOH A O   1 
HETATM 1674 O  O   . HOH C 2 .   ? 10.656  -17.672 -33.443 1.00 55.07  ? 1089 HOH A O   1 
HETATM 1675 O  O   . HOH C 2 .   ? 11.595  14.132  -18.693 1.00 63.09  ? 1091 HOH A O   1 
HETATM 1676 O  O   . HOH C 2 .   ? 7.385   -19.577 -3.583  1.00 46.89  ? 1102 HOH A O   1 
HETATM 1677 O  O   . HOH D 2 .   ? 3.037   13.484  9.503   1.00 43.95  ? 1010 HOH B O   1 
HETATM 1678 O  O   . HOH D 2 .   ? -11.084 -3.658  25.715  1.00 46.38  ? 1016 HOH B O   1 
HETATM 1679 O  O   . HOH D 2 .   ? 11.281  11.015  3.538   1.00 48.84  ? 1019 HOH B O   1 
HETATM 1680 O  O   . HOH D 2 .   ? 10.307  12.883  5.579   1.00 41.67  ? 1021 HOH B O   1 
HETATM 1681 O  O   . HOH D 2 .   ? 2.590   11.746  7.630   1.00 37.32  ? 1024 HOH B O   1 
HETATM 1682 O  O   . HOH D 2 .   ? 5.107   8.561   1.117   1.00 47.67  ? 1027 HOH B O   1 
HETATM 1683 O  O   . HOH D 2 .   ? 1.396   17.915  0.746   1.00 42.59  ? 1035 HOH B O   1 
HETATM 1684 O  O   . HOH D 2 .   ? -18.482 -0.221  26.057  1.00 64.62  ? 1058 HOH B O   1 
HETATM 1685 O  O   . HOH D 2 .   ? 12.496  6.849   -0.889  1.00 56.79  ? 1060 HOH B O   1 
HETATM 1686 O  O   . HOH D 2 .   ? -9.708  -1.797  5.548   1.00 54.75  ? 1070 HOH B O   1 
HETATM 1687 O  O   . HOH D 2 .   ? -8.488  -4.393  26.038  1.00 50.48  ? 1071 HOH B O   1 
HETATM 1688 O  O   . HOH D 2 .   ? -12.863 -6.415  25.958  1.00 41.10  ? 1072 HOH B O   1 
HETATM 1689 O  O   . HOH D 2 .   ? -10.425 5.544   25.812  1.00 41.45  ? 1074 HOH B O   1 
HETATM 1690 O  O   . HOH D 2 .   ? 2.625   8.552   8.215   1.00 66.78  ? 1075 HOH B O   1 
HETATM 1691 O  O   . HOH D 2 .   ? 10.595  10.403  0.847   1.00 42.01  ? 1077 HOH B O   1 
HETATM 1692 O  O   . HOH D 2 .   ? 4.040   21.282  -1.924  1.00 72.30  ? 1078 HOH B O   1 
HETATM 1693 O  O   . HOH D 2 .   ? 10.088  14.898  -7.045  1.00 37.37  ? 1080 HOH B O   1 
HETATM 1694 O  O   . HOH D 2 .   ? -6.350  8.103   28.610  1.00 61.25  ? 1093 HOH B O   1 
HETATM 1695 O  O   . HOH D 2 .   ? -6.098  10.698  26.770  1.00 58.31  ? 1094 HOH B O   1 
HETATM 1696 O  O   . HOH D 2 .   ? -2.948  15.770  17.104  1.00 60.29  ? 1095 HOH B O   1 
HETATM 1697 O  O   . HOH D 2 .   ? -19.162 1.265   22.545  1.00 56.68  ? 1096 HOH B O   1 
HETATM 1698 O  O   . HOH D 2 .   ? -12.053 15.994  14.055  1.00 49.16  ? 1097 HOH B O   1 
HETATM 1699 O  O   . HOH D 2 .   ? -15.955 7.104   9.436   1.00 54.09  ? 1098 HOH B O   1 
HETATM 1700 O  O   . HOH D 2 .   ? 2.121   0.028   9.517   1.00 57.84  ? 1099 HOH B O   1 
HETATM 1701 O  O   . HOH D 2 .   ? -2.337  4.509   25.459  1.00 49.44  ? 1100 HOH B O   1 
HETATM 1702 O  O   . HOH D 2 .   ? 13.113  10.157  -0.598  1.00 54.34  ? 1101 HOH B O   1 
# 
